data_5Y46
# 
_entry.id   5Y46 
# 
_audit_conform.dict_name       mmcif_pdbx.dic 
_audit_conform.dict_version    5.403 
_audit_conform.dict_location   http://mmcif.pdb.org/dictionaries/ascii/mmcif_pdbx.dic 
# 
loop_
_database_2.database_id 
_database_2.database_code 
_database_2.pdbx_database_accession 
_database_2.pdbx_DOI 
PDB   5Y46         pdb_00005y46 10.2210/pdb5y46/pdb 
WWPDB D_1300004635 ?            ?                   
# 
loop_
_pdbx_audit_revision_history.ordinal 
_pdbx_audit_revision_history.data_content_type 
_pdbx_audit_revision_history.major_revision 
_pdbx_audit_revision_history.minor_revision 
_pdbx_audit_revision_history.revision_date 
_pdbx_audit_revision_history.part_number 
1 'Structure model' 1 0 2018-05-30 ? 
2 'Structure model' 1 1 2025-04-09 ? 
# 
_pdbx_audit_revision_details.ordinal             1 
_pdbx_audit_revision_details.revision_ordinal    1 
_pdbx_audit_revision_details.data_content_type   'Structure model' 
_pdbx_audit_revision_details.provider            repository 
_pdbx_audit_revision_details.type                'Initial release' 
_pdbx_audit_revision_details.description         ? 
_pdbx_audit_revision_details.details             ? 
# 
loop_
_pdbx_audit_revision_group.ordinal 
_pdbx_audit_revision_group.revision_ordinal 
_pdbx_audit_revision_group.data_content_type 
_pdbx_audit_revision_group.group 
1 2 'Structure model' 'Data collection'      
2 2 'Structure model' 'Database references'  
3 2 'Structure model' 'Derived calculations' 
4 2 'Structure model' 'Structure summary'    
# 
loop_
_pdbx_audit_revision_category.ordinal 
_pdbx_audit_revision_category.revision_ordinal 
_pdbx_audit_revision_category.data_content_type 
_pdbx_audit_revision_category.category 
1 2 'Structure model' chem_comp_atom            
2 2 'Structure model' chem_comp_bond            
3 2 'Structure model' database_2                
4 2 'Structure model' pdbx_entry_details        
5 2 'Structure model' pdbx_modification_feature 
6 2 'Structure model' pdbx_struct_conn_angle    
7 2 'Structure model' struct_conn               
8 2 'Structure model' struct_conn_type          
# 
loop_
_pdbx_audit_revision_item.ordinal 
_pdbx_audit_revision_item.revision_ordinal 
_pdbx_audit_revision_item.data_content_type 
_pdbx_audit_revision_item.item 
1  2 'Structure model' '_database_2.pdbx_DOI'                        
2  2 'Structure model' '_database_2.pdbx_database_accession'         
3  2 'Structure model' '_pdbx_struct_conn_angle.ptnr1_auth_asym_id'  
4  2 'Structure model' '_pdbx_struct_conn_angle.ptnr1_auth_comp_id'  
5  2 'Structure model' '_pdbx_struct_conn_angle.ptnr1_auth_seq_id'   
6  2 'Structure model' '_pdbx_struct_conn_angle.ptnr1_label_asym_id' 
7  2 'Structure model' '_pdbx_struct_conn_angle.ptnr1_label_atom_id' 
8  2 'Structure model' '_pdbx_struct_conn_angle.ptnr1_label_comp_id' 
9  2 'Structure model' '_pdbx_struct_conn_angle.ptnr1_label_seq_id'  
10 2 'Structure model' '_pdbx_struct_conn_angle.ptnr3_auth_asym_id'  
11 2 'Structure model' '_pdbx_struct_conn_angle.ptnr3_auth_comp_id'  
12 2 'Structure model' '_pdbx_struct_conn_angle.ptnr3_auth_seq_id'   
13 2 'Structure model' '_pdbx_struct_conn_angle.ptnr3_label_asym_id' 
14 2 'Structure model' '_pdbx_struct_conn_angle.ptnr3_label_atom_id' 
15 2 'Structure model' '_pdbx_struct_conn_angle.ptnr3_label_comp_id' 
16 2 'Structure model' '_pdbx_struct_conn_angle.ptnr3_label_seq_id'  
17 2 'Structure model' '_pdbx_struct_conn_angle.value'               
18 2 'Structure model' '_struct_conn.conn_type_id'                   
19 2 'Structure model' '_struct_conn.id'                             
20 2 'Structure model' '_struct_conn.pdbx_dist_value'                
21 2 'Structure model' '_struct_conn.pdbx_leaving_atom_flag'         
22 2 'Structure model' '_struct_conn.pdbx_ptnr1_label_alt_id'        
23 2 'Structure model' '_struct_conn.pdbx_ptnr2_label_alt_id'        
24 2 'Structure model' '_struct_conn.ptnr1_auth_asym_id'             
25 2 'Structure model' '_struct_conn.ptnr1_auth_comp_id'             
26 2 'Structure model' '_struct_conn.ptnr1_auth_seq_id'              
27 2 'Structure model' '_struct_conn.ptnr1_label_asym_id'            
28 2 'Structure model' '_struct_conn.ptnr1_label_atom_id'            
29 2 'Structure model' '_struct_conn.ptnr1_label_comp_id'            
30 2 'Structure model' '_struct_conn.ptnr1_label_seq_id'             
31 2 'Structure model' '_struct_conn.ptnr1_symmetry'                 
32 2 'Structure model' '_struct_conn.ptnr2_auth_asym_id'             
33 2 'Structure model' '_struct_conn.ptnr2_auth_comp_id'             
34 2 'Structure model' '_struct_conn.ptnr2_auth_seq_id'              
35 2 'Structure model' '_struct_conn.ptnr2_label_asym_id'            
36 2 'Structure model' '_struct_conn.ptnr2_label_atom_id'            
37 2 'Structure model' '_struct_conn.ptnr2_label_comp_id'            
38 2 'Structure model' '_struct_conn.ptnr2_label_seq_id'             
39 2 'Structure model' '_struct_conn.ptnr2_symmetry'                 
40 2 'Structure model' '_struct_conn_type.id'                        
# 
_pdbx_database_status.status_code                     REL 
_pdbx_database_status.status_code_sf                  REL 
_pdbx_database_status.status_code_mr                  ? 
_pdbx_database_status.entry_id                        5Y46 
_pdbx_database_status.recvd_initial_deposition_date   2017-08-01 
_pdbx_database_status.SG_entry                        N 
_pdbx_database_status.deposit_site                    PDBJ 
_pdbx_database_status.process_site                    PDBJ 
_pdbx_database_status.status_code_cs                  ? 
_pdbx_database_status.methods_development_category    ? 
_pdbx_database_status.pdb_format_compatible           Y 
_pdbx_database_status.status_code_nmr_data            ? 
# 
loop_
_audit_author.name 
_audit_author.pdbx_ordinal 
_audit_author.identifier_ORCID 
'Xu, T.'  1 ? 
'Liu, J.' 2 ? 
# 
_citation.abstract                  ? 
_citation.abstract_id_CAS           ? 
_citation.book_id_ISBN              ? 
_citation.book_publisher            ? 
_citation.book_publisher_city       ? 
_citation.book_title                ? 
_citation.coordinate_linkage        ? 
_citation.country                   US 
_citation.database_id_Medline       ? 
_citation.details                   ? 
_citation.id                        primary 
_citation.journal_abbrev            Biochemistry 
_citation.journal_id_ASTM           BICHAW 
_citation.journal_id_CSD            0033 
_citation.journal_id_ISSN           1520-4995 
_citation.journal_full              ? 
_citation.journal_issue             ? 
_citation.journal_volume            57 
_citation.language                  ? 
_citation.page_first                1087 
_citation.page_last                 1095 
_citation.title                     
'Unique Conformation in a Natural Interruption Sequence of Type XIX Collagen Revealed by Its High-Resolution Crystal Structure.' 
_citation.year                      2018 
_citation.database_id_CSD           ? 
_citation.pdbx_database_id_DOI      10.1021/acs.biochem.7b01010 
_citation.pdbx_database_id_PubMed   29376320 
_citation.unpublished_flag          ? 
# 
loop_
_citation_author.citation_id 
_citation_author.name 
_citation_author.ordinal 
_citation_author.identifier_ORCID 
primary 'Xu, T.'     1 ? 
primary 'Zhou, C.Z.' 2 ? 
primary 'Xiao, J.'   3 ? 
primary 'Liu, J.'    4 ? 
# 
loop_
_entity.id 
_entity.type 
_entity.src_method 
_entity.pdbx_description 
_entity.formula_weight 
_entity.pdbx_number_of_molecules 
_entity.pdbx_ec 
_entity.pdbx_mutation 
_entity.pdbx_fragment 
_entity.details 
1 polymer     syn 'collagen-like peptide' 2453.616 3   ? ? ? ? 
2 non-polymer syn 'ZINC ION'              65.409   2   ? ? ? ? 
3 non-polymer syn 'ACETATE ION'           59.044   1   ? ? ? ? 
4 water       nat water                   18.015   189 ? ? ? ? 
# 
_entity_poly.entity_id                      1 
_entity_poly.type                           'polypeptide(L)' 
_entity_poly.nstd_linkage                   no 
_entity_poly.nstd_monomer                   yes 
_entity_poly.pdbx_seq_one_letter_code       'GP(HYP)GP(HYP)GP(HYP)GP(HYP)AL(HYP)GP(HYP)GP(HYP)GP(HYP)GP(HYP)' 
_entity_poly.pdbx_seq_one_letter_code_can   GPPGPPGPPGPPALPGPPGPPGPPGPP 
_entity_poly.pdbx_strand_id                 A,B,C 
_entity_poly.pdbx_target_identifier         ? 
# 
loop_
_pdbx_entity_nonpoly.entity_id 
_pdbx_entity_nonpoly.name 
_pdbx_entity_nonpoly.comp_id 
2 'ZINC ION'    ZN  
3 'ACETATE ION' ACT 
4 water         HOH 
# 
loop_
_entity_poly_seq.entity_id 
_entity_poly_seq.num 
_entity_poly_seq.mon_id 
_entity_poly_seq.hetero 
1 1  GLY n 
1 2  PRO n 
1 3  HYP n 
1 4  GLY n 
1 5  PRO n 
1 6  HYP n 
1 7  GLY n 
1 8  PRO n 
1 9  HYP n 
1 10 GLY n 
1 11 PRO n 
1 12 HYP n 
1 13 ALA n 
1 14 LEU n 
1 15 HYP n 
1 16 GLY n 
1 17 PRO n 
1 18 HYP n 
1 19 GLY n 
1 20 PRO n 
1 21 HYP n 
1 22 GLY n 
1 23 PRO n 
1 24 HYP n 
1 25 GLY n 
1 26 PRO n 
1 27 HYP n 
# 
_pdbx_entity_src_syn.entity_id              1 
_pdbx_entity_src_syn.pdbx_src_id            1 
_pdbx_entity_src_syn.pdbx_alt_source_flag   sample 
_pdbx_entity_src_syn.pdbx_beg_seq_num       1 
_pdbx_entity_src_syn.pdbx_end_seq_num       27 
_pdbx_entity_src_syn.organism_scientific    'Homo sapiens' 
_pdbx_entity_src_syn.organism_common_name   ? 
_pdbx_entity_src_syn.ncbi_taxonomy_id       9606 
_pdbx_entity_src_syn.details                ? 
# 
loop_
_chem_comp.id 
_chem_comp.type 
_chem_comp.mon_nstd_flag 
_chem_comp.name 
_chem_comp.pdbx_synonyms 
_chem_comp.formula 
_chem_comp.formula_weight 
ACT non-polymer         . 'ACETATE ION'    ?              'C2 H3 O2 -1' 59.044  
ALA 'L-peptide linking' y ALANINE          ?              'C3 H7 N O2'  89.093  
GLY 'peptide linking'   y GLYCINE          ?              'C2 H5 N O2'  75.067  
HOH non-polymer         . WATER            ?              'H2 O'        18.015  
HYP 'L-peptide linking' n 4-HYDROXYPROLINE HYDROXYPROLINE 'C5 H9 N O3'  131.130 
LEU 'L-peptide linking' y LEUCINE          ?              'C6 H13 N O2' 131.173 
PRO 'L-peptide linking' y PROLINE          ?              'C5 H9 N O2'  115.130 
ZN  non-polymer         . 'ZINC ION'       ?              'Zn 2'        65.409  
# 
loop_
_pdbx_poly_seq_scheme.asym_id 
_pdbx_poly_seq_scheme.entity_id 
_pdbx_poly_seq_scheme.seq_id 
_pdbx_poly_seq_scheme.mon_id 
_pdbx_poly_seq_scheme.ndb_seq_num 
_pdbx_poly_seq_scheme.pdb_seq_num 
_pdbx_poly_seq_scheme.auth_seq_num 
_pdbx_poly_seq_scheme.pdb_mon_id 
_pdbx_poly_seq_scheme.auth_mon_id 
_pdbx_poly_seq_scheme.pdb_strand_id 
_pdbx_poly_seq_scheme.pdb_ins_code 
_pdbx_poly_seq_scheme.hetero 
A 1 1  GLY 1  1  1  GLY GLY A . n 
A 1 2  PRO 2  2  2  PRO PRO A . n 
A 1 3  HYP 3  3  3  HYP HYP A . n 
A 1 4  GLY 4  4  4  GLY GLY A . n 
A 1 5  PRO 5  5  5  PRO PRO A . n 
A 1 6  HYP 6  6  6  HYP HYP A . n 
A 1 7  GLY 7  7  7  GLY GLY A . n 
A 1 8  PRO 8  8  8  PRO PRO A . n 
A 1 9  HYP 9  9  9  HYP HYP A . n 
A 1 10 GLY 10 10 10 GLY GLY A . n 
A 1 11 PRO 11 11 11 PRO PRO A . n 
A 1 12 HYP 12 12 12 HYP HYP A . n 
A 1 13 ALA 13 13 13 ALA ALA A . n 
A 1 14 LEU 14 14 14 LEU LEU A . n 
A 1 15 HYP 15 15 15 HYP HYP A . n 
A 1 16 GLY 16 16 16 GLY GLY A . n 
A 1 17 PRO 17 17 17 PRO PRO A . n 
A 1 18 HYP 18 18 18 HYP HYP A . n 
A 1 19 GLY 19 19 19 GLY GLY A . n 
A 1 20 PRO 20 20 20 PRO PRO A . n 
A 1 21 HYP 21 21 21 HYP HYP A . n 
A 1 22 GLY 22 22 22 GLY GLY A . n 
A 1 23 PRO 23 23 23 PRO PRO A . n 
A 1 24 HYP 24 24 24 HYP HYP A . n 
A 1 25 GLY 25 25 25 GLY GLY A . n 
A 1 26 PRO 26 26 26 PRO PRO A . n 
A 1 27 HYP 27 27 27 HYP HYP A . n 
B 1 1  GLY 1  1  1  GLY GLY B . n 
B 1 2  PRO 2  2  2  PRO PRO B . n 
B 1 3  HYP 3  3  3  HYP HYP B . n 
B 1 4  GLY 4  4  4  GLY GLY B . n 
B 1 5  PRO 5  5  5  PRO PRO B . n 
B 1 6  HYP 6  6  6  HYP HYP B . n 
B 1 7  GLY 7  7  7  GLY GLY B . n 
B 1 8  PRO 8  8  8  PRO PRO B . n 
B 1 9  HYP 9  9  9  HYP HYP B . n 
B 1 10 GLY 10 10 10 GLY GLY B . n 
B 1 11 PRO 11 11 11 PRO PRO B . n 
B 1 12 HYP 12 12 12 HYP HYP B . n 
B 1 13 ALA 13 13 13 ALA ALA B . n 
B 1 14 LEU 14 14 14 LEU LEU B . n 
B 1 15 HYP 15 15 15 HYP HYP B . n 
B 1 16 GLY 16 16 16 GLY GLY B . n 
B 1 17 PRO 17 17 17 PRO PRO B . n 
B 1 18 HYP 18 18 18 HYP HYP B . n 
B 1 19 GLY 19 19 19 GLY GLY B . n 
B 1 20 PRO 20 20 20 PRO PRO B . n 
B 1 21 HYP 21 21 21 HYP HYP B . n 
B 1 22 GLY 22 22 22 GLY GLY B . n 
B 1 23 PRO 23 23 23 PRO PRO B . n 
B 1 24 HYP 24 24 24 HYP HYP B . n 
B 1 25 GLY 25 25 25 GLY GLY B . n 
B 1 26 PRO 26 26 26 PRO PRO B . n 
B 1 27 HYP 27 27 27 HYP HYP B . n 
C 1 1  GLY 1  1  1  GLY GLY C . n 
C 1 2  PRO 2  2  2  PRO PRO C . n 
C 1 3  HYP 3  3  3  HYP HYP C . n 
C 1 4  GLY 4  4  4  GLY GLY C . n 
C 1 5  PRO 5  5  5  PRO PRO C . n 
C 1 6  HYP 6  6  6  HYP HYP C . n 
C 1 7  GLY 7  7  7  GLY GLY C . n 
C 1 8  PRO 8  8  8  PRO PRO C . n 
C 1 9  HYP 9  9  9  HYP HYP C . n 
C 1 10 GLY 10 10 10 GLY GLY C . n 
C 1 11 PRO 11 11 11 PRO PRO C . n 
C 1 12 HYP 12 12 12 HYP HYP C . n 
C 1 13 ALA 13 13 13 ALA ALA C . n 
C 1 14 LEU 14 14 14 LEU LEU C . n 
C 1 15 HYP 15 15 15 HYP HYP C . n 
C 1 16 GLY 16 16 16 GLY GLY C . n 
C 1 17 PRO 17 17 17 PRO PRO C . n 
C 1 18 HYP 18 18 18 HYP HYP C . n 
C 1 19 GLY 19 19 19 GLY GLY C . n 
C 1 20 PRO 20 20 20 PRO PRO C . n 
C 1 21 HYP 21 21 21 HYP HYP C . n 
C 1 22 GLY 22 22 22 GLY GLY C . n 
C 1 23 PRO 23 23 23 PRO PRO C . n 
C 1 24 HYP 24 24 24 HYP HYP C . n 
C 1 25 GLY 25 25 25 GLY GLY C . n 
C 1 26 PRO 26 26 26 PRO PRO C . n 
C 1 27 HYP 27 27 27 HYP HYP C . n 
# 
loop_
_pdbx_nonpoly_scheme.asym_id 
_pdbx_nonpoly_scheme.entity_id 
_pdbx_nonpoly_scheme.mon_id 
_pdbx_nonpoly_scheme.ndb_seq_num 
_pdbx_nonpoly_scheme.pdb_seq_num 
_pdbx_nonpoly_scheme.auth_seq_num 
_pdbx_nonpoly_scheme.pdb_mon_id 
_pdbx_nonpoly_scheme.auth_mon_id 
_pdbx_nonpoly_scheme.pdb_strand_id 
_pdbx_nonpoly_scheme.pdb_ins_code 
D 2 ZN  1  101 2   ZN  ZN  A . 
E 3 ACT 1  101 1   ACT ACT B . 
F 2 ZN  1  102 1   ZN  ZN  B . 
G 4 HOH 1  201 129 HOH HOH A . 
G 4 HOH 2  202 76  HOH HOH A . 
G 4 HOH 3  203 75  HOH HOH A . 
G 4 HOH 4  204 141 HOH HOH A . 
G 4 HOH 5  205 88  HOH HOH A . 
G 4 HOH 6  206 149 HOH HOH A . 
G 4 HOH 7  207 81  HOH HOH A . 
G 4 HOH 8  208 70  HOH HOH A . 
G 4 HOH 9  209 9   HOH HOH A . 
G 4 HOH 10 210 64  HOH HOH A . 
G 4 HOH 11 211 97  HOH HOH A . 
G 4 HOH 12 212 111 HOH HOH A . 
G 4 HOH 13 213 140 HOH HOH A . 
G 4 HOH 14 214 96  HOH HOH A . 
G 4 HOH 15 215 135 HOH HOH A . 
G 4 HOH 16 216 83  HOH HOH A . 
G 4 HOH 17 217 127 HOH HOH A . 
G 4 HOH 18 218 20  HOH HOH A . 
G 4 HOH 19 219 126 HOH HOH A . 
G 4 HOH 20 220 67  HOH HOH A . 
G 4 HOH 21 221 114 HOH HOH A . 
G 4 HOH 22 222 158 HOH HOH A . 
G 4 HOH 23 223 157 HOH HOH A . 
G 4 HOH 24 224 19  HOH HOH A . 
G 4 HOH 25 225 66  HOH HOH A . 
G 4 HOH 26 226 26  HOH HOH A . 
G 4 HOH 27 227 118 HOH HOH A . 
G 4 HOH 28 228 28  HOH HOH A . 
G 4 HOH 29 229 183 HOH HOH A . 
G 4 HOH 30 230 115 HOH HOH A . 
G 4 HOH 31 231 57  HOH HOH A . 
G 4 HOH 32 232 107 HOH HOH A . 
G 4 HOH 33 233 53  HOH HOH A . 
G 4 HOH 34 234 3   HOH HOH A . 
G 4 HOH 35 235 33  HOH HOH A . 
G 4 HOH 36 236 56  HOH HOH A . 
G 4 HOH 37 237 177 HOH HOH A . 
G 4 HOH 38 238 63  HOH HOH A . 
G 4 HOH 39 239 46  HOH HOH A . 
G 4 HOH 40 240 68  HOH HOH A . 
G 4 HOH 41 241 192 HOH HOH A . 
G 4 HOH 42 242 106 HOH HOH A . 
G 4 HOH 43 243 194 HOH HOH A . 
G 4 HOH 44 244 13  HOH HOH A . 
G 4 HOH 45 245 78  HOH HOH A . 
G 4 HOH 46 246 91  HOH HOH A . 
G 4 HOH 47 247 69  HOH HOH A . 
G 4 HOH 48 248 145 HOH HOH A . 
G 4 HOH 49 249 168 HOH HOH A . 
G 4 HOH 50 250 142 HOH HOH A . 
G 4 HOH 51 251 186 HOH HOH A . 
G 4 HOH 52 252 61  HOH HOH A . 
G 4 HOH 53 253 162 HOH HOH A . 
G 4 HOH 54 254 134 HOH HOH A . 
G 4 HOH 55 255 14  HOH HOH A . 
G 4 HOH 56 256 86  HOH HOH A . 
G 4 HOH 57 257 80  HOH HOH A . 
G 4 HOH 58 258 197 HOH HOH A . 
G 4 HOH 59 259 55  HOH HOH A . 
G 4 HOH 60 260 95  HOH HOH A . 
G 4 HOH 61 261 204 HOH HOH A . 
G 4 HOH 62 262 207 HOH HOH A . 
G 4 HOH 63 263 176 HOH HOH A . 
G 4 HOH 64 264 136 HOH HOH A . 
G 4 HOH 65 265 110 HOH HOH A . 
G 4 HOH 66 266 99  HOH HOH A . 
H 4 HOH 1  201 181 HOH HOH B . 
H 4 HOH 2  202 182 HOH HOH B . 
H 4 HOH 3  203 49  HOH HOH B . 
H 4 HOH 4  204 196 HOH HOH B . 
H 4 HOH 5  205 73  HOH HOH B . 
H 4 HOH 6  206 131 HOH HOH B . 
H 4 HOH 7  207 54  HOH HOH B . 
H 4 HOH 8  208 29  HOH HOH B . 
H 4 HOH 9  209 12  HOH HOH B . 
H 4 HOH 10 210 1   HOH HOH B . 
H 4 HOH 11 211 171 HOH HOH B . 
H 4 HOH 12 212 35  HOH HOH B . 
H 4 HOH 13 213 8   HOH HOH B . 
H 4 HOH 14 214 87  HOH HOH B . 
H 4 HOH 15 215 60  HOH HOH B . 
H 4 HOH 16 216 120 HOH HOH B . 
H 4 HOH 17 217 156 HOH HOH B . 
H 4 HOH 18 218 15  HOH HOH B . 
H 4 HOH 19 219 172 HOH HOH B . 
H 4 HOH 20 220 39  HOH HOH B . 
H 4 HOH 21 221 16  HOH HOH B . 
H 4 HOH 22 222 6   HOH HOH B . 
H 4 HOH 23 223 122 HOH HOH B . 
H 4 HOH 24 224 41  HOH HOH B . 
H 4 HOH 25 225 34  HOH HOH B . 
H 4 HOH 26 226 166 HOH HOH B . 
H 4 HOH 27 227 32  HOH HOH B . 
H 4 HOH 28 228 7   HOH HOH B . 
H 4 HOH 29 229 125 HOH HOH B . 
H 4 HOH 30 230 102 HOH HOH B . 
H 4 HOH 31 231 77  HOH HOH B . 
H 4 HOH 32 232 37  HOH HOH B . 
H 4 HOH 33 233 123 HOH HOH B . 
H 4 HOH 34 234 154 HOH HOH B . 
H 4 HOH 35 235 21  HOH HOH B . 
H 4 HOH 36 236 201 HOH HOH B . 
H 4 HOH 37 237 130 HOH HOH B . 
H 4 HOH 38 238 144 HOH HOH B . 
H 4 HOH 39 239 50  HOH HOH B . 
H 4 HOH 40 240 116 HOH HOH B . 
H 4 HOH 41 241 184 HOH HOH B . 
H 4 HOH 42 242 143 HOH HOH B . 
H 4 HOH 43 243 199 HOH HOH B . 
H 4 HOH 44 244 169 HOH HOH B . 
H 4 HOH 45 245 90  HOH HOH B . 
H 4 HOH 46 246 161 HOH HOH B . 
H 4 HOH 47 247 165 HOH HOH B . 
H 4 HOH 48 248 160 HOH HOH B . 
H 4 HOH 49 249 74  HOH HOH B . 
H 4 HOH 50 250 42  HOH HOH B . 
H 4 HOH 51 251 104 HOH HOH B . 
H 4 HOH 52 252 190 HOH HOH B . 
H 4 HOH 53 253 139 HOH HOH B . 
H 4 HOH 54 254 58  HOH HOH B . 
H 4 HOH 55 255 185 HOH HOH B . 
H 4 HOH 56 256 180 HOH HOH B . 
H 4 HOH 57 257 179 HOH HOH B . 
H 4 HOH 58 258 164 HOH HOH B . 
H 4 HOH 59 259 40  HOH HOH B . 
H 4 HOH 60 260 43  HOH HOH B . 
H 4 HOH 61 261 170 HOH HOH B . 
H 4 HOH 62 262 173 HOH HOH B . 
H 4 HOH 63 263 109 HOH HOH B . 
I 4 HOH 1  101 193 HOH HOH C . 
I 4 HOH 2  102 84  HOH HOH C . 
I 4 HOH 3  103 72  HOH HOH C . 
I 4 HOH 4  104 36  HOH HOH C . 
I 4 HOH 5  105 98  HOH HOH C . 
I 4 HOH 6  106 155 HOH HOH C . 
I 4 HOH 7  107 23  HOH HOH C . 
I 4 HOH 8  108 17  HOH HOH C . 
I 4 HOH 9  109 128 HOH HOH C . 
I 4 HOH 10 110 47  HOH HOH C . 
I 4 HOH 11 111 44  HOH HOH C . 
I 4 HOH 12 112 178 HOH HOH C . 
I 4 HOH 13 113 65  HOH HOH C . 
I 4 HOH 14 114 105 HOH HOH C . 
I 4 HOH 15 115 147 HOH HOH C . 
I 4 HOH 16 116 5   HOH HOH C . 
I 4 HOH 17 117 138 HOH HOH C . 
I 4 HOH 18 118 137 HOH HOH C . 
I 4 HOH 19 119 4   HOH HOH C . 
I 4 HOH 20 120 27  HOH HOH C . 
I 4 HOH 21 121 18  HOH HOH C . 
I 4 HOH 22 122 30  HOH HOH C . 
I 4 HOH 23 123 24  HOH HOH C . 
I 4 HOH 24 124 11  HOH HOH C . 
I 4 HOH 25 125 38  HOH HOH C . 
I 4 HOH 26 126 2   HOH HOH C . 
I 4 HOH 27 127 132 HOH HOH C . 
I 4 HOH 28 128 48  HOH HOH C . 
I 4 HOH 29 129 52  HOH HOH C . 
I 4 HOH 30 130 22  HOH HOH C . 
I 4 HOH 31 131 113 HOH HOH C . 
I 4 HOH 32 132 117 HOH HOH C . 
I 4 HOH 33 133 71  HOH HOH C . 
I 4 HOH 34 134 25  HOH HOH C . 
I 4 HOH 35 135 163 HOH HOH C . 
I 4 HOH 36 136 112 HOH HOH C . 
I 4 HOH 37 137 62  HOH HOH C . 
I 4 HOH 38 138 85  HOH HOH C . 
I 4 HOH 39 139 108 HOH HOH C . 
I 4 HOH 40 140 82  HOH HOH C . 
I 4 HOH 41 141 121 HOH HOH C . 
I 4 HOH 42 142 93  HOH HOH C . 
I 4 HOH 43 143 198 HOH HOH C . 
I 4 HOH 44 144 10  HOH HOH C . 
I 4 HOH 45 145 150 HOH HOH C . 
I 4 HOH 46 146 101 HOH HOH C . 
I 4 HOH 47 147 92  HOH HOH C . 
I 4 HOH 48 148 195 HOH HOH C . 
I 4 HOH 49 149 200 HOH HOH C . 
I 4 HOH 50 150 100 HOH HOH C . 
I 4 HOH 51 151 59  HOH HOH C . 
I 4 HOH 52 152 119 HOH HOH C . 
I 4 HOH 53 153 146 HOH HOH C . 
I 4 HOH 54 154 94  HOH HOH C . 
I 4 HOH 55 155 31  HOH HOH C . 
I 4 HOH 56 156 89  HOH HOH C . 
I 4 HOH 57 157 175 HOH HOH C . 
I 4 HOH 58 158 148 HOH HOH C . 
I 4 HOH 59 159 133 HOH HOH C . 
I 4 HOH 60 160 103 HOH HOH C . 
# 
loop_
_software.citation_id 
_software.classification 
_software.compiler_name 
_software.compiler_version 
_software.contact_author 
_software.contact_author_email 
_software.date 
_software.description 
_software.dependencies 
_software.hardware 
_software.language 
_software.location 
_software.mods 
_software.name 
_software.os 
_software.os_version 
_software.type 
_software.version 
_software.pdbx_ordinal 
? 'data collection' ? ? ? ? ? ? ? ? ? ? ? MOSFLM      ? ? ? .        1 
? 'data scaling'    ? ? ? ? ? ? ? ? ? ? ? Aimless     ? ? ? .        2 
? refinement        ? ? ? ? ? ? ? ? ? ? ? REFMAC      ? ? ? 5.8.0158 3 
? 'data extraction' ? ? ? ? ? ? ? ? ? ? ? PDB_EXTRACT ? ? ? 3.22     4 
? 'data reduction'  ? ? ? ? ? ? ? ? ? ? ? iMOSFLM     ? ? ? .        5 
? phasing           ? ? ? ? ? ? ? ? ? ? ? ACORN       ? ? ? .        6 
# 
_cell.angle_alpha                  90.000 
_cell.angle_alpha_esd              ? 
_cell.angle_beta                   93.060 
_cell.angle_beta_esd               ? 
_cell.angle_gamma                  90.000 
_cell.angle_gamma_esd              ? 
_cell.entry_id                     5Y46 
_cell.details                      ? 
_cell.formula_units_Z              ? 
_cell.length_a                     20.650 
_cell.length_a_esd                 ? 
_cell.length_b                     25.290 
_cell.length_b_esd                 ? 
_cell.length_c                     53.980 
_cell.length_c_esd                 ? 
_cell.volume                       ? 
_cell.volume_esd                   ? 
_cell.Z_PDB                        6 
_cell.reciprocal_angle_alpha       ? 
_cell.reciprocal_angle_beta        ? 
_cell.reciprocal_angle_gamma       ? 
_cell.reciprocal_angle_alpha_esd   ? 
_cell.reciprocal_angle_beta_esd    ? 
_cell.reciprocal_angle_gamma_esd   ? 
_cell.reciprocal_length_a          ? 
_cell.reciprocal_length_b          ? 
_cell.reciprocal_length_c          ? 
_cell.reciprocal_length_a_esd      ? 
_cell.reciprocal_length_b_esd      ? 
_cell.reciprocal_length_c_esd      ? 
_cell.pdbx_unique_axis             ? 
# 
_symmetry.entry_id                         5Y46 
_symmetry.cell_setting                     ? 
_symmetry.Int_Tables_number                4 
_symmetry.space_group_name_Hall            ? 
_symmetry.space_group_name_H-M             'P 1 21 1' 
_symmetry.pdbx_full_space_group_name_H-M   ? 
# 
_exptl.absorpt_coefficient_mu     ? 
_exptl.absorpt_correction_T_max   ? 
_exptl.absorpt_correction_T_min   ? 
_exptl.absorpt_correction_type    ? 
_exptl.absorpt_process_details    ? 
_exptl.entry_id                   5Y46 
_exptl.crystals_number            1 
_exptl.details                    ? 
_exptl.method                     'X-RAY DIFFRACTION' 
_exptl.method_details             ? 
# 
_exptl_crystal.colour                      ? 
_exptl_crystal.density_diffrn              ? 
_exptl_crystal.density_Matthews            1.91 
_exptl_crystal.density_method              ? 
_exptl_crystal.density_percent_sol         35.67 
_exptl_crystal.description                 ? 
_exptl_crystal.F_000                       ? 
_exptl_crystal.id                          1 
_exptl_crystal.preparation                 ? 
_exptl_crystal.size_max                    ? 
_exptl_crystal.size_mid                    ? 
_exptl_crystal.size_min                    ? 
_exptl_crystal.size_rad                    ? 
_exptl_crystal.colour_lustre               ? 
_exptl_crystal.colour_modifier             ? 
_exptl_crystal.colour_primary              ? 
_exptl_crystal.density_meas                ? 
_exptl_crystal.density_meas_esd            ? 
_exptl_crystal.density_meas_gt             ? 
_exptl_crystal.density_meas_lt             ? 
_exptl_crystal.density_meas_temp           ? 
_exptl_crystal.density_meas_temp_esd       ? 
_exptl_crystal.density_meas_temp_gt        ? 
_exptl_crystal.density_meas_temp_lt        ? 
_exptl_crystal.pdbx_crystal_image_url      ? 
_exptl_crystal.pdbx_crystal_image_format   ? 
_exptl_crystal.pdbx_mosaicity              ? 
_exptl_crystal.pdbx_mosaicity_esd          ? 
# 
_exptl_crystal_grow.apparatus       ? 
_exptl_crystal_grow.atmosphere      ? 
_exptl_crystal_grow.crystal_id      1 
_exptl_crystal_grow.details         ? 
_exptl_crystal_grow.method          'VAPOR DIFFUSION' 
_exptl_crystal_grow.method_ref      ? 
_exptl_crystal_grow.pH              7.0 
_exptl_crystal_grow.pressure        ? 
_exptl_crystal_grow.pressure_esd    ? 
_exptl_crystal_grow.seeding         ? 
_exptl_crystal_grow.seeding_ref     ? 
_exptl_crystal_grow.temp            293 
_exptl_crystal_grow.temp_details    ? 
_exptl_crystal_grow.temp_esd        ? 
_exptl_crystal_grow.time            ? 
_exptl_crystal_grow.pdbx_details    '0.2 M Zinc acetate dihydrate, 20% w/v Polyethylene glycol 3350' 
_exptl_crystal_grow.pdbx_pH_range   ? 
# 
_diffrn.ambient_environment    ? 
_diffrn.ambient_temp           100 
_diffrn.ambient_temp_details   ? 
_diffrn.ambient_temp_esd       ? 
_diffrn.crystal_id             1 
_diffrn.crystal_support        ? 
_diffrn.crystal_treatment      ? 
_diffrn.details                ? 
_diffrn.id                     1 
_diffrn.ambient_pressure       ? 
_diffrn.ambient_pressure_esd   ? 
_diffrn.ambient_pressure_gt    ? 
_diffrn.ambient_pressure_lt    ? 
_diffrn.ambient_temp_gt        ? 
_diffrn.ambient_temp_lt        ? 
# 
_diffrn_detector.details                      ? 
_diffrn_detector.detector                     PIXEL 
_diffrn_detector.diffrn_id                    1 
_diffrn_detector.type                         'DECTRIS PILATUS3 S 6M' 
_diffrn_detector.area_resol_mean              ? 
_diffrn_detector.dtime                        ? 
_diffrn_detector.pdbx_frames_total            ? 
_diffrn_detector.pdbx_collection_time_total   ? 
_diffrn_detector.pdbx_collection_date         2017-04-01 
# 
_diffrn_radiation.collimation                      ? 
_diffrn_radiation.diffrn_id                        1 
_diffrn_radiation.filter_edge                      ? 
_diffrn_radiation.inhomogeneity                    ? 
_diffrn_radiation.monochromator                    ? 
_diffrn_radiation.polarisn_norm                    ? 
_diffrn_radiation.polarisn_ratio                   ? 
_diffrn_radiation.probe                            ? 
_diffrn_radiation.type                             ? 
_diffrn_radiation.xray_symbol                      ? 
_diffrn_radiation.wavelength_id                    1 
_diffrn_radiation.pdbx_monochromatic_or_laue_m_l   M 
_diffrn_radiation.pdbx_wavelength_list             ? 
_diffrn_radiation.pdbx_wavelength                  ? 
_diffrn_radiation.pdbx_diffrn_protocol             'SINGLE WAVELENGTH' 
_diffrn_radiation.pdbx_analyzer                    ? 
_diffrn_radiation.pdbx_scattering_type             x-ray 
# 
_diffrn_radiation_wavelength.id           1 
_diffrn_radiation_wavelength.wavelength   0.9778 
_diffrn_radiation_wavelength.wt           1.0 
# 
_diffrn_source.current                     ? 
_diffrn_source.details                     ? 
_diffrn_source.diffrn_id                   1 
_diffrn_source.power                       ? 
_diffrn_source.size                        ? 
_diffrn_source.source                      SYNCHROTRON 
_diffrn_source.target                      ? 
_diffrn_source.type                        'SSRF BEAMLINE BL19U1' 
_diffrn_source.voltage                     ? 
_diffrn_source.take-off_angle              ? 
_diffrn_source.pdbx_wavelength_list        0.9778 
_diffrn_source.pdbx_wavelength             ? 
_diffrn_source.pdbx_synchrotron_beamline   BL19U1 
_diffrn_source.pdbx_synchrotron_site       SSRF 
# 
_reflns.B_iso_Wilson_estimate            ? 
_reflns.entry_id                         5Y46 
_reflns.data_reduction_details           ? 
_reflns.data_reduction_method            ? 
_reflns.d_resolution_high                1.03 
_reflns.d_resolution_low                 26.95 
_reflns.details                          ? 
_reflns.limit_h_max                      ? 
_reflns.limit_h_min                      ? 
_reflns.limit_k_max                      ? 
_reflns.limit_k_min                      ? 
_reflns.limit_l_max                      ? 
_reflns.limit_l_min                      ? 
_reflns.number_all                       ? 
_reflns.number_obs                       26137 
_reflns.observed_criterion               ? 
_reflns.observed_criterion_F_max         ? 
_reflns.observed_criterion_F_min         ? 
_reflns.observed_criterion_I_max         ? 
_reflns.observed_criterion_I_min         ? 
_reflns.observed_criterion_sigma_F       ? 
_reflns.observed_criterion_sigma_I       ? 
_reflns.percent_possible_obs             99.35 
_reflns.R_free_details                   ? 
_reflns.Rmerge_F_all                     ? 
_reflns.Rmerge_F_obs                     ? 
_reflns.Friedel_coverage                 ? 
_reflns.number_gt                        ? 
_reflns.threshold_expression             ? 
_reflns.pdbx_redundancy                  5.9 
_reflns.pdbx_Rmerge_I_obs                ? 
_reflns.pdbx_Rmerge_I_all                ? 
_reflns.pdbx_Rsym_value                  ? 
_reflns.pdbx_netI_over_av_sigmaI         ? 
_reflns.pdbx_netI_over_sigmaI            19.5 
_reflns.pdbx_res_netI_over_av_sigmaI_2   ? 
_reflns.pdbx_res_netI_over_sigmaI_2      ? 
_reflns.pdbx_chi_squared                 ? 
_reflns.pdbx_scaling_rejects             ? 
_reflns.pdbx_d_res_high_opt              ? 
_reflns.pdbx_d_res_low_opt               ? 
_reflns.pdbx_d_res_opt_method            ? 
_reflns.phase_calculation_details        ? 
_reflns.pdbx_Rrim_I_all                  ? 
_reflns.pdbx_Rpim_I_all                  ? 
_reflns.pdbx_d_opt                       ? 
_reflns.pdbx_number_measured_all         ? 
_reflns.pdbx_diffrn_id                   1 
_reflns.pdbx_ordinal                     1 
_reflns.pdbx_CC_half                     ? 
_reflns.pdbx_R_split                     ? 
# 
_reflns_shell.d_res_high                  . 
_reflns_shell.d_res_low                   ? 
_reflns_shell.meanI_over_sigI_all         ? 
_reflns_shell.meanI_over_sigI_obs         ? 
_reflns_shell.number_measured_all         ? 
_reflns_shell.number_measured_obs         ? 
_reflns_shell.number_possible             ? 
_reflns_shell.number_unique_all           ? 
_reflns_shell.number_unique_obs           ? 
_reflns_shell.percent_possible_all        ? 
_reflns_shell.percent_possible_obs        ? 
_reflns_shell.Rmerge_F_all                ? 
_reflns_shell.Rmerge_F_obs                ? 
_reflns_shell.Rmerge_I_all                ? 
_reflns_shell.Rmerge_I_obs                ? 
_reflns_shell.meanI_over_sigI_gt          ? 
_reflns_shell.meanI_over_uI_all           ? 
_reflns_shell.meanI_over_uI_gt            ? 
_reflns_shell.number_measured_gt          ? 
_reflns_shell.number_unique_gt            ? 
_reflns_shell.percent_possible_gt         ? 
_reflns_shell.Rmerge_F_gt                 ? 
_reflns_shell.Rmerge_I_gt                 ? 
_reflns_shell.pdbx_redundancy             ? 
_reflns_shell.pdbx_Rsym_value             ? 
_reflns_shell.pdbx_chi_squared            ? 
_reflns_shell.pdbx_netI_over_sigmaI_all   ? 
_reflns_shell.pdbx_netI_over_sigmaI_obs   ? 
_reflns_shell.pdbx_Rrim_I_all             ? 
_reflns_shell.pdbx_Rpim_I_all             ? 
_reflns_shell.pdbx_rejects                ? 
_reflns_shell.pdbx_ordinal                1 
_reflns_shell.pdbx_diffrn_id              1 
_reflns_shell.pdbx_CC_half                ? 
_reflns_shell.pdbx_R_split                ? 
# 
_refine.aniso_B[1][1]                            -0.1600 
_refine.aniso_B[1][2]                            -0.0000 
_refine.aniso_B[1][3]                            -0.1800 
_refine.aniso_B[2][2]                            0.1800 
_refine.aniso_B[2][3]                            0.0000 
_refine.aniso_B[3][3]                            0.0000 
_refine.B_iso_max                                32.790 
_refine.B_iso_mean                               5.0640 
_refine.B_iso_min                                2.040 
_refine.correlation_coeff_Fo_to_Fc               0.9790 
_refine.correlation_coeff_Fo_to_Fc_free          0.9730 
_refine.details                                  
'HYDROGENS HAVE BEEN ADDED IN THE RIDING POSITIONS U VALUES      : REFINED INDIVIDUALLY' 
_refine.diff_density_max                         ? 
_refine.diff_density_max_esd                     ? 
_refine.diff_density_min                         ? 
_refine.diff_density_min_esd                     ? 
_refine.diff_density_rms                         ? 
_refine.diff_density_rms_esd                     ? 
_refine.entry_id                                 5Y46 
_refine.pdbx_refine_id                           'X-RAY DIFFRACTION' 
_refine.ls_abs_structure_details                 ? 
_refine.ls_abs_structure_Flack                   ? 
_refine.ls_abs_structure_Flack_esd               ? 
_refine.ls_abs_structure_Rogers                  ? 
_refine.ls_abs_structure_Rogers_esd              ? 
_refine.ls_d_res_high                            1.0300 
_refine.ls_d_res_low                             26.9500 
_refine.ls_extinction_coef                       ? 
_refine.ls_extinction_coef_esd                   ? 
_refine.ls_extinction_expression                 ? 
_refine.ls_extinction_method                     ? 
_refine.ls_goodness_of_fit_all                   ? 
_refine.ls_goodness_of_fit_all_esd               ? 
_refine.ls_goodness_of_fit_obs                   ? 
_refine.ls_goodness_of_fit_obs_esd               ? 
_refine.ls_hydrogen_treatment                    ? 
_refine.ls_matrix_type                           ? 
_refine.ls_number_constraints                    ? 
_refine.ls_number_parameters                     ? 
_refine.ls_number_reflns_all                     ? 
_refine.ls_number_reflns_obs                     26137 
_refine.ls_number_reflns_R_free                  1308 
_refine.ls_number_reflns_R_work                  ? 
_refine.ls_number_restraints                     ? 
_refine.ls_percent_reflns_obs                    99.3500 
_refine.ls_percent_reflns_R_free                 4.8000 
_refine.ls_R_factor_all                          ? 
_refine.ls_R_factor_obs                          0.1076 
_refine.ls_R_factor_R_free                       0.1299 
_refine.ls_R_factor_R_free_error                 ? 
_refine.ls_R_factor_R_free_error_details         ? 
_refine.ls_R_factor_R_work                       0.1064 
_refine.ls_R_Fsqd_factor_obs                     ? 
_refine.ls_R_I_factor_obs                        ? 
_refine.ls_redundancy_reflns_all                 ? 
_refine.ls_redundancy_reflns_obs                 ? 
_refine.ls_restrained_S_all                      ? 
_refine.ls_restrained_S_obs                      ? 
_refine.ls_shift_over_esd_max                    ? 
_refine.ls_shift_over_esd_mean                   ? 
_refine.ls_structure_factor_coef                 ? 
_refine.ls_weighting_details                     ? 
_refine.ls_weighting_scheme                      ? 
_refine.ls_wR_factor_all                         ? 
_refine.ls_wR_factor_obs                         ? 
_refine.ls_wR_factor_R_free                      ? 
_refine.ls_wR_factor_R_work                      ? 
_refine.occupancy_max                            ? 
_refine.occupancy_min                            ? 
_refine.solvent_model_details                    ? 
_refine.solvent_model_param_bsol                 ? 
_refine.solvent_model_param_ksol                 ? 
_refine.ls_R_factor_gt                           ? 
_refine.ls_goodness_of_fit_gt                    ? 
_refine.ls_goodness_of_fit_ref                   ? 
_refine.ls_shift_over_su_max                     ? 
_refine.ls_shift_over_su_max_lt                  ? 
_refine.ls_shift_over_su_mean                    ? 
_refine.ls_shift_over_su_mean_lt                 ? 
_refine.pdbx_ls_sigma_I                          ? 
_refine.pdbx_ls_sigma_F                          0.000 
_refine.pdbx_ls_sigma_Fsqd                       ? 
_refine.pdbx_data_cutoff_high_absF               ? 
_refine.pdbx_data_cutoff_high_rms_absF           ? 
_refine.pdbx_data_cutoff_low_absF                ? 
_refine.pdbx_isotropic_thermal_model             ? 
_refine.pdbx_ls_cross_valid_method               THROUGHOUT 
_refine.pdbx_method_to_determine_struct          ? 
_refine.pdbx_starting_model                      ? 
_refine.pdbx_stereochemistry_target_values       ? 
_refine.pdbx_R_Free_selection_details            RANDOM 
_refine.pdbx_stereochem_target_val_spec_case     ? 
_refine.pdbx_overall_ESU_R                       0.0220 
_refine.pdbx_overall_ESU_R_Free                  0.0230 
_refine.pdbx_solvent_vdw_probe_radii             1.2000 
_refine.pdbx_solvent_ion_probe_radii             0.8000 
_refine.pdbx_solvent_shrinkage_radii             0.8000 
_refine.pdbx_real_space_R                        ? 
_refine.pdbx_density_correlation                 ? 
_refine.pdbx_pd_number_of_powder_patterns        ? 
_refine.pdbx_pd_number_of_points                 ? 
_refine.pdbx_pd_meas_number_of_points            ? 
_refine.pdbx_pd_proc_ls_prof_R_factor            ? 
_refine.pdbx_pd_proc_ls_prof_wR_factor           ? 
_refine.pdbx_pd_Marquardt_correlation_coeff      ? 
_refine.pdbx_pd_Fsqrd_R_factor                   ? 
_refine.pdbx_pd_ls_matrix_band_width             ? 
_refine.pdbx_overall_phase_error                 ? 
_refine.pdbx_overall_SU_R_free_Cruickshank_DPI   ? 
_refine.pdbx_overall_SU_R_free_Blow_DPI          ? 
_refine.pdbx_overall_SU_R_Blow_DPI               ? 
_refine.pdbx_TLS_residual_ADP_flag               ? 
_refine.pdbx_diffrn_id                           1 
_refine.overall_SU_B                             0.5320 
_refine.overall_SU_ML                            0.0130 
_refine.overall_SU_R_Cruickshank_DPI             ? 
_refine.overall_SU_R_free                        ? 
_refine.overall_FOM_free_R_set                   ? 
_refine.overall_FOM_work_R_set                   ? 
_refine.pdbx_average_fsc_overall                 ? 
_refine.pdbx_average_fsc_work                    ? 
_refine.pdbx_average_fsc_free                    ? 
# 
_refine_hist.cycle_id                         final 
_refine_hist.pdbx_refine_id                   'X-RAY DIFFRACTION' 
_refine_hist.d_res_high                       1.0300 
_refine_hist.d_res_low                        26.9500 
_refine_hist.pdbx_number_atoms_ligand         6 
_refine_hist.number_atoms_solvent             189 
_refine_hist.number_atoms_total               717 
_refine_hist.pdbx_number_residues_total       81 
_refine_hist.pdbx_B_iso_mean_ligand           5.33 
_refine_hist.pdbx_B_iso_mean_solvent          11.01 
_refine_hist.pdbx_number_atoms_protein        522 
_refine_hist.pdbx_number_atoms_nucleic_acid   0 
# 
loop_
_refine_ls_restr.pdbx_refine_id 
_refine_ls_restr.criterion 
_refine_ls_restr.dev_ideal 
_refine_ls_restr.dev_ideal_target 
_refine_ls_restr.number 
_refine_ls_restr.rejects 
_refine_ls_restr.type 
_refine_ls_restr.weight 
_refine_ls_restr.pdbx_restraint_function 
'X-RAY DIFFRACTION' ? 0.016  0.019  629  ? r_bond_refined_d       ? ? 
'X-RAY DIFFRACTION' ? 0.002  0.020  510  ? r_bond_other_d         ? ? 
'X-RAY DIFFRACTION' ? 2.485  2.538  933  ? r_angle_refined_deg    ? ? 
'X-RAY DIFFRACTION' ? 1.588  3.000  1284 ? r_angle_other_deg      ? ? 
'X-RAY DIFFRACTION' ? 7.574  5.000  90   ? r_dihedral_angle_1_deg ? ? 
'X-RAY DIFFRACTION' ? 14.860 15.000 10   ? r_dihedral_angle_3_deg ? ? 
'X-RAY DIFFRACTION' ? 0.110  0.200  97   ? r_chiral_restr         ? ? 
'X-RAY DIFFRACTION' ? 0.012  0.030  697  ? r_gen_planes_refined   ? ? 
'X-RAY DIFFRACTION' ? 0.002  0.020  31   ? r_gen_planes_other     ? ? 
'X-RAY DIFFRACTION' ? 1.849  3.000  1139 ? r_rigid_bond_restr     ? ? 
'X-RAY DIFFRACTION' ? 11.156 5.000  70   ? r_sphericity_free      ? ? 
'X-RAY DIFFRACTION' ? 4.931  5.000  1204 ? r_sphericity_bonded    ? ? 
# 
_refine_ls_shell.pdbx_refine_id                   'X-RAY DIFFRACTION' 
_refine_ls_shell.d_res_high                       1.0320 
_refine_ls_shell.d_res_low                        1.0590 
_refine_ls_shell.number_reflns_all                1991 
_refine_ls_shell.number_reflns_obs                ? 
_refine_ls_shell.number_reflns_R_free             114 
_refine_ls_shell.number_reflns_R_work             1877 
_refine_ls_shell.percent_reflns_obs               99.5500 
_refine_ls_shell.percent_reflns_R_free            ? 
_refine_ls_shell.R_factor_all                     ? 
_refine_ls_shell.R_factor_obs                     ? 
_refine_ls_shell.R_factor_R_free                  0.1420 
_refine_ls_shell.R_factor_R_free_error            0.0000 
_refine_ls_shell.R_factor_R_work                  0.0980 
_refine_ls_shell.redundancy_reflns_all            ? 
_refine_ls_shell.redundancy_reflns_obs            ? 
_refine_ls_shell.wR_factor_all                    ? 
_refine_ls_shell.wR_factor_obs                    ? 
_refine_ls_shell.wR_factor_R_free                 ? 
_refine_ls_shell.wR_factor_R_work                 ? 
_refine_ls_shell.pdbx_total_number_of_bins_used   20 
_refine_ls_shell.pdbx_phase_error                 ? 
_refine_ls_shell.pdbx_fsc_work                    ? 
_refine_ls_shell.pdbx_fsc_free                    ? 
# 
_struct.entry_id                     5Y46 
_struct.title                        'Crystal structure of a collagen-like peptide with interruption sequence' 
_struct.pdbx_model_details           ? 
_struct.pdbx_formula_weight          ? 
_struct.pdbx_formula_weight_method   ? 
_struct.pdbx_model_type_details      ? 
_struct.pdbx_CASP_flag               N 
# 
_struct_keywords.entry_id        5Y46 
_struct_keywords.text            'collagen, interruption sequence, STRUCTURAL PROTEIN' 
_struct_keywords.pdbx_keywords   'STRUCTURAL PROTEIN' 
# 
loop_
_struct_asym.id 
_struct_asym.pdbx_blank_PDB_chainid_flag 
_struct_asym.pdbx_modified 
_struct_asym.entity_id 
_struct_asym.details 
A N N 1 ? 
B N N 1 ? 
C N N 1 ? 
D N N 2 ? 
E N N 3 ? 
F N N 2 ? 
G N N 4 ? 
H N N 4 ? 
I N N 4 ? 
# 
_struct_ref.id                         1 
_struct_ref.db_name                    PDB 
_struct_ref.db_code                    5Y46 
_struct_ref.pdbx_db_accession          5Y46 
_struct_ref.pdbx_db_isoform            ? 
_struct_ref.entity_id                  1 
_struct_ref.pdbx_seq_one_letter_code   ? 
_struct_ref.pdbx_align_begin           1 
# 
loop_
_struct_ref_seq.align_id 
_struct_ref_seq.ref_id 
_struct_ref_seq.pdbx_PDB_id_code 
_struct_ref_seq.pdbx_strand_id 
_struct_ref_seq.seq_align_beg 
_struct_ref_seq.pdbx_seq_align_beg_ins_code 
_struct_ref_seq.seq_align_end 
_struct_ref_seq.pdbx_seq_align_end_ins_code 
_struct_ref_seq.pdbx_db_accession 
_struct_ref_seq.db_align_beg 
_struct_ref_seq.pdbx_db_align_beg_ins_code 
_struct_ref_seq.db_align_end 
_struct_ref_seq.pdbx_db_align_end_ins_code 
_struct_ref_seq.pdbx_auth_seq_align_beg 
_struct_ref_seq.pdbx_auth_seq_align_end 
1 1 5Y46 A 1 ? 27 ? 5Y46 1 ? 27 ? 1 27 
2 1 5Y46 B 1 ? 27 ? 5Y46 1 ? 27 ? 1 27 
3 1 5Y46 C 1 ? 27 ? 5Y46 1 ? 27 ? 1 27 
# 
_pdbx_struct_assembly.id                   1 
_pdbx_struct_assembly.details              author_defined_assembly 
_pdbx_struct_assembly.method_details       ? 
_pdbx_struct_assembly.oligomeric_details   trimeric 
_pdbx_struct_assembly.oligomeric_count     3 
# 
loop_
_pdbx_struct_assembly_prop.biol_id 
_pdbx_struct_assembly_prop.type 
_pdbx_struct_assembly_prop.value 
_pdbx_struct_assembly_prop.details 
1 'ABSA (A^2)' 4800 ? 
1 MORE         -74  ? 
1 'SSA (A^2)'  4910 ? 
# 
_pdbx_struct_assembly_gen.assembly_id       1 
_pdbx_struct_assembly_gen.oper_expression   1 
_pdbx_struct_assembly_gen.asym_id_list      A,B,C,D,E,F,G,H,I 
# 
_pdbx_struct_assembly_auth_evidence.id                     1 
_pdbx_struct_assembly_auth_evidence.assembly_id            1 
_pdbx_struct_assembly_auth_evidence.experimental_support   homology 
_pdbx_struct_assembly_auth_evidence.details                ? 
# 
_pdbx_struct_oper_list.id                   1 
_pdbx_struct_oper_list.type                 'identity operation' 
_pdbx_struct_oper_list.name                 1_555 
_pdbx_struct_oper_list.symmetry_operation   x,y,z 
_pdbx_struct_oper_list.matrix[1][1]         1.0000000000 
_pdbx_struct_oper_list.matrix[1][2]         0.0000000000 
_pdbx_struct_oper_list.matrix[1][3]         0.0000000000 
_pdbx_struct_oper_list.vector[1]            0.0000000000 
_pdbx_struct_oper_list.matrix[2][1]         0.0000000000 
_pdbx_struct_oper_list.matrix[2][2]         1.0000000000 
_pdbx_struct_oper_list.matrix[2][3]         0.0000000000 
_pdbx_struct_oper_list.vector[2]            0.0000000000 
_pdbx_struct_oper_list.matrix[3][1]         0.0000000000 
_pdbx_struct_oper_list.matrix[3][2]         0.0000000000 
_pdbx_struct_oper_list.matrix[3][3]         1.0000000000 
_pdbx_struct_oper_list.vector[3]            0.0000000000 
# 
loop_
_struct_conn.id 
_struct_conn.conn_type_id 
_struct_conn.pdbx_leaving_atom_flag 
_struct_conn.pdbx_PDB_id 
_struct_conn.ptnr1_label_asym_id 
_struct_conn.ptnr1_label_comp_id 
_struct_conn.ptnr1_label_seq_id 
_struct_conn.ptnr1_label_atom_id 
_struct_conn.pdbx_ptnr1_label_alt_id 
_struct_conn.pdbx_ptnr1_PDB_ins_code 
_struct_conn.pdbx_ptnr1_standard_comp_id 
_struct_conn.ptnr1_symmetry 
_struct_conn.ptnr2_label_asym_id 
_struct_conn.ptnr2_label_comp_id 
_struct_conn.ptnr2_label_seq_id 
_struct_conn.ptnr2_label_atom_id 
_struct_conn.pdbx_ptnr2_label_alt_id 
_struct_conn.pdbx_ptnr2_PDB_ins_code 
_struct_conn.ptnr1_auth_asym_id 
_struct_conn.ptnr1_auth_comp_id 
_struct_conn.ptnr1_auth_seq_id 
_struct_conn.ptnr2_auth_asym_id 
_struct_conn.ptnr2_auth_comp_id 
_struct_conn.ptnr2_auth_seq_id 
_struct_conn.ptnr2_symmetry 
_struct_conn.pdbx_ptnr3_label_atom_id 
_struct_conn.pdbx_ptnr3_label_seq_id 
_struct_conn.pdbx_ptnr3_label_comp_id 
_struct_conn.pdbx_ptnr3_label_asym_id 
_struct_conn.pdbx_ptnr3_label_alt_id 
_struct_conn.pdbx_ptnr3_PDB_ins_code 
_struct_conn.details 
_struct_conn.pdbx_dist_value 
_struct_conn.pdbx_value_order 
_struct_conn.pdbx_role 
covale1  covale both ? A PRO 2  C   ? ? ? 1_555 A HYP 3  N   ? ? A PRO 2   A HYP 3   1_555 ? ? ? ? ? ? ? 1.324 ? ? 
covale2  covale both ? A HYP 3  C   ? ? ? 1_555 A GLY 4  N   ? ? A HYP 3   A GLY 4   1_555 ? ? ? ? ? ? ? 1.323 ? ? 
covale3  covale both ? A PRO 5  C   ? ? ? 1_555 A HYP 6  N   ? ? A PRO 5   A HYP 6   1_555 ? ? ? ? ? ? ? 1.342 ? ? 
covale4  covale both ? A HYP 6  C   ? ? ? 1_555 A GLY 7  N   ? ? A HYP 6   A GLY 7   1_555 ? ? ? ? ? ? ? 1.324 ? ? 
covale5  covale both ? A PRO 8  C   ? ? ? 1_555 A HYP 9  N   ? ? A PRO 8   A HYP 9   1_555 ? ? ? ? ? ? ? 1.319 ? ? 
covale6  covale both ? A HYP 9  C   ? ? ? 1_555 A GLY 10 N   ? ? A HYP 9   A GLY 10  1_555 ? ? ? ? ? ? ? 1.334 ? ? 
covale7  covale both ? A PRO 11 C   ? ? ? 1_555 A HYP 12 N   ? ? A PRO 11  A HYP 12  1_555 ? ? ? ? ? ? ? 1.353 ? ? 
covale8  covale both ? A HYP 12 C   ? ? ? 1_555 A ALA 13 N   ? ? A HYP 12  A ALA 13  1_555 ? ? ? ? ? ? ? 1.329 ? ? 
covale9  covale both ? A LEU 14 C   A ? ? 1_555 A HYP 15 N   ? ? A LEU 14  A HYP 15  1_555 ? ? ? ? ? ? ? 1.304 ? ? 
covale10 covale both ? A LEU 14 C   B ? ? 1_555 A HYP 15 N   ? ? A LEU 14  A HYP 15  1_555 ? ? ? ? ? ? ? 1.365 ? ? 
covale11 covale both ? A HYP 15 C   ? ? ? 1_555 A GLY 16 N   ? ? A HYP 15  A GLY 16  1_555 ? ? ? ? ? ? ? 1.323 ? ? 
covale12 covale both ? A PRO 17 C   ? ? ? 1_555 A HYP 18 N   ? ? A PRO 17  A HYP 18  1_555 ? ? ? ? ? ? ? 1.336 ? ? 
covale13 covale both ? A HYP 18 C   ? ? ? 1_555 A GLY 19 N   ? ? A HYP 18  A GLY 19  1_555 ? ? ? ? ? ? ? 1.322 ? ? 
covale14 covale both ? A PRO 20 C   ? ? ? 1_555 A HYP 21 N   ? ? A PRO 20  A HYP 21  1_555 ? ? ? ? ? ? ? 1.323 ? ? 
covale15 covale both ? A HYP 21 C   ? ? ? 1_555 A GLY 22 N   ? ? A HYP 21  A GLY 22  1_555 ? ? ? ? ? ? ? 1.312 ? ? 
covale16 covale both ? A PRO 23 C   ? ? ? 1_555 A HYP 24 N   ? ? A PRO 23  A HYP 24  1_555 ? ? ? ? ? ? ? 1.332 ? ? 
covale17 covale both ? A HYP 24 C   ? ? ? 1_555 A GLY 25 N   ? ? A HYP 24  A GLY 25  1_555 ? ? ? ? ? ? ? 1.327 ? ? 
covale18 covale both ? A PRO 26 C   ? ? ? 1_555 A HYP 27 N   ? ? A PRO 26  A HYP 27  1_555 ? ? ? ? ? ? ? 1.330 ? ? 
covale19 covale both ? B PRO 2  C   ? ? ? 1_555 B HYP 3  N   ? ? B PRO 2   B HYP 3   1_555 ? ? ? ? ? ? ? 1.324 ? ? 
covale20 covale both ? B HYP 3  C   ? ? ? 1_555 B GLY 4  N   ? ? B HYP 3   B GLY 4   1_555 ? ? ? ? ? ? ? 1.322 ? ? 
covale21 covale both ? B PRO 5  C   ? ? ? 1_555 B HYP 6  N   ? ? B PRO 5   B HYP 6   1_555 ? ? ? ? ? ? ? 1.330 ? ? 
covale22 covale both ? B HYP 6  C   ? ? ? 1_555 B GLY 7  N   ? ? B HYP 6   B GLY 7   1_555 ? ? ? ? ? ? ? 1.352 ? ? 
covale23 covale both ? B PRO 8  C   ? ? ? 1_555 B HYP 9  N   ? ? B PRO 8   B HYP 9   1_555 ? ? ? ? ? ? ? 1.318 ? ? 
covale24 covale both ? B HYP 9  C   ? ? ? 1_555 B GLY 10 N   ? ? B HYP 9   B GLY 10  1_555 ? ? ? ? ? ? ? 1.325 ? ? 
covale25 covale both ? B PRO 11 C   ? ? ? 1_555 B HYP 12 N   A ? B PRO 11  B HYP 12  1_555 ? ? ? ? ? ? ? 1.342 ? ? 
covale26 covale both ? B PRO 11 C   ? ? ? 1_555 B HYP 12 N   B ? B PRO 11  B HYP 12  1_555 ? ? ? ? ? ? ? 1.346 ? ? 
covale27 covale both ? B HYP 12 C   A ? ? 1_555 B ALA 13 N   ? ? B HYP 12  B ALA 13  1_555 ? ? ? ? ? ? ? 1.317 ? ? 
covale28 covale both ? B HYP 12 C   B ? ? 1_555 B ALA 13 N   ? ? B HYP 12  B ALA 13  1_555 ? ? ? ? ? ? ? 1.339 ? ? 
covale29 covale both ? B LEU 14 C   ? ? ? 1_555 B HYP 15 N   ? ? B LEU 14  B HYP 15  1_555 ? ? ? ? ? ? ? 1.356 ? ? 
covale30 covale both ? B HYP 15 C   ? ? ? 1_555 B GLY 16 N   ? ? B HYP 15  B GLY 16  1_555 ? ? ? ? ? ? ? 1.333 ? ? 
covale31 covale both ? B PRO 17 C   ? ? ? 1_555 B HYP 18 N   ? ? B PRO 17  B HYP 18  1_555 ? ? ? ? ? ? ? 1.333 ? ? 
covale32 covale both ? B HYP 18 C   ? ? ? 1_555 B GLY 19 N   ? ? B HYP 18  B GLY 19  1_555 ? ? ? ? ? ? ? 1.335 ? ? 
covale33 covale both ? B PRO 20 C   ? ? ? 1_555 B HYP 21 N   ? ? B PRO 20  B HYP 21  1_555 ? ? ? ? ? ? ? 1.329 ? ? 
covale34 covale both ? B HYP 21 C   ? ? ? 1_555 B GLY 22 N   ? ? B HYP 21  B GLY 22  1_555 ? ? ? ? ? ? ? 1.323 ? ? 
covale35 covale both ? B PRO 23 C   A ? ? 1_555 B HYP 24 N   A ? B PRO 23  B HYP 24  1_555 ? ? ? ? ? ? ? 1.335 ? ? 
covale36 covale both ? B PRO 23 C   B ? ? 1_555 B HYP 24 N   B ? B PRO 23  B HYP 24  1_555 ? ? ? ? ? ? ? 1.326 ? ? 
covale37 covale both ? B HYP 24 C   A ? ? 1_555 B GLY 25 N   A ? B HYP 24  B GLY 25  1_555 ? ? ? ? ? ? ? 1.330 ? ? 
covale38 covale both ? B HYP 24 C   B ? ? 1_555 B GLY 25 N   B ? B HYP 24  B GLY 25  1_555 ? ? ? ? ? ? ? 1.331 ? ? 
covale39 covale both ? B PRO 26 C   ? ? ? 1_555 B HYP 27 N   ? ? B PRO 26  B HYP 27  1_555 ? ? ? ? ? ? ? 1.348 ? ? 
covale40 covale both ? C PRO 2  C   ? ? ? 1_555 C HYP 3  N   ? ? C PRO 2   C HYP 3   1_555 ? ? ? ? ? ? ? 1.322 ? ? 
covale41 covale both ? C HYP 3  C   ? ? ? 1_555 C GLY 4  N   ? ? C HYP 3   C GLY 4   1_555 ? ? ? ? ? ? ? 1.328 ? ? 
covale42 covale both ? C PRO 5  C   ? ? ? 1_555 C HYP 6  N   ? ? C PRO 5   C HYP 6   1_555 ? ? ? ? ? ? ? 1.337 ? ? 
covale43 covale both ? C HYP 6  C   ? ? ? 1_555 C GLY 7  N   ? ? C HYP 6   C GLY 7   1_555 ? ? ? ? ? ? ? 1.328 ? ? 
covale44 covale both ? C PRO 8  C   ? ? ? 1_555 C HYP 9  N   ? ? C PRO 8   C HYP 9   1_555 ? ? ? ? ? ? ? 1.337 ? ? 
covale45 covale both ? C HYP 9  C   ? ? ? 1_555 C GLY 10 N   ? ? C HYP 9   C GLY 10  1_555 ? ? ? ? ? ? ? 1.337 ? ? 
covale46 covale both ? C PRO 11 C   ? ? ? 1_555 C HYP 12 N   ? ? C PRO 11  C HYP 12  1_555 ? ? ? ? ? ? ? 1.328 ? ? 
covale47 covale both ? C HYP 12 C   ? ? ? 1_555 C ALA 13 N   ? ? C HYP 12  C ALA 13  1_555 ? ? ? ? ? ? ? 1.324 ? ? 
covale48 covale both ? C LEU 14 C   A ? ? 1_555 C HYP 15 N   ? ? C LEU 14  C HYP 15  1_555 ? ? ? ? ? ? ? 1.341 ? ? 
covale49 covale both ? C LEU 14 C   B ? ? 1_555 C HYP 15 N   ? ? C LEU 14  C HYP 15  1_555 ? ? ? ? ? ? ? 1.332 ? ? 
covale50 covale both ? C HYP 15 C   ? ? ? 1_555 C GLY 16 N   ? ? C HYP 15  C GLY 16  1_555 ? ? ? ? ? ? ? 1.316 ? ? 
covale51 covale both ? C PRO 17 C   ? ? ? 1_555 C HYP 18 N   ? ? C PRO 17  C HYP 18  1_555 ? ? ? ? ? ? ? 1.328 ? ? 
covale52 covale both ? C HYP 18 C   ? ? ? 1_555 C GLY 19 N   ? ? C HYP 18  C GLY 19  1_555 ? ? ? ? ? ? ? 1.323 ? ? 
covale53 covale both ? C PRO 20 C   ? ? ? 1_555 C HYP 21 N   ? ? C PRO 20  C HYP 21  1_555 ? ? ? ? ? ? ? 1.343 ? ? 
covale54 covale both ? C HYP 21 C   ? ? ? 1_555 C GLY 22 N   ? ? C HYP 21  C GLY 22  1_555 ? ? ? ? ? ? ? 1.327 ? ? 
covale55 covale both ? C PRO 23 C   ? ? ? 1_555 C HYP 24 N   ? ? C PRO 23  C HYP 24  1_555 ? ? ? ? ? ? ? 1.335 ? ? 
covale56 covale both ? C HYP 24 C   ? ? ? 1_555 C GLY 25 N   ? ? C HYP 24  C GLY 25  1_555 ? ? ? ? ? ? ? 1.318 ? ? 
covale57 covale both ? C PRO 26 C   ? ? ? 1_555 C HYP 27 N   ? ? C PRO 26  C HYP 27  1_555 ? ? ? ? ? ? ? 1.336 ? ? 
metalc1  metalc ?    ? A GLY 1  N   ? ? ? 1_555 D ZN  .  ZN  ? ? A GLY 1   A ZN  101 1_555 ? ? ? ? ? ? ? 2.097 ? ? 
metalc2  metalc ?    ? A GLY 1  O   ? ? ? 1_555 D ZN  .  ZN  ? ? A GLY 1   A ZN  101 1_555 ? ? ? ? ? ? ? 2.069 ? ? 
metalc3  metalc ?    ? D ZN  .  ZN  ? ? ? 1_555 G HOH .  O   ? ? A ZN  101 A HOH 207 1_555 ? ? ? ? ? ? ? 1.972 ? ? 
metalc4  metalc ?    ? D ZN  .  ZN  ? ? ? 1_555 G HOH .  O   ? ? A ZN  101 A HOH 240 1_555 ? ? ? ? ? ? ? 2.164 ? ? 
metalc5  metalc ?    ? D ZN  .  ZN  ? ? ? 1_555 G HOH .  O   ? ? A ZN  101 A HOH 242 1_555 ? ? ? ? ? ? ? 2.040 ? ? 
metalc6  metalc ?    ? D ZN  .  ZN  ? ? ? 1_555 H HOH .  O   ? ? A ZN  101 B HOH 239 1_555 ? ? ? ? ? ? ? 2.231 ? ? 
metalc7  metalc ?    ? B GLY 1  N   ? ? ? 1_555 F ZN  .  ZN  ? ? B GLY 1   B ZN  102 1_555 ? ? ? ? ? ? ? 2.035 ? ? 
metalc8  metalc ?    ? B GLY 1  O   ? ? ? 1_555 F ZN  .  ZN  ? ? B GLY 1   B ZN  102 1_555 ? ? ? ? ? ? ? 2.230 ? ? 
metalc9  metalc ?    ? E ACT .  OXT ? ? ? 1_555 F ZN  .  ZN  ? ? B ACT 101 B ZN  102 1_555 ? ? ? ? ? ? ? 1.996 ? ? 
metalc10 metalc ?    ? F ZN  .  ZN  ? ? ? 1_555 C GLY 1  N   ? ? B ZN  102 C GLY 1   1_555 ? ? ? ? ? ? ? 2.059 ? ? 
metalc11 metalc ?    ? F ZN  .  ZN  ? ? ? 1_856 C HYP 27 OXT ? ? B ZN  102 C HYP 27  1_555 ? ? ? ? ? ? ? 2.069 ? ? 
# 
loop_
_struct_conn_type.id 
_struct_conn_type.criteria 
_struct_conn_type.reference 
covale ? ? 
metalc ? ? 
# 
loop_
_pdbx_struct_conn_angle.id 
_pdbx_struct_conn_angle.ptnr1_label_atom_id 
_pdbx_struct_conn_angle.ptnr1_label_alt_id 
_pdbx_struct_conn_angle.ptnr1_label_asym_id 
_pdbx_struct_conn_angle.ptnr1_label_comp_id 
_pdbx_struct_conn_angle.ptnr1_label_seq_id 
_pdbx_struct_conn_angle.ptnr1_auth_atom_id 
_pdbx_struct_conn_angle.ptnr1_auth_asym_id 
_pdbx_struct_conn_angle.ptnr1_auth_comp_id 
_pdbx_struct_conn_angle.ptnr1_auth_seq_id 
_pdbx_struct_conn_angle.ptnr1_PDB_ins_code 
_pdbx_struct_conn_angle.ptnr1_symmetry 
_pdbx_struct_conn_angle.ptnr2_label_atom_id 
_pdbx_struct_conn_angle.ptnr2_label_alt_id 
_pdbx_struct_conn_angle.ptnr2_label_asym_id 
_pdbx_struct_conn_angle.ptnr2_label_comp_id 
_pdbx_struct_conn_angle.ptnr2_label_seq_id 
_pdbx_struct_conn_angle.ptnr2_auth_atom_id 
_pdbx_struct_conn_angle.ptnr2_auth_asym_id 
_pdbx_struct_conn_angle.ptnr2_auth_comp_id 
_pdbx_struct_conn_angle.ptnr2_auth_seq_id 
_pdbx_struct_conn_angle.ptnr2_PDB_ins_code 
_pdbx_struct_conn_angle.ptnr2_symmetry 
_pdbx_struct_conn_angle.ptnr3_label_atom_id 
_pdbx_struct_conn_angle.ptnr3_label_alt_id 
_pdbx_struct_conn_angle.ptnr3_label_asym_id 
_pdbx_struct_conn_angle.ptnr3_label_comp_id 
_pdbx_struct_conn_angle.ptnr3_label_seq_id 
_pdbx_struct_conn_angle.ptnr3_auth_atom_id 
_pdbx_struct_conn_angle.ptnr3_auth_asym_id 
_pdbx_struct_conn_angle.ptnr3_auth_comp_id 
_pdbx_struct_conn_angle.ptnr3_auth_seq_id 
_pdbx_struct_conn_angle.ptnr3_PDB_ins_code 
_pdbx_struct_conn_angle.ptnr3_symmetry 
_pdbx_struct_conn_angle.value 
_pdbx_struct_conn_angle.value_esd 
1  N   ? A GLY 1 ? A GLY 1   ? 1_555 ZN ? D ZN . ? A ZN 101 ? 1_555 O   ? A GLY 1  ? A GLY 1   ? 1_555 79.9  ? 
2  N   ? A GLY 1 ? A GLY 1   ? 1_555 ZN ? D ZN . ? A ZN 101 ? 1_555 O   ? G HOH .  ? A HOH 207 ? 1_555 163.1 ? 
3  O   ? A GLY 1 ? A GLY 1   ? 1_555 ZN ? D ZN . ? A ZN 101 ? 1_555 O   ? G HOH .  ? A HOH 207 ? 1_555 83.4  ? 
4  N   ? A GLY 1 ? A GLY 1   ? 1_555 ZN ? D ZN . ? A ZN 101 ? 1_555 O   ? G HOH .  ? A HOH 240 ? 1_555 92.0  ? 
5  O   ? A GLY 1 ? A GLY 1   ? 1_555 ZN ? D ZN . ? A ZN 101 ? 1_555 O   ? G HOH .  ? A HOH 240 ? 1_555 89.5  ? 
6  O   ? G HOH . ? A HOH 207 ? 1_555 ZN ? D ZN . ? A ZN 101 ? 1_555 O   ? G HOH .  ? A HOH 240 ? 1_555 90.2  ? 
7  N   ? A GLY 1 ? A GLY 1   ? 1_555 ZN ? D ZN . ? A ZN 101 ? 1_555 O   ? G HOH .  ? A HOH 242 ? 1_555 98.2  ? 
8  O   ? A GLY 1 ? A GLY 1   ? 1_555 ZN ? D ZN . ? A ZN 101 ? 1_555 O   ? G HOH .  ? A HOH 242 ? 1_555 178.0 ? 
9  O   ? G HOH . ? A HOH 207 ? 1_555 ZN ? D ZN . ? A ZN 101 ? 1_555 O   ? G HOH .  ? A HOH 242 ? 1_555 98.5  ? 
10 O   ? G HOH . ? A HOH 240 ? 1_555 ZN ? D ZN . ? A ZN 101 ? 1_555 O   ? G HOH .  ? A HOH 242 ? 1_555 90.9  ? 
11 N   ? A GLY 1 ? A GLY 1   ? 1_555 ZN ? D ZN . ? A ZN 101 ? 1_555 O   ? H HOH .  ? B HOH 239 ? 1_555 90.3  ? 
12 O   ? A GLY 1 ? A GLY 1   ? 1_555 ZN ? D ZN . ? A ZN 101 ? 1_555 O   ? H HOH .  ? B HOH 239 ? 1_555 91.6  ? 
13 O   ? G HOH . ? A HOH 207 ? 1_555 ZN ? D ZN . ? A ZN 101 ? 1_555 O   ? H HOH .  ? B HOH 239 ? 1_555 87.8  ? 
14 O   ? G HOH . ? A HOH 240 ? 1_555 ZN ? D ZN . ? A ZN 101 ? 1_555 O   ? H HOH .  ? B HOH 239 ? 1_555 177.6 ? 
15 O   ? G HOH . ? A HOH 242 ? 1_555 ZN ? D ZN . ? A ZN 101 ? 1_555 O   ? H HOH .  ? B HOH 239 ? 1_555 88.1  ? 
16 N   ? B GLY 1 ? B GLY 1   ? 1_555 ZN ? F ZN . ? B ZN 102 ? 1_555 O   ? B GLY 1  ? B GLY 1   ? 1_555 77.9  ? 
17 N   ? B GLY 1 ? B GLY 1   ? 1_555 ZN ? F ZN . ? B ZN 102 ? 1_555 OXT ? E ACT .  ? B ACT 101 ? 1_555 132.6 ? 
18 O   ? B GLY 1 ? B GLY 1   ? 1_555 ZN ? F ZN . ? B ZN 102 ? 1_555 OXT ? E ACT .  ? B ACT 101 ? 1_555 89.9  ? 
19 N   ? B GLY 1 ? B GLY 1   ? 1_555 ZN ? F ZN . ? B ZN 102 ? 1_555 N   ? C GLY 1  ? C GLY 1   ? 1_555 121.4 ? 
20 O   ? B GLY 1 ? B GLY 1   ? 1_555 ZN ? F ZN . ? B ZN 102 ? 1_555 N   ? C GLY 1  ? C GLY 1   ? 1_555 90.4  ? 
21 OXT ? E ACT . ? B ACT 101 ? 1_555 ZN ? F ZN . ? B ZN 102 ? 1_555 N   ? C GLY 1  ? C GLY 1   ? 1_555 104.1 ? 
22 N   ? B GLY 1 ? B GLY 1   ? 1_555 ZN ? F ZN . ? B ZN 102 ? 1_555 OXT ? C HYP 27 ? C HYP 27  ? 1_555 103.9 ? 
23 O   ? B GLY 1 ? B GLY 1   ? 1_555 ZN ? F ZN . ? B ZN 102 ? 1_555 OXT ? C HYP 27 ? C HYP 27  ? 1_555 59.1  ? 
24 OXT ? E ACT . ? B ACT 101 ? 1_555 ZN ? F ZN . ? B ZN 102 ? 1_555 OXT ? C HYP 27 ? C HYP 27  ? 1_555 108.3 ? 
25 N   ? C GLY 1 ? C GLY 1   ? 1_555 ZN ? F ZN . ? B ZN 102 ? 1_555 OXT ? C HYP 27 ? C HYP 27  ? 1_555 32.2  ? 
# 
loop_
_pdbx_modification_feature.ordinal 
_pdbx_modification_feature.label_comp_id 
_pdbx_modification_feature.label_asym_id 
_pdbx_modification_feature.label_seq_id 
_pdbx_modification_feature.label_alt_id 
_pdbx_modification_feature.modified_residue_label_comp_id 
_pdbx_modification_feature.modified_residue_label_asym_id 
_pdbx_modification_feature.modified_residue_label_seq_id 
_pdbx_modification_feature.modified_residue_label_alt_id 
_pdbx_modification_feature.auth_comp_id 
_pdbx_modification_feature.auth_asym_id 
_pdbx_modification_feature.auth_seq_id 
_pdbx_modification_feature.PDB_ins_code 
_pdbx_modification_feature.symmetry 
_pdbx_modification_feature.modified_residue_auth_comp_id 
_pdbx_modification_feature.modified_residue_auth_asym_id 
_pdbx_modification_feature.modified_residue_auth_seq_id 
_pdbx_modification_feature.modified_residue_PDB_ins_code 
_pdbx_modification_feature.modified_residue_symmetry 
_pdbx_modification_feature.comp_id_linking_atom 
_pdbx_modification_feature.modified_residue_id_linking_atom 
_pdbx_modification_feature.modified_residue_id 
_pdbx_modification_feature.ref_pcm_id 
_pdbx_modification_feature.ref_comp_id 
_pdbx_modification_feature.type 
_pdbx_modification_feature.category 
1  HYP A 3  ? . . . . HYP A 3  ? 1_555 . . . . . . . PRO 1 HYP Hydroxylation 'Named protein modification' 
2  HYP A 6  ? . . . . HYP A 6  ? 1_555 . . . . . . . PRO 1 HYP Hydroxylation 'Named protein modification' 
3  HYP A 9  ? . . . . HYP A 9  ? 1_555 . . . . . . . PRO 1 HYP Hydroxylation 'Named protein modification' 
4  HYP A 12 ? . . . . HYP A 12 ? 1_555 . . . . . . . PRO 1 HYP Hydroxylation 'Named protein modification' 
5  HYP A 15 ? . . . . HYP A 15 ? 1_555 . . . . . . . PRO 1 HYP Hydroxylation 'Named protein modification' 
6  HYP A 18 ? . . . . HYP A 18 ? 1_555 . . . . . . . PRO 1 HYP Hydroxylation 'Named protein modification' 
7  HYP A 21 ? . . . . HYP A 21 ? 1_555 . . . . . . . PRO 1 HYP Hydroxylation 'Named protein modification' 
8  HYP A 24 ? . . . . HYP A 24 ? 1_555 . . . . . . . PRO 1 HYP Hydroxylation 'Named protein modification' 
9  HYP A 27 ? . . . . HYP A 27 ? 1_555 . . . . . . . PRO 1 HYP Hydroxylation 'Named protein modification' 
10 HYP B 3  ? . . . . HYP B 3  ? 1_555 . . . . . . . PRO 1 HYP Hydroxylation 'Named protein modification' 
11 HYP B 6  ? . . . . HYP B 6  ? 1_555 . . . . . . . PRO 1 HYP Hydroxylation 'Named protein modification' 
12 HYP B 9  ? . . . . HYP B 9  ? 1_555 . . . . . . . PRO 1 HYP Hydroxylation 'Named protein modification' 
13 HYP B 12 A . . . . HYP B 12 ? 1_555 . . . . . . . PRO 1 HYP Hydroxylation 'Named protein modification' 
14 HYP B 12 B . . . . HYP B 12 ? 1_555 . . . . . . . PRO 1 HYP Hydroxylation 'Named protein modification' 
15 HYP B 15 ? . . . . HYP B 15 ? 1_555 . . . . . . . PRO 1 HYP Hydroxylation 'Named protein modification' 
16 HYP B 18 ? . . . . HYP B 18 ? 1_555 . . . . . . . PRO 1 HYP Hydroxylation 'Named protein modification' 
17 HYP B 21 ? . . . . HYP B 21 ? 1_555 . . . . . . . PRO 1 HYP Hydroxylation 'Named protein modification' 
18 HYP B 24 A . . . . HYP B 24 ? 1_555 . . . . . . . PRO 1 HYP Hydroxylation 'Named protein modification' 
19 HYP B 24 B . . . . HYP B 24 ? 1_555 . . . . . . . PRO 1 HYP Hydroxylation 'Named protein modification' 
20 HYP B 27 ? . . . . HYP B 27 ? 1_555 . . . . . . . PRO 1 HYP Hydroxylation 'Named protein modification' 
21 HYP C 3  ? . . . . HYP C 3  ? 1_555 . . . . . . . PRO 1 HYP Hydroxylation 'Named protein modification' 
22 HYP C 6  ? . . . . HYP C 6  ? 1_555 . . . . . . . PRO 1 HYP Hydroxylation 'Named protein modification' 
23 HYP C 9  ? . . . . HYP C 9  ? 1_555 . . . . . . . PRO 1 HYP Hydroxylation 'Named protein modification' 
24 HYP C 12 ? . . . . HYP C 12 ? 1_555 . . . . . . . PRO 1 HYP Hydroxylation 'Named protein modification' 
25 HYP C 15 ? . . . . HYP C 15 ? 1_555 . . . . . . . PRO 1 HYP Hydroxylation 'Named protein modification' 
26 HYP C 18 ? . . . . HYP C 18 ? 1_555 . . . . . . . PRO 1 HYP Hydroxylation 'Named protein modification' 
27 HYP C 21 ? . . . . HYP C 21 ? 1_555 . . . . . . . PRO 1 HYP Hydroxylation 'Named protein modification' 
28 HYP C 24 ? . . . . HYP C 24 ? 1_555 . . . . . . . PRO 1 HYP Hydroxylation 'Named protein modification' 
29 HYP C 27 ? . . . . HYP C 27 ? 1_555 . . . . . . . PRO 1 HYP Hydroxylation 'Named protein modification' 
# 
loop_
_struct_site.id 
_struct_site.pdbx_evidence_code 
_struct_site.pdbx_auth_asym_id 
_struct_site.pdbx_auth_comp_id 
_struct_site.pdbx_auth_seq_id 
_struct_site.pdbx_auth_ins_code 
_struct_site.pdbx_num_residues 
_struct_site.details 
AC1 Software A ZN  101 ? 5  'binding site for residue ZN A 101'                 
AC2 Software B ACT 101 ? 3  'binding site for residue ACT B 101'                
AC3 Software B ZN  102 ? 3  'binding site for residue ZN B 102'                 
AC4 Software B PRO 2   ? 9  'binding site for Di-peptide PRO B 2 and HYP B 3'   
AC5 Software B HYP 3   ? 11 'binding site for Di-peptide HYP B 3 and GLY B 4'   
AC6 Software B PRO 5   ? 11 'binding site for Di-peptide PRO B 5 and HYP B 6'   
AC7 Software B HYP 6   ? 12 'binding site for Di-peptide HYP B 6 and GLY B 7'   
AC8 Software B PRO 8   ? 11 'binding site for Di-peptide PRO B 8 and HYP B 9'   
AC9 Software B HYP 9   ? 10 'binding site for Di-peptide HYP B 9 and GLY B 10'  
AD1 Software B PRO 11  ? 11 'binding site for Di-peptide PRO B 11 and HYP B 12' 
AD2 Software B PRO 11  ? 11 'binding site for Di-peptide PRO B 11 and HYP B 12' 
AD3 Software B HYP 12  ? 13 'binding site for Di-peptide HYP B 12 and ALA B 13' 
AD4 Software B HYP 12  ? 13 'binding site for Di-peptide HYP B 12 and ALA B 13' 
AD5 Software B LEU 14  ? 11 'binding site for Di-peptide LEU B 14 and HYP B 15' 
AD6 Software B HYP 15  ? 12 'binding site for Di-peptide HYP B 15 and GLY B 16' 
AD7 Software B PRO 17  ? 10 'binding site for Di-peptide PRO B 17 and HYP B 18' 
AD8 Software B HYP 18  ? 11 'binding site for Di-peptide HYP B 18 and GLY B 19' 
AD9 Software B PRO 20  ? 11 'binding site for Di-peptide PRO B 20 and HYP B 21' 
AE1 Software B HYP 21  ? 11 'binding site for Di-peptide HYP B 21 and GLY B 22' 
AE2 Software B PRO 23  ? 11 'binding site for Di-peptide PRO B 23 and HYP B 24' 
AE3 Software B HYP 24  ? 12 'binding site for Di-peptide HYP B 24 and GLY B 25' 
AE4 Software B PRO 26  ? 8  'binding site for Di-peptide PRO B 26 and HYP B 27' 
AE5 Software C PRO 2   ? 11 'binding site for Di-peptide PRO C 2 and HYP C 3'   
AE6 Software C HYP 3   ? 12 'binding site for Di-peptide HYP C 3 and GLY C 4'   
AE7 Software C PRO 5   ? 10 'binding site for Di-peptide PRO C 5 and HYP C 6'   
AE8 Software C HYP 6   ? 13 'binding site for Di-peptide HYP C 6 and GLY C 7'   
AE9 Software C PRO 8   ? 12 'binding site for Di-peptide PRO C 8 and HYP C 9'   
AF1 Software C HYP 9   ? 12 'binding site for Di-peptide HYP C 9 and GLY C 10'  
AF2 Software C PRO 11  ? 7  'binding site for Di-peptide PRO C 11 and HYP C 12' 
AF3 Software C HYP 12  ? 9  'binding site for Di-peptide HYP C 12 and ALA C 13' 
AF4 Software C LEU 14  ? 13 'binding site for Di-peptide LEU C 14 and HYP C 15' 
AF5 Software C LEU 14  ? 13 'binding site for Di-peptide LEU C 14 and HYP C 15' 
AF6 Software C HYP 15  ? 12 'binding site for Di-peptide HYP C 15 and GLY C 16' 
AF7 Software C PRO 17  ? 10 'binding site for Di-peptide PRO C 17 and HYP C 18' 
AF8 Software C HYP 18  ? 11 'binding site for Di-peptide HYP C 18 and GLY C 19' 
AF9 Software C PRO 20  ? 9  'binding site for Di-peptide PRO C 20 and HYP C 21' 
AG1 Software C HYP 21  ? 11 'binding site for Di-peptide HYP C 21 and GLY C 22' 
AG2 Software C PRO 23  ? 11 'binding site for Di-peptide PRO C 23 and HYP C 24' 
AG3 Software C HYP 24  ? 11 'binding site for Di-peptide HYP C 24 and GLY C 25' 
AG4 Software C PRO 26  ? 5  'binding site for Di-peptide PRO C 26 and HYP C 27' 
# 
loop_
_struct_site_gen.id 
_struct_site_gen.site_id 
_struct_site_gen.pdbx_num_res 
_struct_site_gen.label_comp_id 
_struct_site_gen.label_asym_id 
_struct_site_gen.label_seq_id 
_struct_site_gen.pdbx_auth_ins_code 
_struct_site_gen.auth_comp_id 
_struct_site_gen.auth_asym_id 
_struct_site_gen.auth_seq_id 
_struct_site_gen.label_atom_id 
_struct_site_gen.label_alt_id 
_struct_site_gen.symmetry 
_struct_site_gen.details 
1   AC1 5  GLY A 1  ? GLY A 1   . ? 1_555 ? 
2   AC1 5  HOH G .  ? HOH A 207 . ? 1_555 ? 
3   AC1 5  HOH G .  ? HOH A 240 . ? 1_555 ? 
4   AC1 5  HOH G .  ? HOH A 242 . ? 1_555 ? 
5   AC1 5  HOH H .  ? HOH B 239 . ? 1_555 ? 
6   AC2 3  GLY B 1  ? GLY B 1   . ? 1_555 ? 
7   AC2 3  ZN  F .  ? ZN  B 102 . ? 1_555 ? 
8   AC2 3  GLY C 1  ? GLY C 1   . ? 1_555 ? 
9   AC3 3  GLY B 1  ? GLY B 1   . ? 1_555 ? 
10  AC3 3  ACT E .  ? ACT B 101 . ? 1_555 ? 
11  AC3 3  GLY C 1  ? GLY C 1   . ? 1_555 ? 
12  AC4 9  HYP A 3  ? HYP A 3   . ? 1_555 ? 
13  AC4 9  GLY A 4  ? GLY A 4   . ? 1_555 ? 
14  AC4 9  GLY B 1  ? GLY B 1   . ? 1_555 ? 
15  AC4 9  GLY B 4  ? GLY B 4   . ? 1_555 ? 
16  AC4 9  HOH H .  ? HOH B 220 . ? 1_555 ? 
17  AC4 9  HOH H .  ? HOH B 227 . ? 1_555 ? 
18  AC4 9  HOH H .  ? HOH B 231 . ? 1_555 ? 
19  AC4 9  HOH H .  ? HOH B 232 . ? 1_555 ? 
20  AC4 9  PRO C 2  ? PRO C 2   . ? 1_555 ? 
21  AC5 11 GLY A 4  ? GLY A 4   . ? 1_555 ? 
22  AC5 11 PRO A 5  ? PRO A 5   . ? 1_555 ? 
23  AC5 11 PRO B 2  ? PRO B 2   . ? 1_555 ? 
24  AC5 11 PRO B 5  ? PRO B 5   . ? 1_555 ? 
25  AC5 11 HOH H .  ? HOH B 218 . ? 1_555 ? 
26  AC5 11 HOH H .  ? HOH B 220 . ? 1_555 ? 
27  AC5 11 HOH H .  ? HOH B 227 . ? 1_555 ? 
28  AC5 11 HOH H .  ? HOH B 231 . ? 1_555 ? 
29  AC5 11 HOH H .  ? HOH B 232 . ? 1_555 ? 
30  AC5 11 PRO C 2  ? PRO C 2   . ? 1_555 ? 
31  AC5 11 GLY C 4  ? GLY C 4   . ? 1_555 ? 
32  AC6 11 HYP A 6  ? HYP A 6   . ? 1_555 ? 
33  AC6 11 GLY A 7  ? GLY A 7   . ? 1_555 ? 
34  AC6 11 GLY B 4  ? GLY B 4   . ? 1_555 ? 
35  AC6 11 GLY B 7  ? GLY B 7   . ? 1_555 ? 
36  AC6 11 HOH H .  ? HOH B 206 . ? 1_555 ? 
37  AC6 11 HOH H .  ? HOH B 208 . ? 1_555 ? 
38  AC6 11 HOH H .  ? HOH B 213 . ? 1_555 ? 
39  AC6 11 HOH H .  ? HOH B 234 . ? 1_555 ? 
40  AC6 11 GLY C 4  ? GLY C 4   . ? 1_555 ? 
41  AC6 11 PRO C 5  ? PRO C 5   . ? 1_555 ? 
42  AC6 11 HYP C 27 ? HYP C 27  . ? 1_354 ? 
43  AC7 12 GLY A 7  ? GLY A 7   . ? 1_555 ? 
44  AC7 12 PRO A 8  ? PRO A 8   . ? 1_555 ? 
45  AC7 12 PRO B 5  ? PRO B 5   . ? 1_555 ? 
46  AC7 12 PRO B 8  ? PRO B 8   . ? 1_555 ? 
47  AC7 12 HOH H .  ? HOH B 206 . ? 1_555 ? 
48  AC7 12 HOH H .  ? HOH B 207 . ? 1_555 ? 
49  AC7 12 HOH H .  ? HOH B 208 . ? 1_555 ? 
50  AC7 12 HOH H .  ? HOH B 213 . ? 1_555 ? 
51  AC7 12 HOH H .  ? HOH B 234 . ? 1_555 ? 
52  AC7 12 PRO C 5  ? PRO C 5   . ? 1_555 ? 
53  AC7 12 GLY C 7  ? GLY C 7   . ? 1_555 ? 
54  AC7 12 PRO C 8  ? PRO C 8   . ? 1_555 ? 
55  AC8 11 GLY A 7  ? GLY A 7   . ? 1_555 ? 
56  AC8 11 HYP A 9  ? HYP A 9   . ? 1_555 ? 
57  AC8 11 GLY A 10 ? GLY A 10  . ? 1_555 ? 
58  AC8 11 GLY B 7  ? GLY B 7   . ? 1_555 ? 
59  AC8 11 GLY B 10 ? GLY B 10  . ? 1_555 ? 
60  AC8 11 HOH H .  ? HOH B 221 . ? 1_555 ? 
61  AC8 11 HOH H .  ? HOH B 224 . ? 1_555 ? 
62  AC8 11 HOH H .  ? HOH B 225 . ? 1_555 ? 
63  AC8 11 HYP C 3  ? HYP C 3   . ? 1_655 ? 
64  AC8 11 GLY C 7  ? GLY C 7   . ? 1_555 ? 
65  AC8 11 PRO C 8  ? PRO C 8   . ? 1_555 ? 
66  AC9 10 GLY A 10 ? GLY A 10  . ? 1_555 ? 
67  AC9 10 PRO B 8  ? PRO B 8   . ? 1_555 ? 
68  AC9 10 PRO B 11 ? PRO B 11  . ? 1_555 ? 
69  AC9 10 HOH H .  ? HOH B 210 . ? 1_555 ? 
70  AC9 10 HOH H .  ? HOH B 221 . ? 1_555 ? 
71  AC9 10 HOH H .  ? HOH B 224 . ? 1_555 ? 
72  AC9 10 HOH H .  ? HOH B 225 . ? 1_555 ? 
73  AC9 10 HYP C 3  ? HYP C 3   . ? 1_655 ? 
74  AC9 10 PRO C 8  ? PRO C 8   . ? 1_555 ? 
75  AC9 10 GLY C 10 ? GLY C 10  . ? 1_555 ? 
76  AD1 11 GLY A 10 ? GLY A 10  . ? 1_555 ? 
77  AD1 11 HYP A 12 ? HYP A 12  . ? 1_555 ? 
78  AD1 11 ALA A 13 ? ALA A 13  . ? 1_555 ? 
79  AD1 11 GLY B 10 ? GLY B 10  . ? 1_555 ? 
80  AD1 11 ALA B 13 ? ALA B 13  . ? 1_555 ? 
81  AD1 11 HOH H .  ? HOH B 203 . ? 1_555 ? 
82  AD1 11 HOH H .  ? HOH B 210 . ? 1_555 ? 
83  AD1 11 HOH H .  ? HOH B 214 . ? 1_555 ? 
84  AD1 11 HOH H .  ? HOH B 236 . ? 1_555 ? 
85  AD1 11 GLY C 10 ? GLY C 10  . ? 1_555 ? 
86  AD1 11 PRO C 11 ? PRO C 11  . ? 1_555 ? 
87  AD2 11 GLY A 10 ? GLY A 10  . ? 1_555 ? 
88  AD2 11 HYP A 12 ? HYP A 12  . ? 1_555 ? 
89  AD2 11 ALA A 13 ? ALA A 13  . ? 1_555 ? 
90  AD2 11 GLY B 10 ? GLY B 10  . ? 1_555 ? 
91  AD2 11 ALA B 13 ? ALA B 13  . ? 1_555 ? 
92  AD2 11 HOH H .  ? HOH B 203 . ? 1_555 ? 
93  AD2 11 HOH H .  ? HOH B 210 . ? 1_555 ? 
94  AD2 11 HOH H .  ? HOH B 214 . ? 1_555 ? 
95  AD2 11 HOH H .  ? HOH B 236 . ? 1_555 ? 
96  AD2 11 GLY C 10 ? GLY C 10  . ? 1_555 ? 
97  AD2 11 PRO C 11 ? PRO C 11  . ? 1_555 ? 
98  AD3 13 ALA A 13 ? ALA A 13  . ? 1_555 ? 
99  AD3 13 LEU A 14 ? LEU A 14  . ? 1_555 ? 
100 AD3 13 PRO B 11 ? PRO B 11  . ? 1_555 ? 
101 AD3 13 LEU B 14 ? LEU B 14  . ? 1_555 ? 
102 AD3 13 HYP B 15 ? HYP B 15  . ? 1_555 ? 
103 AD3 13 HOH H .  ? HOH B 203 . ? 1_555 ? 
104 AD3 13 HOH H .  ? HOH B 210 . ? 1_555 ? 
105 AD3 13 HOH H .  ? HOH B 214 . ? 1_555 ? 
106 AD3 13 HOH H .  ? HOH B 222 . ? 1_555 ? 
107 AD3 13 HOH H .  ? HOH B 228 . ? 1_555 ? 
108 AD3 13 HOH H .  ? HOH B 236 . ? 1_555 ? 
109 AD3 13 PRO C 11 ? PRO C 11  . ? 1_555 ? 
110 AD3 13 HOH I .  ? HOH C 126 . ? 1_555 ? 
111 AD4 13 ALA A 13 ? ALA A 13  . ? 1_555 ? 
112 AD4 13 LEU A 14 ? LEU A 14  . ? 1_555 ? 
113 AD4 13 PRO B 11 ? PRO B 11  . ? 1_555 ? 
114 AD4 13 LEU B 14 ? LEU B 14  . ? 1_555 ? 
115 AD4 13 HYP B 15 ? HYP B 15  . ? 1_555 ? 
116 AD4 13 HOH H .  ? HOH B 203 . ? 1_555 ? 
117 AD4 13 HOH H .  ? HOH B 210 . ? 1_555 ? 
118 AD4 13 HOH H .  ? HOH B 214 . ? 1_555 ? 
119 AD4 13 HOH H .  ? HOH B 222 . ? 1_555 ? 
120 AD4 13 HOH H .  ? HOH B 228 . ? 1_555 ? 
121 AD4 13 HOH H .  ? HOH B 236 . ? 1_555 ? 
122 AD4 13 PRO C 11 ? PRO C 11  . ? 1_555 ? 
123 AD4 13 HOH I .  ? HOH C 126 . ? 1_555 ? 
124 AD5 11 HYP A 15 ? HYP A 15  . ? 1_555 ? 
125 AD5 11 GLY A 16 ? GLY A 16  . ? 1_555 ? 
126 AD5 11 HOH G .  ? HOH A 206 . ? 1_555 ? 
127 AD5 11 ALA B 13 ? ALA B 13  . ? 1_555 ? 
128 AD5 11 GLY B 16 ? GLY B 16  . ? 1_555 ? 
129 AD5 11 HOH H .  ? HOH B 217 . ? 1_555 ? 
130 AD5 11 HOH H .  ? HOH B 222 . ? 1_555 ? 
131 AD5 11 HOH H .  ? HOH B 229 . ? 1_555 ? 
132 AD5 11 HOH H .  ? HOH B 237 . ? 1_555 ? 
133 AD5 11 ALA C 13 ? ALA C 13  . ? 1_555 ? 
134 AD5 11 LEU C 14 ? LEU C 14  . ? 1_555 ? 
135 AD6 12 GLY A 16 ? GLY A 16  . ? 1_555 ? 
136 AD6 12 PRO A 17 ? PRO A 17  . ? 1_555 ? 
137 AD6 12 ALA B 13 ? ALA B 13  . ? 1_555 ? 
138 AD6 12 LEU B 14 ? LEU B 14  . ? 1_555 ? 
139 AD6 12 PRO B 17 ? PRO B 17  . ? 1_555 ? 
140 AD6 12 HOH H .  ? HOH B 209 . ? 1_555 ? 
141 AD6 12 HOH H .  ? HOH B 217 . ? 1_555 ? 
142 AD6 12 HOH H .  ? HOH B 222 . ? 1_555 ? 
143 AD6 12 HOH H .  ? HOH B 229 . ? 1_555 ? 
144 AD6 12 HOH H .  ? HOH B 237 . ? 1_555 ? 
145 AD6 12 LEU C 14 ? LEU C 14  . ? 1_555 ? 
146 AD6 12 GLY C 16 ? GLY C 16  . ? 1_555 ? 
147 AD7 10 HYP A 18 ? HYP A 18  . ? 1_555 ? 
148 AD7 10 GLY A 19 ? GLY A 19  . ? 1_555 ? 
149 AD7 10 HYP A 24 ? HYP A 24  . ? 1_455 ? 
150 AD7 10 GLY B 16 ? GLY B 16  . ? 1_555 ? 
151 AD7 10 GLY B 19 ? GLY B 19  . ? 1_555 ? 
152 AD7 10 HOH H .  ? HOH B 230 . ? 1_555 ? 
153 AD7 10 HOH H .  ? HOH B 238 . ? 1_555 ? 
154 AD7 10 GLY C 16 ? GLY C 16  . ? 1_555 ? 
155 AD7 10 PRO C 17 ? PRO C 17  . ? 1_555 ? 
156 AD7 10 HOH I .  ? HOH C 116 . ? 1_555 ? 
157 AD8 11 GLY A 19 ? GLY A 19  . ? 1_555 ? 
158 AD8 11 PRO A 20 ? PRO A 20  . ? 1_555 ? 
159 AD8 11 PRO B 17 ? PRO B 17  . ? 1_555 ? 
160 AD8 11 PRO B 20 ? PRO B 20  . ? 1_555 ? 
161 AD8 11 HOH H .  ? HOH B 212 . ? 1_555 ? 
162 AD8 11 HOH H .  ? HOH B 230 . ? 1_555 ? 
163 AD8 11 HOH H .  ? HOH B 238 . ? 1_555 ? 
164 AD8 11 PRO C 17 ? PRO C 17  . ? 1_555 ? 
165 AD8 11 GLY C 19 ? GLY C 19  . ? 1_555 ? 
166 AD8 11 PRO C 20 ? PRO C 20  . ? 1_555 ? 
167 AD8 11 HOH I .  ? HOH C 116 . ? 1_555 ? 
168 AD9 11 GLY A 19 ? GLY A 19  . ? 1_555 ? 
169 AD9 11 HYP A 21 ? HYP A 21  . ? 1_555 ? 
170 AD9 11 GLY A 22 ? GLY A 22  . ? 1_555 ? 
171 AD9 11 HOH G .  ? HOH A 215 . ? 1_455 ? 
172 AD9 11 GLY B 19 ? GLY B 19  . ? 1_555 ? 
173 AD9 11 GLY B 22 ? GLY B 22  . ? 1_555 ? 
174 AD9 11 PRO B 26 ? PRO B 26  . ? 1_455 ? 
175 AD9 11 HOH H .  ? HOH B 212 . ? 1_555 ? 
176 AD9 11 HOH H .  ? HOH B 226 . ? 1_555 ? 
177 AD9 11 GLY C 19 ? GLY C 19  . ? 1_555 ? 
178 AD9 11 PRO C 20 ? PRO C 20  . ? 1_555 ? 
179 AE1 11 GLY A 22 ? GLY A 22  . ? 1_555 ? 
180 AE1 11 PRO A 23 ? PRO A 23  . ? 1_555 ? 
181 AE1 11 HOH G .  ? HOH A 215 . ? 1_455 ? 
182 AE1 11 PRO B 20 ? PRO B 20  . ? 1_555 ? 
183 AE1 11 PRO B 23 ? PRO B 23  . ? 1_555 ? 
184 AE1 11 PRO B 26 ? PRO B 26  . ? 1_455 ? 
185 AE1 11 HOH H .  ? HOH B 212 . ? 1_555 ? 
186 AE1 11 HOH H .  ? HOH B 216 . ? 1_555 ? 
187 AE1 11 HOH H .  ? HOH B 226 . ? 1_555 ? 
188 AE1 11 PRO C 20 ? PRO C 20  . ? 1_555 ? 
189 AE1 11 GLY C 22 ? GLY C 22  . ? 1_555 ? 
190 AE2 11 HYP A 24 ? HYP A 24  . ? 1_555 ? 
191 AE2 11 GLY A 25 ? GLY A 25  . ? 1_555 ? 
192 AE2 11 GLY B 22 ? GLY B 22  . ? 1_555 ? 
193 AE2 11 GLY B 25 ? GLY B 25  . ? 1_555 ? 
194 AE2 11 HOH H .  ? HOH B 201 . ? 1_555 ? 
195 AE2 11 HOH H .  ? HOH B 202 . ? 1_555 ? 
196 AE2 11 HOH H .  ? HOH B 211 . ? 1_555 ? 
197 AE2 11 HOH H .  ? HOH B 219 . ? 1_555 ? 
198 AE2 11 HOH H .  ? HOH B 233 . ? 1_555 ? 
199 AE2 11 GLY C 22 ? GLY C 22  . ? 1_555 ? 
200 AE2 11 PRO C 23 ? PRO C 23  . ? 1_555 ? 
201 AE3 12 GLY A 25 ? GLY A 25  . ? 1_555 ? 
202 AE3 12 PRO A 26 ? PRO A 26  . ? 1_555 ? 
203 AE3 12 PRO B 23 ? PRO B 23  . ? 1_555 ? 
204 AE3 12 PRO B 26 ? PRO B 26  . ? 1_555 ? 
205 AE3 12 HOH H .  ? HOH B 201 . ? 1_555 ? 
206 AE3 12 HOH H .  ? HOH B 202 . ? 1_555 ? 
207 AE3 12 HOH H .  ? HOH B 204 . ? 1_555 ? 
208 AE3 12 HOH H .  ? HOH B 211 . ? 1_555 ? 
209 AE3 12 HOH H .  ? HOH B 219 . ? 1_555 ? 
210 AE3 12 HOH H .  ? HOH B 233 . ? 1_555 ? 
211 AE3 12 PRO C 23 ? PRO C 23  . ? 1_555 ? 
212 AE3 12 GLY C 25 ? GLY C 25  . ? 1_555 ? 
213 AE4 8  HYP A 27 ? HYP A 27  . ? 1_555 ? 
214 AE4 8  HYP B 21 ? HYP B 21  . ? 1_655 ? 
215 AE4 8  GLY B 25 ? GLY B 25  . ? 1_555 ? 
216 AE4 8  HOH H .  ? HOH B 205 . ? 1_555 ? 
217 AE4 8  HOH H .  ? HOH B 215 . ? 1_555 ? 
218 AE4 8  HOH H .  ? HOH B 223 . ? 1_555 ? 
219 AE4 8  HOH H .  ? HOH B 240 . ? 1_555 ? 
220 AE4 8  PRO C 26 ? PRO C 26  . ? 1_555 ? 
221 AE5 11 GLY A 4  ? GLY A 4   . ? 1_555 ? 
222 AE5 11 PRO A 5  ? PRO A 5   . ? 1_555 ? 
223 AE5 11 HYP B 3  ? HYP B 3   . ? 1_555 ? 
224 AE5 11 GLY B 4  ? GLY B 4   . ? 1_555 ? 
225 AE5 11 HYP B 9  ? HYP B 9   . ? 1_455 ? 
226 AE5 11 GLY C 1  ? GLY C 1   . ? 1_555 ? 
227 AE5 11 GLY C 4  ? GLY C 4   . ? 1_555 ? 
228 AE5 11 PRO C 8  ? PRO C 8   . ? 1_455 ? 
229 AE5 11 HOH I .  ? HOH C 110 . ? 1_555 ? 
230 AE5 11 HOH I .  ? HOH C 136 . ? 1_555 ? 
231 AE5 11 HOH I .  ? HOH C 137 . ? 1_555 ? 
232 AE6 12 PRO A 5  ? PRO A 5   . ? 1_555 ? 
233 AE6 12 GLY A 7  ? GLY A 7   . ? 1_555 ? 
234 AE6 12 GLY B 4  ? GLY B 4   . ? 1_555 ? 
235 AE6 12 PRO B 5  ? PRO B 5   . ? 1_555 ? 
236 AE6 12 HYP B 9  ? HYP B 9   . ? 1_455 ? 
237 AE6 12 PRO C 2  ? PRO C 2   . ? 1_555 ? 
238 AE6 12 PRO C 5  ? PRO C 5   . ? 1_555 ? 
239 AE6 12 PRO C 8  ? PRO C 8   . ? 1_455 ? 
240 AE6 12 HOH I .  ? HOH C 110 . ? 1_555 ? 
241 AE6 12 HOH I .  ? HOH C 125 . ? 1_555 ? 
242 AE6 12 HOH I .  ? HOH C 136 . ? 1_555 ? 
243 AE6 12 HOH I .  ? HOH C 137 . ? 1_555 ? 
244 AE7 10 GLY A 7  ? GLY A 7   . ? 1_555 ? 
245 AE7 10 PRO A 8  ? PRO A 8   . ? 1_555 ? 
246 AE7 10 HYP B 6  ? HYP B 6   . ? 1_555 ? 
247 AE7 10 GLY B 7  ? GLY B 7   . ? 1_555 ? 
248 AE7 10 GLY C 4  ? GLY C 4   . ? 1_555 ? 
249 AE7 10 GLY C 7  ? GLY C 7   . ? 1_555 ? 
250 AE7 10 HOH I .  ? HOH C 104 . ? 1_555 ? 
251 AE7 10 HOH I .  ? HOH C 107 . ? 1_555 ? 
252 AE7 10 HOH I .  ? HOH C 119 . ? 1_555 ? 
253 AE7 10 HOH I .  ? HOH C 121 . ? 1_555 ? 
254 AE8 13 PRO A 8  ? PRO A 8   . ? 1_555 ? 
255 AE8 13 GLY A 10 ? GLY A 10  . ? 1_555 ? 
256 AE8 13 PRO A 11 ? PRO A 11  . ? 1_555 ? 
257 AE8 13 GLY B 7  ? GLY B 7   . ? 1_555 ? 
258 AE8 13 PRO B 8  ? PRO B 8   . ? 1_555 ? 
259 AE8 13 PRO C 5  ? PRO C 5   . ? 1_555 ? 
260 AE8 13 PRO C 8  ? PRO C 8   . ? 1_555 ? 
261 AE8 13 HYP C 9  ? HYP C 9   . ? 1_555 ? 
262 AE8 13 HOH I .  ? HOH C 104 . ? 1_555 ? 
263 AE8 13 HOH I .  ? HOH C 107 . ? 1_555 ? 
264 AE8 13 HOH I .  ? HOH C 119 . ? 1_555 ? 
265 AE8 13 HOH I .  ? HOH C 121 . ? 1_555 ? 
266 AE8 13 HOH I .  ? HOH C 133 . ? 1_555 ? 
267 AE9 12 GLY A 10 ? GLY A 10  . ? 1_555 ? 
268 AE9 12 PRO A 11 ? PRO A 11  . ? 1_555 ? 
269 AE9 12 GLY B 7  ? GLY B 7   . ? 1_555 ? 
270 AE9 12 HYP B 9  ? HYP B 9   . ? 1_555 ? 
271 AE9 12 GLY B 10 ? GLY B 10  . ? 1_555 ? 
272 AE9 12 HYP C 3  ? HYP C 3   . ? 1_655 ? 
273 AE9 12 GLY C 7  ? GLY C 7   . ? 1_555 ? 
274 AE9 12 GLY C 10 ? GLY C 10  . ? 1_555 ? 
275 AE9 12 HOH I .  ? HOH C 103 . ? 1_555 ? 
276 AE9 12 HOH I .  ? HOH C 105 . ? 1_555 ? 
277 AE9 12 HOH I .  ? HOH C 130 . ? 1_555 ? 
278 AE9 12 HOH I .  ? HOH C 132 . ? 1_555 ? 
279 AF1 12 PRO A 11 ? PRO A 11  . ? 1_555 ? 
280 AF1 12 GLY B 10 ? GLY B 10  . ? 1_555 ? 
281 AF1 12 PRO B 11 ? PRO B 11  . ? 1_555 ? 
282 AF1 12 GLY C 7  ? GLY C 7   . ? 1_555 ? 
283 AF1 12 PRO C 8  ? PRO C 8   . ? 1_555 ? 
284 AF1 12 PRO C 11 ? PRO C 11  . ? 1_555 ? 
285 AF1 12 HOH I .  ? HOH C 103 . ? 1_555 ? 
286 AF1 12 HOH I .  ? HOH C 105 . ? 1_555 ? 
287 AF1 12 HOH I .  ? HOH C 124 . ? 1_555 ? 
288 AF1 12 HOH I .  ? HOH C 128 . ? 1_555 ? 
289 AF1 12 HOH I .  ? HOH C 130 . ? 1_555 ? 
290 AF1 12 HOH I .  ? HOH C 132 . ? 1_555 ? 
291 AF2 7  ALA A 13 ? ALA A 13  . ? 1_555 ? 
292 AF2 7  HYP B 12 ? HYP B 12  . ? 1_555 ? 
293 AF2 7  GLY C 10 ? GLY C 10  . ? 1_555 ? 
294 AF2 7  ALA C 13 ? ALA C 13  . ? 1_555 ? 
295 AF2 7  HOH I .  ? HOH C 114 . ? 1_555 ? 
296 AF2 7  HOH I .  ? HOH C 115 . ? 1_555 ? 
297 AF2 7  HOH I .  ? HOH C 126 . ? 1_555 ? 
298 AF3 9  LEU A 14 ? LEU A 14  . ? 1_555 ? 
299 AF3 9  GLY A 16 ? GLY A 16  . ? 1_555 ? 
300 AF3 9  HOH G .  ? HOH A 209 . ? 1_555 ? 
301 AF3 9  LEU B 14 ? LEU B 14  . ? 1_555 ? 
302 AF3 9  PRO C 11 ? PRO C 11  . ? 1_555 ? 
303 AF3 9  LEU C 14 ? LEU C 14  . ? 1_555 ? 
304 AF3 9  HOH I .  ? HOH C 113 . ? 1_555 ? 
305 AF3 9  HOH I .  ? HOH C 114 . ? 1_555 ? 
306 AF3 9  HOH I .  ? HOH C 115 . ? 1_555 ? 
307 AF4 13 HYP A 12 ? HYP A 12  . ? 1_655 ? 
308 AF4 13 GLY A 16 ? GLY A 16  . ? 1_555 ? 
309 AF4 13 PRO A 17 ? PRO A 17  . ? 1_555 ? 
310 AF4 13 HYP B 15 ? HYP B 15  . ? 1_555 ? 
311 AF4 13 GLY B 16 ? GLY B 16  . ? 1_555 ? 
312 AF4 13 HOH H .  ? HOH B 222 . ? 1_555 ? 
313 AF4 13 ALA C 13 ? ALA C 13  . ? 1_555 ? 
314 AF4 13 GLY C 16 ? GLY C 16  . ? 1_555 ? 
315 AF4 13 HOH I .  ? HOH C 102 . ? 1_555 ? 
316 AF4 13 HOH I .  ? HOH C 111 . ? 1_555 ? 
317 AF4 13 HOH I .  ? HOH C 127 . ? 1_555 ? 
318 AF4 13 HOH I .  ? HOH C 134 . ? 1_555 ? 
319 AF4 13 HOH I .  ? HOH C 141 . ? 1_555 ? 
320 AF5 13 HYP A 12 ? HYP A 12  . ? 1_655 ? 
321 AF5 13 GLY A 16 ? GLY A 16  . ? 1_555 ? 
322 AF5 13 PRO A 17 ? PRO A 17  . ? 1_555 ? 
323 AF5 13 HYP B 15 ? HYP B 15  . ? 1_555 ? 
324 AF5 13 GLY B 16 ? GLY B 16  . ? 1_555 ? 
325 AF5 13 HOH H .  ? HOH B 222 . ? 1_555 ? 
326 AF5 13 ALA C 13 ? ALA C 13  . ? 1_555 ? 
327 AF5 13 GLY C 16 ? GLY C 16  . ? 1_555 ? 
328 AF5 13 HOH I .  ? HOH C 102 . ? 1_555 ? 
329 AF5 13 HOH I .  ? HOH C 111 . ? 1_555 ? 
330 AF5 13 HOH I .  ? HOH C 127 . ? 1_555 ? 
331 AF5 13 HOH I .  ? HOH C 134 . ? 1_555 ? 
332 AF5 13 HOH I .  ? HOH C 141 . ? 1_555 ? 
333 AF6 12 PRO A 17 ? PRO A 17  . ? 1_555 ? 
334 AF6 12 GLY A 19 ? GLY A 19  . ? 1_555 ? 
335 AF6 12 PRO A 20 ? PRO A 20  . ? 1_555 ? 
336 AF6 12 GLY B 16 ? GLY B 16  . ? 1_555 ? 
337 AF6 12 PRO B 17 ? PRO B 17  . ? 1_555 ? 
338 AF6 12 LEU C 14 ? LEU C 14  . ? 1_555 ? 
339 AF6 12 PRO C 17 ? PRO C 17  . ? 1_555 ? 
340 AF6 12 HOH I .  ? HOH C 102 . ? 1_555 ? 
341 AF6 12 HOH I .  ? HOH C 111 . ? 1_555 ? 
342 AF6 12 HOH I .  ? HOH C 118 . ? 1_555 ? 
343 AF6 12 HOH I .  ? HOH C 127 . ? 1_555 ? 
344 AF6 12 HOH I .  ? HOH C 134 . ? 1_555 ? 
345 AF7 10 GLY A 19 ? GLY A 19  . ? 1_555 ? 
346 AF7 10 PRO A 20 ? PRO A 20  . ? 1_555 ? 
347 AF7 10 HOH G .  ? HOH A 213 . ? 1_655 ? 
348 AF7 10 HYP B 18 ? HYP B 18  . ? 1_555 ? 
349 AF7 10 GLY B 19 ? GLY B 19  . ? 1_555 ? 
350 AF7 10 GLY C 16 ? GLY C 16  . ? 1_555 ? 
351 AF7 10 GLY C 19 ? GLY C 19  . ? 1_555 ? 
352 AF7 10 HOH I .  ? HOH C 116 . ? 1_555 ? 
353 AF7 10 HOH I .  ? HOH C 117 . ? 1_555 ? 
354 AF7 10 HOH I .  ? HOH C 129 . ? 1_555 ? 
355 AF8 11 PRO A 20 ? PRO A 20  . ? 1_555 ? 
356 AF8 11 GLY A 22 ? GLY A 22  . ? 1_555 ? 
357 AF8 11 HOH G .  ? HOH A 213 . ? 1_655 ? 
358 AF8 11 GLY B 19 ? GLY B 19  . ? 1_555 ? 
359 AF8 11 PRO B 20 ? PRO B 20  . ? 1_555 ? 
360 AF8 11 PRO C 17 ? PRO C 17  . ? 1_555 ? 
361 AF8 11 PRO C 20 ? PRO C 20  . ? 1_555 ? 
362 AF8 11 HYP C 21 ? HYP C 21  . ? 1_555 ? 
363 AF8 11 HOH I .  ? HOH C 116 . ? 1_555 ? 
364 AF8 11 HOH I .  ? HOH C 117 . ? 1_555 ? 
365 AF8 11 HOH I .  ? HOH C 129 . ? 1_555 ? 
366 AF9 9  GLY A 22 ? GLY A 22  . ? 1_555 ? 
367 AF9 9  PRO A 23 ? PRO A 23  . ? 1_555 ? 
368 AF9 9  GLY B 19 ? GLY B 19  . ? 1_555 ? 
369 AF9 9  HYP B 21 ? HYP B 21  . ? 1_555 ? 
370 AF9 9  GLY B 22 ? GLY B 22  . ? 1_555 ? 
371 AF9 9  GLY C 19 ? GLY C 19  . ? 1_555 ? 
372 AF9 9  GLY C 22 ? GLY C 22  . ? 1_555 ? 
373 AF9 9  HOH I .  ? HOH C 108 . ? 1_555 ? 
374 AF9 9  HOH I .  ? HOH C 120 . ? 1_555 ? 
375 AG1 11 PRO A 23 ? PRO A 23  . ? 1_555 ? 
376 AG1 11 GLY A 25 ? GLY A 25  . ? 1_555 ? 
377 AG1 11 PRO A 26 ? PRO A 26  . ? 1_555 ? 
378 AG1 11 GLY B 22 ? GLY B 22  . ? 1_555 ? 
379 AG1 11 PRO B 23 ? PRO B 23  . ? 1_555 ? 
380 AG1 11 GLY C 19 ? GLY C 19  . ? 1_555 ? 
381 AG1 11 PRO C 20 ? PRO C 20  . ? 1_555 ? 
382 AG1 11 PRO C 23 ? PRO C 23  . ? 1_555 ? 
383 AG1 11 HOH I .  ? HOH C 108 . ? 1_555 ? 
384 AG1 11 HOH I .  ? HOH C 120 . ? 1_555 ? 
385 AG1 11 HOH I .  ? HOH C 131 . ? 1_555 ? 
386 AG2 11 HYP A 3  ? HYP A 3   . ? 1_756 ? 
387 AG2 11 GLY A 25 ? GLY A 25  . ? 1_555 ? 
388 AG2 11 PRO A 26 ? PRO A 26  . ? 1_555 ? 
389 AG2 11 HYP B 24 ? HYP B 24  . ? 1_555 ? 
390 AG2 11 GLY B 25 ? GLY B 25  . ? 1_555 ? 
391 AG2 11 GLY C 22 ? GLY C 22  . ? 1_555 ? 
392 AG2 11 GLY C 25 ? GLY C 25  . ? 1_555 ? 
393 AG2 11 HOH I .  ? HOH C 109 . ? 1_555 ? 
394 AG2 11 HOH I .  ? HOH C 112 . ? 1_555 ? 
395 AG2 11 HOH I .  ? HOH C 122 . ? 1_555 ? 
396 AG2 11 HOH I .  ? HOH C 123 . ? 1_555 ? 
397 AG3 11 PRO A 26 ? PRO A 26  . ? 1_555 ? 
398 AG3 11 HOH G .  ? HOH A 221 . ? 1_555 ? 
399 AG3 11 GLY B 25 ? GLY B 25  . ? 1_555 ? 
400 AG3 11 PRO C 23 ? PRO C 23  . ? 1_555 ? 
401 AG3 11 PRO C 26 ? PRO C 26  . ? 1_555 ? 
402 AG3 11 HYP C 27 ? HYP C 27  . ? 1_555 ? 
403 AG3 11 HOH I .  ? HOH C 106 . ? 1_555 ? 
404 AG3 11 HOH I .  ? HOH C 109 . ? 1_555 ? 
405 AG3 11 HOH I .  ? HOH C 112 . ? 1_555 ? 
406 AG3 11 HOH I .  ? HOH C 122 . ? 1_555 ? 
407 AG3 11 HOH I .  ? HOH C 123 . ? 1_555 ? 
408 AG4 5  PRO B 5  ? PRO B 5   . ? 1_756 ? 
409 AG4 5  PRO B 26 ? PRO B 26  . ? 1_555 ? 
410 AG4 5  GLY C 25 ? GLY C 25  . ? 1_555 ? 
411 AG4 5  HOH I .  ? HOH C 101 . ? 1_555 ? 
412 AG4 5  HOH I .  ? HOH C 135 . ? 1_555 ? 
# 
_pdbx_entry_details.entry_id                   5Y46 
_pdbx_entry_details.compound_details           ? 
_pdbx_entry_details.source_details             ? 
_pdbx_entry_details.nonpolymer_details         ? 
_pdbx_entry_details.sequence_details           ? 
_pdbx_entry_details.has_ligand_of_interest     ? 
_pdbx_entry_details.has_protein_modification   Y 
# 
loop_
_pdbx_validate_close_contact.id 
_pdbx_validate_close_contact.PDB_model_num 
_pdbx_validate_close_contact.auth_atom_id_1 
_pdbx_validate_close_contact.auth_asym_id_1 
_pdbx_validate_close_contact.auth_comp_id_1 
_pdbx_validate_close_contact.auth_seq_id_1 
_pdbx_validate_close_contact.PDB_ins_code_1 
_pdbx_validate_close_contact.label_alt_id_1 
_pdbx_validate_close_contact.auth_atom_id_2 
_pdbx_validate_close_contact.auth_asym_id_2 
_pdbx_validate_close_contact.auth_comp_id_2 
_pdbx_validate_close_contact.auth_seq_id_2 
_pdbx_validate_close_contact.PDB_ins_code_2 
_pdbx_validate_close_contact.label_alt_id_2 
_pdbx_validate_close_contact.dist 
1 1 O   A HOH 229 ? ? O A HOH 237 ? ? 2.03 
2 1 O   B HOH 246 ? ? O B HOH 247 ? ? 2.10 
3 1 OD1 B HYP 24  ? B O B HOH 201 ? ? 2.15 
4 1 CD2 C LEU 14  ? B O C HOH 141 ? ? 2.19 
5 1 O   B HOH 225 ? ? O B HOH 247 ? ? 2.19 
6 1 OD1 B HYP 24  ? A O B HOH 202 ? ? 2.19 
# 
loop_
_pdbx_validate_symm_contact.id 
_pdbx_validate_symm_contact.PDB_model_num 
_pdbx_validate_symm_contact.auth_atom_id_1 
_pdbx_validate_symm_contact.auth_asym_id_1 
_pdbx_validate_symm_contact.auth_comp_id_1 
_pdbx_validate_symm_contact.auth_seq_id_1 
_pdbx_validate_symm_contact.PDB_ins_code_1 
_pdbx_validate_symm_contact.label_alt_id_1 
_pdbx_validate_symm_contact.site_symmetry_1 
_pdbx_validate_symm_contact.auth_atom_id_2 
_pdbx_validate_symm_contact.auth_asym_id_2 
_pdbx_validate_symm_contact.auth_comp_id_2 
_pdbx_validate_symm_contact.auth_seq_id_2 
_pdbx_validate_symm_contact.PDB_ins_code_2 
_pdbx_validate_symm_contact.label_alt_id_2 
_pdbx_validate_symm_contact.site_symmetry_2 
_pdbx_validate_symm_contact.dist 
1 1 OD1 B HYP 12  ? A 1_555 O A HOH 261 ? ? 2_656 1.73 
2 1 O   A HOH 262 ? ? 1_555 O C HOH 157 ? ? 1_354 2.17 
# 
loop_
_chem_comp_atom.comp_id 
_chem_comp_atom.atom_id 
_chem_comp_atom.type_symbol 
_chem_comp_atom.pdbx_aromatic_flag 
_chem_comp_atom.pdbx_stereo_config 
_chem_comp_atom.pdbx_ordinal 
ACT C    C  N N 1  
ACT O    O  N N 2  
ACT OXT  O  N N 3  
ACT CH3  C  N N 4  
ACT H1   H  N N 5  
ACT H2   H  N N 6  
ACT H3   H  N N 7  
ALA N    N  N N 8  
ALA CA   C  N S 9  
ALA C    C  N N 10 
ALA O    O  N N 11 
ALA CB   C  N N 12 
ALA OXT  O  N N 13 
ALA H    H  N N 14 
ALA H2   H  N N 15 
ALA HA   H  N N 16 
ALA HB1  H  N N 17 
ALA HB2  H  N N 18 
ALA HB3  H  N N 19 
ALA HXT  H  N N 20 
GLY N    N  N N 21 
GLY CA   C  N N 22 
GLY C    C  N N 23 
GLY O    O  N N 24 
GLY OXT  O  N N 25 
GLY H    H  N N 26 
GLY H2   H  N N 27 
GLY HA2  H  N N 28 
GLY HA3  H  N N 29 
GLY HXT  H  N N 30 
HOH O    O  N N 31 
HOH H1   H  N N 32 
HOH H2   H  N N 33 
HYP N    N  N N 34 
HYP CA   C  N S 35 
HYP C    C  N N 36 
HYP O    O  N N 37 
HYP CB   C  N N 38 
HYP CG   C  N R 39 
HYP CD   C  N N 40 
HYP OD1  O  N N 41 
HYP OXT  O  N N 42 
HYP H    H  N N 43 
HYP HA   H  N N 44 
HYP HB2  H  N N 45 
HYP HB3  H  N N 46 
HYP HG   H  N N 47 
HYP HD22 H  N N 48 
HYP HD23 H  N N 49 
HYP HD1  H  N N 50 
HYP HXT  H  N N 51 
LEU N    N  N N 52 
LEU CA   C  N S 53 
LEU C    C  N N 54 
LEU O    O  N N 55 
LEU CB   C  N N 56 
LEU CG   C  N N 57 
LEU CD1  C  N N 58 
LEU CD2  C  N N 59 
LEU OXT  O  N N 60 
LEU H    H  N N 61 
LEU H2   H  N N 62 
LEU HA   H  N N 63 
LEU HB2  H  N N 64 
LEU HB3  H  N N 65 
LEU HG   H  N N 66 
LEU HD11 H  N N 67 
LEU HD12 H  N N 68 
LEU HD13 H  N N 69 
LEU HD21 H  N N 70 
LEU HD22 H  N N 71 
LEU HD23 H  N N 72 
LEU HXT  H  N N 73 
PRO N    N  N N 74 
PRO CA   C  N S 75 
PRO C    C  N N 76 
PRO O    O  N N 77 
PRO CB   C  N N 78 
PRO CG   C  N N 79 
PRO CD   C  N N 80 
PRO OXT  O  N N 81 
PRO H    H  N N 82 
PRO HA   H  N N 83 
PRO HB2  H  N N 84 
PRO HB3  H  N N 85 
PRO HG2  H  N N 86 
PRO HG3  H  N N 87 
PRO HD2  H  N N 88 
PRO HD3  H  N N 89 
PRO HXT  H  N N 90 
ZN  ZN   ZN N N 91 
# 
loop_
_chem_comp_bond.comp_id 
_chem_comp_bond.atom_id_1 
_chem_comp_bond.atom_id_2 
_chem_comp_bond.value_order 
_chem_comp_bond.pdbx_aromatic_flag 
_chem_comp_bond.pdbx_stereo_config 
_chem_comp_bond.pdbx_ordinal 
ACT C   O    doub N N 1  
ACT C   OXT  sing N N 2  
ACT C   CH3  sing N N 3  
ACT CH3 H1   sing N N 4  
ACT CH3 H2   sing N N 5  
ACT CH3 H3   sing N N 6  
ALA N   CA   sing N N 7  
ALA N   H    sing N N 8  
ALA N   H2   sing N N 9  
ALA CA  C    sing N N 10 
ALA CA  CB   sing N N 11 
ALA CA  HA   sing N N 12 
ALA C   O    doub N N 13 
ALA C   OXT  sing N N 14 
ALA CB  HB1  sing N N 15 
ALA CB  HB2  sing N N 16 
ALA CB  HB3  sing N N 17 
ALA OXT HXT  sing N N 18 
GLY N   CA   sing N N 19 
GLY N   H    sing N N 20 
GLY N   H2   sing N N 21 
GLY CA  C    sing N N 22 
GLY CA  HA2  sing N N 23 
GLY CA  HA3  sing N N 24 
GLY C   O    doub N N 25 
GLY C   OXT  sing N N 26 
GLY OXT HXT  sing N N 27 
HOH O   H1   sing N N 28 
HOH O   H2   sing N N 29 
HYP N   CA   sing N N 30 
HYP N   CD   sing N N 31 
HYP N   H    sing N N 32 
HYP CA  C    sing N N 33 
HYP CA  CB   sing N N 34 
HYP CA  HA   sing N N 35 
HYP C   O    doub N N 36 
HYP C   OXT  sing N N 37 
HYP CB  CG   sing N N 38 
HYP CB  HB2  sing N N 39 
HYP CB  HB3  sing N N 40 
HYP CG  CD   sing N N 41 
HYP CG  OD1  sing N N 42 
HYP CG  HG   sing N N 43 
HYP CD  HD22 sing N N 44 
HYP CD  HD23 sing N N 45 
HYP OD1 HD1  sing N N 46 
HYP OXT HXT  sing N N 47 
LEU N   CA   sing N N 48 
LEU N   H    sing N N 49 
LEU N   H2   sing N N 50 
LEU CA  C    sing N N 51 
LEU CA  CB   sing N N 52 
LEU CA  HA   sing N N 53 
LEU C   O    doub N N 54 
LEU C   OXT  sing N N 55 
LEU CB  CG   sing N N 56 
LEU CB  HB2  sing N N 57 
LEU CB  HB3  sing N N 58 
LEU CG  CD1  sing N N 59 
LEU CG  CD2  sing N N 60 
LEU CG  HG   sing N N 61 
LEU CD1 HD11 sing N N 62 
LEU CD1 HD12 sing N N 63 
LEU CD1 HD13 sing N N 64 
LEU CD2 HD21 sing N N 65 
LEU CD2 HD22 sing N N 66 
LEU CD2 HD23 sing N N 67 
LEU OXT HXT  sing N N 68 
PRO N   CA   sing N N 69 
PRO N   CD   sing N N 70 
PRO N   H    sing N N 71 
PRO CA  C    sing N N 72 
PRO CA  CB   sing N N 73 
PRO CA  HA   sing N N 74 
PRO C   O    doub N N 75 
PRO C   OXT  sing N N 76 
PRO CB  CG   sing N N 77 
PRO CB  HB2  sing N N 78 
PRO CB  HB3  sing N N 79 
PRO CG  CD   sing N N 80 
PRO CG  HG2  sing N N 81 
PRO CG  HG3  sing N N 82 
PRO CD  HD2  sing N N 83 
PRO CD  HD3  sing N N 84 
PRO OXT HXT  sing N N 85 
# 
_atom_sites.entry_id                    5Y46 
_atom_sites.fract_transf_matrix[1][1]   -0.02515125 
_atom_sites.fract_transf_matrix[1][2]   -0.04145178 
_atom_sites.fract_transf_matrix[1][3]   0.00097207 
_atom_sites.fract_transf_matrix[2][1]   -0.01900078 
_atom_sites.fract_transf_matrix[2][2]   0.01075582 
_atom_sites.fract_transf_matrix[2][3]   -0.03296625 
_atom_sites.fract_transf_matrix[3][1]   0.01258725 
_atom_sites.fract_transf_matrix[3][2]   -0.00903542 
_atom_sites.fract_transf_matrix[3][3]   -0.01020289 
_atom_sites.fract_transf_vector[1]      0.740183 
_atom_sites.fract_transf_vector[2]      0.049483 
_atom_sites.fract_transf_vector[3]      0.497772 
# 
loop_
_atom_type.symbol 
C  
N  
O  
ZN 
# 
loop_
_atom_site.group_PDB 
_atom_site.id 
_atom_site.type_symbol 
_atom_site.label_atom_id 
_atom_site.label_alt_id 
_atom_site.label_comp_id 
_atom_site.label_asym_id 
_atom_site.label_entity_id 
_atom_site.label_seq_id 
_atom_site.pdbx_PDB_ins_code 
_atom_site.Cartn_x 
_atom_site.Cartn_y 
_atom_site.Cartn_z 
_atom_site.occupancy 
_atom_site.B_iso_or_equiv 
_atom_site.pdbx_formal_charge 
_atom_site.auth_seq_id 
_atom_site.auth_comp_id 
_atom_site.auth_asym_id 
_atom_site.auth_atom_id 
_atom_site.pdbx_PDB_model_num 
ATOM   1   N  N   . GLY A 1 1  ? -3.647  39.666  11.943  1.00 6.82  ? 1   GLY A N   1 
ATOM   2   C  CA  . GLY A 1 1  ? -3.942  38.775  10.833  1.00 8.36  ? 1   GLY A CA  1 
ATOM   3   C  C   . GLY A 1 1  ? -4.601  37.482  11.319  1.00 8.00  ? 1   GLY A C   1 
ATOM   4   O  O   . GLY A 1 1  ? -4.687  37.271  12.517  1.00 8.22  ? 1   GLY A O   1 
ATOM   5   N  N   . PRO A 1 2  ? -5.082  36.649  10.397  1.00 10.05 ? 2   PRO A N   1 
ATOM   6   C  CA  . PRO A 1 2  ? -5.742  35.424  10.761  1.00 9.58  ? 2   PRO A CA  1 
ATOM   7   C  C   . PRO A 1 2  ? -4.735  34.395  11.143  1.00 9.12  ? 2   PRO A C   1 
ATOM   8   O  O   . PRO A 1 2  ? -3.502  34.567  11.053  1.00 7.95  ? 2   PRO A O   1 
ATOM   9   C  CB  . PRO A 1 2  ? -6.464  35.007  9.482   1.00 11.30 ? 2   PRO A CB  1 
ATOM   10  C  CG  . PRO A 1 2  ? -5.505  35.440  8.464   1.00 9.62  ? 2   PRO A CG  1 
ATOM   11  C  CD  . PRO A 1 2  ? -4.993  36.771  8.942   1.00 10.65 ? 2   PRO A CD  1 
HETATM 12  N  N   . HYP A 1 3  ? -5.259  33.242  11.528  1.00 7.98  ? 3   HYP A N   1 
HETATM 13  C  CA  . HYP A 1 3  ? -4.392  32.136  11.779  1.00 6.58  ? 3   HYP A CA  1 
HETATM 14  C  C   . HYP A 1 3  ? -3.483  31.815  10.618  1.00 5.17  ? 3   HYP A C   1 
HETATM 15  O  O   . HYP A 1 3  ? -3.801  32.098  9.448   1.00 5.89  ? 3   HYP A O   1 
HETATM 16  C  CB  . HYP A 1 3  ? -5.385  30.999  12.050  1.00 8.36  ? 3   HYP A CB  1 
HETATM 17  C  CG  . HYP A 1 3  ? -6.608  31.672  12.640  1.00 10.04 ? 3   HYP A CG  1 
HETATM 18  C  CD  . HYP A 1 3  ? -6.669  32.870  11.751  1.00 9.95  ? 3   HYP A CD  1 
HETATM 19  O  OD1 . HYP A 1 3  ? -6.404  32.171  13.930  1.00 11.72 ? 3   HYP A OD1 1 
ATOM   20  N  N   . GLY A 1 4  ? -2.367  31.180  10.938  1.00 4.49  ? 4   GLY A N   1 
ATOM   21  C  CA  . GLY A 1 4  ? -1.483  30.731  9.896   1.00 4.34  ? 4   GLY A CA  1 
ATOM   22  C  C   . GLY A 1 4  ? -2.103  29.720  8.962   1.00 3.83  ? 4   GLY A C   1 
ATOM   23  O  O   . GLY A 1 4  ? -3.160  29.153  9.248   1.00 4.17  ? 4   GLY A O   1 
ATOM   24  N  N   . PRO A 1 5  ? -1.453  29.463  7.831   1.00 4.15  ? 5   PRO A N   1 
ATOM   25  C  CA  . PRO A 1 5  ? -2.030  28.550  6.864   1.00 4.32  ? 5   PRO A CA  1 
ATOM   26  C  C   . PRO A 1 5  ? -2.193  27.157  7.379   1.00 3.60  ? 5   PRO A C   1 
ATOM   27  O  O   . PRO A 1 5  ? -1.410  26.688  8.222   1.00 3.17  ? 5   PRO A O   1 
ATOM   28  C  CB  . PRO A 1 5  ? -1.002  28.578  5.726   1.00 5.56  ? 5   PRO A CB  1 
ATOM   29  C  CG  . PRO A 1 5  ? -0.293  29.891  5.833   1.00 5.99  ? 5   PRO A CG  1 
ATOM   30  C  CD  . PRO A 1 5  ? -0.227  30.094  7.333   1.00 4.60  ? 5   PRO A CD  1 
HETATM 31  N  N   . HYP A 1 6  ? -3.155  26.391  6.842   1.00 3.82  ? 6   HYP A N   1 
HETATM 32  C  CA  . HYP A 1 6  ? -3.180  24.951  7.088   1.00 3.96  ? 6   HYP A CA  1 
HETATM 33  C  C   . HYP A 1 6  ? -1.837  24.327  6.732   1.00 3.37  ? 6   HYP A C   1 
HETATM 34  O  O   . HYP A 1 6  ? -1.177  24.769  5.774   1.00 3.96  ? 6   HYP A O   1 
HETATM 35  C  CB  . HYP A 1 6  ? -4.317  24.443  6.209   1.00 5.36  ? 6   HYP A CB  1 
HETATM 36  C  CG  . HYP A 1 6  ? -5.154  25.673  6.004   1.00 5.98  ? 6   HYP A CG  1 
HETATM 37  C  CD  . HYP A 1 6  ? -4.175  26.764  5.870   1.00 5.24  ? 6   HYP A CD  1 
HETATM 38  O  OD1 . HYP A 1 6  ? -5.977  25.923  7.147   1.00 6.52  ? 6   HYP A OD1 1 
ATOM   39  N  N   . GLY A 1 7  ? -1.473  23.274  7.448   1.00 2.87  ? 7   GLY A N   1 
ATOM   40  C  CA  . GLY A 1 7  ? -0.278  22.562  7.101   1.00 3.04  ? 7   GLY A CA  1 
ATOM   41  C  C   . GLY A 1 7  ? -0.363  21.869  5.764   1.00 2.98  ? 7   GLY A C   1 
ATOM   42  O  O   . GLY A 1 7  ? -1.403  21.793  5.116   1.00 3.41  ? 7   GLY A O   1 
ATOM   43  N  N   . PRO A 1 8  ? 0.763   21.286  5.340   1.00 3.68  ? 8   PRO A N   1 
ATOM   44  C  CA  . PRO A 1 8  ? 0.778   20.515  4.100   1.00 4.34  ? 8   PRO A CA  1 
ATOM   45  C  C   . PRO A 1 8  ? 0.006   19.240  4.228   1.00 2.93  ? 8   PRO A C   1 
ATOM   46  O  O   . PRO A 1 8  ? -0.332  18.802  5.353   1.00 2.68  ? 8   PRO A O   1 
ATOM   47  C  CB  . PRO A 1 8  ? 2.234   20.220  3.864   1.00 6.82  ? 8   PRO A CB  1 
ATOM   48  C  CG  . PRO A 1 8  ? 2.916   20.528  5.076   1.00 9.05  ? 8   PRO A CG  1 
ATOM   49  C  CD  . PRO A 1 8  ? 2.061   21.329  6.015   1.00 4.89  ? 8   PRO A CD  1 
HETATM 50  N  N   . HYP A 1 9  ? -0.245  18.563  3.125   1.00 3.56  ? 9   HYP A N   1 
HETATM 51  C  CA  . HYP A 1 9  ? -0.834  17.236  3.180   1.00 3.61  ? 9   HYP A CA  1 
HETATM 52  C  C   . HYP A 1 9  ? 0.014   16.327  4.071   1.00 2.49  ? 9   HYP A C   1 
HETATM 53  O  O   . HYP A 1 9  ? 1.230   16.462  4.194   1.00 3.17  ? 9   HYP A O   1 
HETATM 54  C  CB  . HYP A 1 9  ? -0.782  16.744  1.732   1.00 5.59  ? 9   HYP A CB  1 
HETATM 55  C  CG  . HYP A 1 9  ? -0.805  18.012  0.928   1.00 5.95  ? 9   HYP A CG  1 
HETATM 56  C  CD  . HYP A 1 9  ? 0.056   18.956  1.742   1.00 4.94  ? 9   HYP A CD  1 
HETATM 57  O  OD1 . HYP A 1 9  ? -2.118  18.539  0.896   1.00 7.36  ? 9   HYP A OD1 1 
ATOM   58  N  N   . GLY A 1 10 ? -0.654  15.323  4.643   1.00 2.64  ? 10  GLY A N   1 
ATOM   59  C  CA  . GLY A 1 10 ? 0.060   14.369  5.452   1.00 2.50  ? 10  GLY A CA  1 
ATOM   60  C  C   . GLY A 1 10 ? 1.005   13.485  4.672   1.00 2.38  ? 10  GLY A C   1 
ATOM   61  O  O   . GLY A 1 10 ? 1.045   13.477  3.422   1.00 2.84  ? 10  GLY A O   1 
ATOM   62  N  N   . PRO A 1 11 ? 1.806   12.725  5.407   1.00 3.08  ? 11  PRO A N   1 
ATOM   63  C  CA  . PRO A 1 11 ? 2.737   11.800  4.804   1.00 3.38  ? 11  PRO A CA  1 
ATOM   64  C  C   . PRO A 1 11 ? 2.071   10.842  3.827   1.00 2.51  ? 11  PRO A C   1 
ATOM   65  O  O   . PRO A 1 11 ? 1.000   10.350  4.093   1.00 2.91  ? 11  PRO A O   1 
ATOM   66  C  CB  . PRO A 1 11 ? 3.286   11.019  6.019   1.00 4.80  ? 11  PRO A CB  1 
ATOM   67  C  CG  . PRO A 1 11 ? 3.215   11.970  7.138   1.00 4.76  ? 11  PRO A CG  1 
ATOM   68  C  CD  . PRO A 1 11 ? 1.927   12.705  6.872   1.00 3.35  ? 11  PRO A CD  1 
HETATM 69  N  N   . HYP A 1 12 ? 2.758   10.532  2.704   1.00 2.71  ? 12  HYP A N   1 
HETATM 70  C  CA  . HYP A 1 12 ? 2.269   9.432   1.868   1.00 2.95  ? 12  HYP A CA  1 
HETATM 71  C  C   . HYP A 1 12 ? 2.224   8.127   2.640   1.00 2.48  ? 12  HYP A C   1 
HETATM 72  O  O   . HYP A 1 12 ? 3.061   7.867   3.523   1.00 2.90  ? 12  HYP A O   1 
HETATM 73  C  CB  . HYP A 1 12 ? 3.346   9.330   0.736   1.00 3.81  ? 12  HYP A CB  1 
HETATM 74  C  CG  . HYP A 1 12 ? 3.985   10.706  0.742   1.00 4.29  ? 12  HYP A CG  1 
HETATM 75  C  CD  . HYP A 1 12 ? 3.980   11.111  2.200   1.00 3.92  ? 12  HYP A CD  1 
HETATM 76  O  OD1 . HYP A 1 12 ? 3.215   11.629  0.013   1.00 4.88  ? 12  HYP A OD1 1 
ATOM   77  N  N   . ALA A 1 13 ? 1.263   7.279   2.289   1.00 2.60  ? 13  ALA A N   1 
ATOM   78  C  CA  . ALA A 1 13 ? 1.303   5.908   2.716   1.00 2.60  ? 13  ALA A CA  1 
ATOM   79  C  C   . ALA A 1 13 ? 2.428   5.161   2.041   1.00 3.16  ? 13  ALA A C   1 
ATOM   80  O  O   . ALA A 1 13 ? 2.996   5.630   1.022   1.00 3.96  ? 13  ALA A O   1 
ATOM   81  C  CB  . ALA A 1 13 ? -0.046  5.248   2.441   1.00 2.69  ? 13  ALA A CB  1 
ATOM   82  N  N   A LEU A 1 14 ? 2.802   3.981   2.499   0.50 3.64  ? 14  LEU A N   1 
ATOM   83  N  N   B LEU A 1 14 ? 2.752   3.990   2.655   0.50 3.17  ? 14  LEU A N   1 
ATOM   84  C  CA  A LEU A 1 14 ? 3.791   3.227   1.743   0.50 3.88  ? 14  LEU A CA  1 
ATOM   85  C  CA  B LEU A 1 14 ? 3.710   2.994   2.127   0.50 3.15  ? 14  LEU A CA  1 
ATOM   86  C  C   A LEU A 1 14 ? 3.106   2.229   0.894   0.50 3.45  ? 14  LEU A C   1 
ATOM   87  C  C   B LEU A 1 14 ? 3.072   2.160   0.983   0.50 3.14  ? 14  LEU A C   1 
ATOM   88  O  O   A LEU A 1 14 ? 1.960   1.837   1.124   0.50 3.15  ? 14  LEU A O   1 
ATOM   89  O  O   B LEU A 1 14 ? 1.909   1.792   1.101   0.50 2.87  ? 14  LEU A O   1 
ATOM   90  C  CB  A LEU A 1 14 ? 4.707   2.493   2.687   0.50 4.83  ? 14  LEU A CB  1 
ATOM   91  C  CB  B LEU A 1 14 ? 4.172   2.011   3.225   0.50 2.91  ? 14  LEU A CB  1 
ATOM   92  C  CG  A LEU A 1 14 ? 5.828   3.356   3.280   0.50 7.27  ? 14  LEU A CG  1 
ATOM   93  C  CG  B LEU A 1 14 ? 4.966   2.621   4.404   0.50 3.28  ? 14  LEU A CG  1 
ATOM   94  C  CD1 A LEU A 1 14 ? 6.434   2.587   4.398   0.50 6.29  ? 14  LEU A CD1 1 
ATOM   95  C  CD1 B LEU A 1 14 ? 5.314   1.521   5.406   0.50 3.52  ? 14  LEU A CD1 1 
ATOM   96  C  CD2 A LEU A 1 14 ? 6.916   3.571   2.246   0.50 9.43  ? 14  LEU A CD2 1 
ATOM   97  C  CD2 B LEU A 1 14 ? 6.238   3.314   3.986   0.50 3.67  ? 14  LEU A CD2 1 
HETATM 98  N  N   . HYP A 1 15 ? 3.821   1.722   -0.071  1.00 3.52  ? 15  HYP A N   1 
HETATM 99  C  CA  . HYP A 1 15 ? 3.339   0.654   -0.919  1.00 3.44  ? 15  HYP A CA  1 
HETATM 100 C  C   . HYP A 1 15 ? 2.765   -0.511  -0.119  1.00 2.80  ? 15  HYP A C   1 
HETATM 101 O  O   . HYP A 1 15 ? 3.258   -0.858  0.966   1.00 3.94  ? 15  HYP A O   1 
HETATM 102 C  CB  . HYP A 1 15 ? 4.604   0.207   -1.678  1.00 4.09  ? 15  HYP A CB  1 
HETATM 103 C  CG  . HYP A 1 15 ? 5.370   1.516   -1.834  1.00 5.83  ? 15  HYP A CG  1 
HETATM 104 C  CD  . HYP A 1 15 ? 5.144   2.198   -0.503  1.00 5.71  ? 15  HYP A CD  1 
HETATM 105 O  OD1 . HYP A 1 15 ? 4.874   2.307   -2.856  1.00 7.71  ? 15  HYP A OD1 1 
ATOM   106 N  N   . GLY A 1 16 ? 1.744   -1.137  -0.681  1.00 2.58  ? 16  GLY A N   1 
ATOM   107 C  CA  . GLY A 1 16 ? 1.124   -2.265  -0.035  1.00 2.86  ? 16  GLY A CA  1 
ATOM   108 C  C   . GLY A 1 16 ? 2.001   -3.506  -0.043  1.00 2.71  ? 16  GLY A C   1 
ATOM   109 O  O   . GLY A 1 16 ? 3.046   -3.556  -0.713  1.00 3.22  ? 16  GLY A O   1 
ATOM   110 N  N   . PRO A 1 17 ? 1.596   -4.537  0.689   1.00 3.38  ? 17  PRO A N   1 
ATOM   111 C  CA  . PRO A 1 17 ? 2.388   -5.771  0.767   1.00 3.62  ? 17  PRO A CA  1 
ATOM   112 C  C   . PRO A 1 17 ? 2.213   -6.631  -0.478  1.00 2.61  ? 17  PRO A C   1 
ATOM   113 O  O   . PRO A 1 17 ? 1.244   -6.478  -1.245  1.00 2.66  ? 17  PRO A O   1 
ATOM   114 C  CB  . PRO A 1 17 ? 1.806   -6.465  1.974   1.00 5.42  ? 17  PRO A CB  1 
ATOM   115 C  CG  . PRO A 1 17 ? 0.417   -6.043  1.983   1.00 6.04  ? 17  PRO A CG  1 
ATOM   116 C  CD  . PRO A 1 17 ? 0.408   -4.586  1.540   1.00 4.35  ? 17  PRO A CD  1 
HETATM 117 N  N   . HYP A 1 18 ? 3.114   -7.600  -0.665  1.00 3.00  ? 18  HYP A N   1 
HETATM 118 C  CA  . HYP A 1 18 ? 2.912   -8.601  -1.698  1.00 2.92  ? 18  HYP A CA  1 
HETATM 119 C  C   . HYP A 1 18 ? 1.545   -9.267  -1.581  1.00 2.63  ? 18  HYP A C   1 
HETATM 120 O  O   . HYP A 1 18 ? 1.019   -9.464  -0.486  1.00 3.11  ? 18  HYP A O   1 
HETATM 121 C  CB  . HYP A 1 18 ? 4.038   -9.615  -1.435  1.00 3.97  ? 18  HYP A CB  1 
HETATM 122 C  CG  . HYP A 1 18 ? 5.098   -8.786  -0.769  1.00 4.73  ? 18  HYP A CG  1 
HETATM 123 C  CD  . HYP A 1 18 ? 4.334   -7.845  0.116   1.00 3.96  ? 18  HYP A CD  1 
HETATM 124 O  OD1 . HYP A 1 18 ? 5.818   -8.000  -1.681  1.00 7.21  ? 18  HYP A OD1 1 
ATOM   125 N  N   . GLY A 1 19 ? 1.000   -9.641  -2.726  1.00 2.42  ? 19  GLY A N   1 
ATOM   126 C  CA  . GLY A 1 19 ? -0.240  -10.396 -2.750  1.00 2.48  ? 19  GLY A CA  1 
ATOM   127 C  C   . GLY A 1 19 ? -0.116  -11.810 -2.207  1.00 2.41  ? 19  GLY A C   1 
ATOM   128 O  O   . GLY A 1 19 ? 0.971   -12.266 -1.835  1.00 2.80  ? 19  GLY A O   1 
ATOM   129 N  N   . PRO A 1 20 ? -1.230  -12.536 -2.193  1.00 2.82  ? 20  PRO A N   1 
ATOM   130 C  CA  . PRO A 1 20 ? -1.219  -13.916 -1.783  1.00 3.10  ? 20  PRO A CA  1 
ATOM   131 C  C   . PRO A 1 20 ? -0.367  -14.787 -2.708  1.00 2.81  ? 20  PRO A C   1 
ATOM   132 O  O   . PRO A 1 20 ? -0.139  -14.439 -3.879  1.00 2.94  ? 20  PRO A O   1 
ATOM   133 C  CB  . PRO A 1 20 ? -2.690  -14.328 -1.934  1.00 3.81  ? 20  PRO A CB  1 
ATOM   134 C  CG  . PRO A 1 20 ? -3.478  -13.047 -1.802  1.00 3.77  ? 20  PRO A CG  1 
ATOM   135 C  CD  . PRO A 1 20 ? -2.590  -12.068 -2.525  1.00 2.85  ? 20  PRO A CD  1 
HETATM 136 N  N   . HYP A 1 21 ? 0.024   -15.960 -2.238  1.00 3.30  ? 21  HYP A N   1 
HETATM 137 C  CA  . HYP A 1 21 ? 0.603   -16.944 -3.162  1.00 4.13  ? 21  HYP A CA  1 
HETATM 138 C  C   . HYP A 1 21 ? -0.304  -17.208 -4.352  1.00 3.88  ? 21  HYP A C   1 
HETATM 139 O  O   . HYP A 1 21 ? -1.566  -17.213 -4.257  1.00 4.98  ? 21  HYP A O   1 
HETATM 140 C  CB  . HYP A 1 21 ? 0.688   -18.205 -2.306  1.00 5.74  ? 21  HYP A CB  1 
HETATM 141 C  CG  . HYP A 1 21 ? 0.935   -17.627 -0.912  1.00 5.51  ? 21  HYP A CG  1 
HETATM 142 C  CD  . HYP A 1 21 ? -0.007  -16.446 -0.858  1.00 3.93  ? 21  HYP A CD  1 
HETATM 143 O  OD1 . HYP A 1 21 ? 2.267   -17.171 -0.781  1.00 8.94  ? 21  HYP A OD1 1 
ATOM   144 N  N   . GLY A 1 22 ? 0.295   -17.496 -5.482  1.00 3.52  ? 22  GLY A N   1 
ATOM   145 C  CA  . GLY A 1 22 ? -0.477  -17.899 -6.660  1.00 3.61  ? 22  GLY A CA  1 
ATOM   146 C  C   . GLY A 1 22 ? -1.107  -19.244 -6.527  1.00 3.42  ? 22  GLY A C   1 
ATOM   147 O  O   . GLY A 1 22 ? -0.818  -20.003 -5.588  1.00 4.01  ? 22  GLY A O   1 
ATOM   148 N  N   . PRO A 1 23 ? -1.953  -19.591 -7.497  1.00 3.71  ? 23  PRO A N   1 
ATOM   149 C  CA  . PRO A 1 23 ? -2.602  -20.902 -7.475  1.00 3.74  ? 23  PRO A CA  1 
ATOM   150 C  C   . PRO A 1 23 ? -1.584  -22.051 -7.464  1.00 3.09  ? 23  PRO A C   1 
ATOM   151 O  O   . PRO A 1 23 ? -0.544  -21.969 -8.101  1.00 3.08  ? 23  PRO A O   1 
ATOM   152 C  CB  . PRO A 1 23 ? -3.405  -20.916 -8.775  1.00 4.57  ? 23  PRO A CB  1 
ATOM   153 C  CG  . PRO A 1 23 ? -3.740  -19.464 -8.998  1.00 4.74  ? 23  PRO A CG  1 
ATOM   154 C  CD  . PRO A 1 23 ? -2.475  -18.749 -8.589  1.00 4.20  ? 23  PRO A CD  1 
HETATM 155 N  N   . HYP A 1 24 ? -1.901  -23.148 -6.778  1.00 3.25  ? 24  HYP A N   1 
HETATM 156 C  CA  . HYP A 1 24 ? -1.085  -24.384 -6.963  1.00 3.47  ? 24  HYP A CA  1 
HETATM 157 C  C   . HYP A 1 24 ? -1.077  -24.766 -8.424  1.00 2.98  ? 24  HYP A C   1 
HETATM 158 O  O   . HYP A 1 24 ? -2.050  -24.550 -9.159  1.00 3.36  ? 24  HYP A O   1 
HETATM 159 C  CB  . HYP A 1 24 ? -1.815  -25.419 -6.072  1.00 4.09  ? 24  HYP A CB  1 
HETATM 160 C  CG  . HYP A 1 24 ? -2.635  -24.586 -5.082  1.00 5.09  ? 24  HYP A CG  1 
HETATM 161 C  CD  . HYP A 1 24 ? -3.099  -23.423 -5.949  1.00 4.26  ? 24  HYP A CD  1 
HETATM 162 O  OD1 . HYP A 1 24 ? -1.817  -24.085 -4.048  1.00 6.77  ? 24  HYP A OD1 1 
ATOM   163 N  N   . GLY A 1 25 ? 0.024   -25.370 -8.852  1.00 2.95  ? 25  GLY A N   1 
ATOM   164 C  CA  . GLY A 1 25 ? 0.182   -25.688 -10.258 1.00 3.07  ? 25  GLY A CA  1 
ATOM   165 C  C   . GLY A 1 25 ? -0.767  -26.772 -10.728 1.00 2.93  ? 25  GLY A C   1 
ATOM   166 O  O   . GLY A 1 25 ? -1.363  -27.545 -9.963  1.00 3.42  ? 25  GLY A O   1 
ATOM   167 N  N   . PRO A 1 26 ? -0.931  -26.853 -12.054 1.00 2.94  ? 26  PRO A N   1 
ATOM   168 C  CA  . PRO A 1 26 ? -1.837  -27.859 -12.610 1.00 3.02  ? 26  PRO A CA  1 
ATOM   169 C  C   . PRO A 1 26 ? -1.353  -29.259 -12.382 1.00 2.64  ? 26  PRO A C   1 
ATOM   170 O  O   . PRO A 1 26 ? -0.138  -29.535 -12.358 1.00 3.41  ? 26  PRO A O   1 
ATOM   171 C  CB  . PRO A 1 26 ? -1.813  -27.569 -14.122 1.00 3.37  ? 26  PRO A CB  1 
ATOM   172 C  CG  . PRO A 1 26 ? -1.404  -26.131 -14.207 1.00 3.73  ? 26  PRO A CG  1 
ATOM   173 C  CD  . PRO A 1 26 ? -0.386  -25.964 -13.102 1.00 3.18  ? 26  PRO A CD  1 
HETATM 174 N  N   . HYP A 1 27 ? -2.256  -30.236 -12.364 1.00 2.69  ? 27  HYP A N   1 
HETATM 175 C  CA  . HYP A 1 27 ? -1.857  -31.618 -12.523 1.00 3.00  ? 27  HYP A CA  1 
HETATM 176 C  C   . HYP A 1 27 ? -1.005  -31.822 -13.786 1.00 3.04  ? 27  HYP A C   1 
HETATM 177 O  O   . HYP A 1 27 ? -1.278  -31.183 -14.819 1.00 3.42  ? 27  HYP A O   1 
HETATM 178 C  CB  . HYP A 1 27 ? -3.194  -32.338 -12.638 1.00 3.20  ? 27  HYP A CB  1 
HETATM 179 C  CG  . HYP A 1 27 ? -4.131  -31.517 -11.769 1.00 3.51  ? 27  HYP A CG  1 
HETATM 180 C  CD  . HYP A 1 27 ? -3.688  -30.087 -12.113 1.00 3.17  ? 27  HYP A CD  1 
HETATM 181 O  OD1 . HYP A 1 27 ? -3.788  -31.807 -10.426 1.00 4.07  ? 27  HYP A OD1 1 
HETATM 182 O  OXT . HYP A 1 27 ? -0.096  -32.672 -13.693 1.00 4.57  ? 27  HYP A OXT 1 
ATOM   183 N  N   . GLY B 1 1  ? -1.836  35.725  13.124  1.00 4.82  ? 1   GLY B N   1 
ATOM   184 C  CA  . GLY B 1 1  ? -2.537  34.929  14.145  1.00 5.11  ? 1   GLY B CA  1 
ATOM   185 C  C   . GLY B 1 1  ? -1.692  33.744  14.550  1.00 4.13  ? 1   GLY B C   1 
ATOM   186 O  O   . GLY B 1 1  ? -0.509  33.649  14.190  1.00 4.11  ? 1   GLY B O   1 
ATOM   187 N  N   . PRO B 1 2  ? -2.288  32.834  15.311  1.00 4.39  ? 2   PRO B N   1 
ATOM   188 C  CA  A PRO B 1 2  ? -1.666  31.627  15.834  0.50 3.88  ? 2   PRO B CA  1 
ATOM   189 C  CA  B PRO B 1 2  ? -1.523  31.720  15.829  0.50 3.97  ? 2   PRO B CA  1 
ATOM   190 C  C   . PRO B 1 2  ? -1.137  30.708  14.748  1.00 3.40  ? 2   PRO B C   1 
ATOM   191 O  O   . PRO B 1 2  ? -1.546  30.827  13.586  1.00 4.08  ? 2   PRO B O   1 
ATOM   192 C  CB  A PRO B 1 2  ? -2.846  30.936  16.520  0.50 4.29  ? 2   PRO B CB  1 
ATOM   193 C  CB  B PRO B 1 2  ? -2.471  31.130  16.854  0.50 4.84  ? 2   PRO B CB  1 
ATOM   194 C  CG  A PRO B 1 2  ? -3.670  32.034  17.060  0.50 4.98  ? 2   PRO B CG  1 
ATOM   195 C  CG  B PRO B 1 2  ? -3.823  31.433  16.312  0.50 5.09  ? 2   PRO B CG  1 
ATOM   196 C  CD  A PRO B 1 2  ? -3.609  33.049  15.945  0.50 4.60  ? 2   PRO B CD  1 
ATOM   197 C  CD  B PRO B 1 2  ? -3.702  32.803  15.742  0.50 4.72  ? 2   PRO B CD  1 
HETATM 198 N  N   . HYP B 1 3  ? -0.332  29.726  15.122  1.00 3.75  ? 3   HYP B N   1 
HETATM 199 C  CA  . HYP B 1 3  ? 0.034   28.668  14.179  1.00 3.73  ? 3   HYP B CA  1 
HETATM 200 C  C   . HYP B 1 3  ? -1.203  28.082  13.516  1.00 3.61  ? 3   HYP B C   1 
HETATM 201 O  O   . HYP B 1 3  ? -2.230  27.882  14.166  1.00 4.08  ? 3   HYP B O   1 
HETATM 202 C  CB  . HYP B 1 3  ? 0.738   27.625  15.068  1.00 4.44  ? 3   HYP B CB  1 
HETATM 203 C  CG  . HYP B 1 3  ? 1.316   28.439  16.198  1.00 4.76  ? 3   HYP B CG  1 
HETATM 204 C  CD  . HYP B 1 3  ? 0.278   29.501  16.428  1.00 4.25  ? 3   HYP B CD  1 
HETATM 205 O  OD1 . HYP B 1 3  ? 2.550   29.023  15.796  1.00 5.19  ? 3   HYP B OD1 1 
ATOM   206 N  N   . GLY B 1 4  ? -1.074  27.726  12.249  1.00 3.69  ? 4   GLY B N   1 
ATOM   207 C  CA  . GLY B 1 4  ? -2.182  27.102  11.536  1.00 3.51  ? 4   GLY B CA  1 
ATOM   208 C  C   . GLY B 1 4  ? -2.507  25.719  12.022  1.00 3.15  ? 4   GLY B C   1 
ATOM   209 O  O   . GLY B 1 4  ? -1.758  25.100  12.777  1.00 3.53  ? 4   GLY B O   1 
ATOM   210 N  N   . PRO B 1 5  ? -3.657  25.201  11.565  1.00 3.55  ? 5   PRO B N   1 
ATOM   211 C  CA  . PRO B 1 5  ? -4.099  23.863  11.915  1.00 3.56  ? 5   PRO B CA  1 
ATOM   212 C  C   . PRO B 1 5  ? -3.372  22.807  11.078  1.00 2.90  ? 5   PRO B C   1 
ATOM   213 O  O   . PRO B 1 5  ? -2.747  23.121  10.058  1.00 3.26  ? 5   PRO B O   1 
ATOM   214 C  CB  . PRO B 1 5  ? -5.588  23.910  11.614  1.00 4.58  ? 5   PRO B CB  1 
ATOM   215 C  CG  . PRO B 1 5  ? -5.642  24.798  10.410  1.00 4.54  ? 5   PRO B CG  1 
ATOM   216 C  CD  . PRO B 1 5  ? -4.612  25.851  10.673  1.00 4.44  ? 5   PRO B CD  1 
HETATM 217 N  N   . HYP B 1 6  ? -3.542  21.535  11.428  1.00 3.18  ? 6   HYP B N   1 
HETATM 218 C  CA  . HYP B 1 6  ? -2.984  20.457  10.609  1.00 3.10  ? 6   HYP B CA  1 
HETATM 219 C  C   . HYP B 1 6  ? -3.555  20.484  9.198   1.00 2.92  ? 6   HYP B C   1 
HETATM 220 O  O   . HYP B 1 6  ? -4.707  20.869  8.977   1.00 4.21  ? 6   HYP B O   1 
HETATM 221 C  CB  . HYP B 1 6  ? -3.379  19.189  11.348  1.00 3.77  ? 6   HYP B CB  1 
HETATM 222 C  CG  . HYP B 1 6  ? -3.575  19.633  12.781  1.00 3.92  ? 6   HYP B CG  1 
HETATM 223 C  CD  . HYP B 1 6  ? -4.211  21.000  12.616  1.00 3.96  ? 6   HYP B CD  1 
HETATM 224 O  OD1 . HYP B 1 6  ? -2.314  19.815  13.437  1.00 3.99  ? 6   HYP B OD1 1 
ATOM   225 N  N   . GLY B 1 7  ? -2.722  19.998  8.251   1.00 2.75  ? 7   GLY B N   1 
ATOM   226 C  CA  . GLY B 1 7  ? -3.159  19.883  6.891   1.00 3.08  ? 7   GLY B CA  1 
ATOM   227 C  C   . GLY B 1 7  ? -4.119  18.743  6.617   1.00 2.80  ? 7   GLY B C   1 
ATOM   228 O  O   . GLY B 1 7  ? -4.561  18.030  7.532   1.00 2.96  ? 7   GLY B O   1 
ATOM   229 N  N   . PRO B 1 8  ? -4.435  18.557  5.346   1.00 3.22  ? 8   PRO B N   1 
ATOM   230 C  CA  . PRO B 1 8  ? -5.375  17.526  4.929   1.00 3.44  ? 8   PRO B CA  1 
ATOM   231 C  C   . PRO B 1 8  ? -4.717  16.142  4.949   1.00 2.61  ? 8   PRO B C   1 
ATOM   232 O  O   . PRO B 1 8  ? -3.483  16.018  5.023   1.00 2.67  ? 8   PRO B O   1 
ATOM   233 C  CB  . PRO B 1 8  ? -5.753  17.915  3.527   1.00 4.50  ? 8   PRO B CB  1 
ATOM   234 C  CG  . PRO B 1 8  ? -4.606  18.605  3.020   1.00 5.86  ? 8   PRO B CG  1 
ATOM   235 C  CD  . PRO B 1 8  ? -4.027  19.393  4.192   1.00 3.58  ? 8   PRO B CD  1 
HETATM 236 N  N   . HYP B 1 9  ? -5.509  15.091  4.876   1.00 3.07  ? 9   HYP B N   1 
HETATM 237 C  CA  . HYP B 1 9  ? -4.958  13.719  4.826   1.00 3.35  ? 9   HYP B CA  1 
HETATM 238 C  C   . HYP B 1 9  ? -3.952  13.538  3.701   1.00 3.12  ? 9   HYP B C   1 
HETATM 239 O  O   . HYP B 1 9  ? -4.137  14.038  2.592   1.00 3.59  ? 9   HYP B O   1 
HETATM 240 C  CB  . HYP B 1 9  ? -6.221  12.837  4.631   1.00 4.26  ? 9   HYP B CB  1 
HETATM 241 C  CG  . HYP B 1 9  ? -7.322  13.644  5.272   1.00 4.75  ? 9   HYP B CG  1 
HETATM 242 C  CD  . HYP B 1 9  ? -6.992  15.085  4.901   1.00 4.16  ? 9   HYP B CD  1 
HETATM 243 O  OD1 . HYP B 1 9  ? -7.267  13.488  6.671   1.00 5.28  ? 9   HYP B OD1 1 
ATOM   244 N  N   . GLY B 1 10 ? -2.940  12.735  3.997   1.00 2.95  ? 10  GLY B N   1 
ATOM   245 C  CA  . GLY B 1 10 ? -1.938  12.388  3.007   1.00 3.17  ? 10  GLY B CA  1 
ATOM   246 C  C   . GLY B 1 10 ? -2.463  11.425  1.966   1.00 2.60  ? 10  GLY B C   1 
ATOM   247 O  O   . GLY B 1 10 ? -3.558  10.862  2.076   1.00 2.98  ? 10  GLY B O   1 
ATOM   248 N  N   . PRO B 1 11 ? -1.695  11.226  0.907   1.00 3.13  ? 11  PRO B N   1 
ATOM   249 C  CA  . PRO B 1 11 ? -2.171  10.490  -0.243  1.00 3.33  ? 11  PRO B CA  1 
ATOM   250 C  C   . PRO B 1 11 ? -2.087  8.974   -0.083  1.00 2.64  ? 11  PRO B C   1 
ATOM   251 O  O   . PRO B 1 11 ? -1.274  8.437   0.685   1.00 2.94  ? 11  PRO B O   1 
ATOM   252 C  CB  . PRO B 1 11 ? -1.264  10.956  -1.397  1.00 4.36  ? 11  PRO B CB  1 
ATOM   253 C  CG  . PRO B 1 11 ? 0.001   11.298  -0.707  1.00 4.47  ? 11  PRO B CG  1 
ATOM   254 C  CD  . PRO B 1 11 ? -0.413  11.912  0.620   1.00 3.39  ? 11  PRO B CD  1 
HETATM 255 N  N   A HYP B 1 12 ? -2.893  8.267   -0.891  0.34 2.97  ? 12  HYP B N   1 
HETATM 256 N  N   B HYP B 1 12 ? -2.979  8.263   -0.798  0.66 2.67  ? 12  HYP B N   1 
HETATM 257 C  CA  A HYP B 1 12 ? -2.778  6.818   -0.937  0.34 2.88  ? 12  HYP B CA  1 
HETATM 258 C  CA  B HYP B 1 12 ? -2.888  6.800   -0.879  0.66 2.69  ? 12  HYP B CA  1 
HETATM 259 C  C   A HYP B 1 12 ? -1.454  6.399   -1.552  0.34 2.53  ? 12  HYP B C   1 
HETATM 260 C  C   B HYP B 1 12 ? -1.616  6.381   -1.612  0.66 2.56  ? 12  HYP B C   1 
HETATM 261 O  O   A HYP B 1 12 ? -0.657  7.210   -2.094  0.34 2.49  ? 12  HYP B O   1 
HETATM 262 O  O   B HYP B 1 12 ? -1.027  7.191   -2.347  0.66 3.25  ? 12  HYP B O   1 
HETATM 263 C  CB  A HYP B 1 12 ? -3.879  6.306   -1.864  0.34 3.43  ? 12  HYP B CB  1 
HETATM 264 C  CB  B HYP B 1 12 ? -4.161  6.441   -1.668  0.66 3.34  ? 12  HYP B CB  1 
HETATM 265 C  CG  A HYP B 1 12 ? -4.058  7.458   -2.788  0.34 3.92  ? 12  HYP B CG  1 
HETATM 266 C  CG  B HYP B 1 12 ? -5.023  7.665   -1.674  0.66 3.60  ? 12  HYP B CG  1 
HETATM 267 C  CD  A HYP B 1 12 ? -3.736  8.732   -1.984  0.34 3.33  ? 12  HYP B CD  1 
HETATM 268 C  CD  B HYP B 1 12 ? -4.026  8.800   -1.645  0.66 3.08  ? 12  HYP B CD  1 
HETATM 269 O  OD1 A HYP B 1 12 ? -5.313  7.468   -3.404  0.34 4.82  ? 12  HYP B OD1 1 
HETATM 270 O  OD1 B HYP B 1 12 ? -5.773  7.783   -0.485  0.66 4.12  ? 12  HYP B OD1 1 
ATOM   271 N  N   . ALA B 1 13 ? -1.246  5.102   -1.464  1.00 2.38  ? 13  ALA B N   1 
ATOM   272 C  CA  . ALA B 1 13 ? -0.037  4.520   -2.059  1.00 2.55  ? 13  ALA B CA  1 
ATOM   273 C  C   . ALA B 1 13 ? -0.420  3.381   -3.007  1.00 2.32  ? 13  ALA B C   1 
ATOM   274 O  O   . ALA B 1 13 ? -1.549  2.872   -3.049  1.00 2.64  ? 13  ALA B O   1 
ATOM   275 C  CB  . ALA B 1 13 ? 0.883   4.019   -0.982  1.00 3.07  ? 13  ALA B CB  1 
ATOM   276 N  N   . LEU B 1 14 ? 0.573   2.952   -3.779  1.00 2.46  ? 14  LEU B N   1 
ATOM   277 C  CA  . LEU B 1 14 ? 0.388   1.884   -4.720  1.00 2.59  ? 14  LEU B CA  1 
ATOM   278 C  C   . LEU B 1 14 ? 0.136   0.561   -4.021  1.00 2.42  ? 14  LEU B C   1 
ATOM   279 O  O   . LEU B 1 14 ? 0.729   0.278   -2.985  1.00 2.53  ? 14  LEU B O   1 
ATOM   280 C  CB  . LEU B 1 14 ? 1.613   1.746   -5.606  1.00 3.00  ? 14  LEU B CB  1 
ATOM   281 C  CG  . LEU B 1 14 ? 1.781   2.862   -6.635  1.00 3.14  ? 14  LEU B CG  1 
ATOM   282 C  CD1 . LEU B 1 14 ? 3.176   2.885   -7.237  1.00 3.91  ? 14  LEU B CD1 1 
ATOM   283 C  CD2 . LEU B 1 14 ? 0.747   2.753   -7.724  1.00 3.88  ? 14  LEU B CD2 1 
HETATM 284 N  N   . HYP B 1 15 ? -0.673  -0.330  -4.647  1.00 2.56  ? 15  HYP B N   1 
HETATM 285 C  CA  . HYP B 1 15 ? -0.723  -1.691  -4.166  1.00 2.82  ? 15  HYP B CA  1 
HETATM 286 C  C   . HYP B 1 15 ? 0.618   -2.360  -4.240  1.00 2.43  ? 15  HYP B C   1 
HETATM 287 O  O   . HYP B 1 15 ? 1.507   -1.987  -4.995  1.00 2.88  ? 15  HYP B O   1 
HETATM 288 C  CB  . HYP B 1 15 ? -1.708  -2.378  -5.145  1.00 3.63  ? 15  HYP B CB  1 
HETATM 289 C  CG  . HYP B 1 15 ? -2.503  -1.230  -5.757  1.00 4.07  ? 15  HYP B CG  1 
HETATM 290 C  CD  . HYP B 1 15 ? -1.497  -0.095  -5.834  1.00 3.59  ? 15  HYP B CD  1 
HETATM 291 O  OD1 . HYP B 1 15 ? -3.565  -0.864  -4.873  1.00 4.83  ? 15  HYP B OD1 1 
ATOM   292 N  N   . GLY B 1 16 ? 0.757   -3.414  -3.435  1.00 2.74  ? 16  GLY B N   1 
ATOM   293 C  CA  . GLY B 1 16 ? 1.940   -4.234  -3.514  1.00 2.80  ? 16  GLY B CA  1 
ATOM   294 C  C   . GLY B 1 16 ? 2.059   -5.006  -4.816  1.00 2.26  ? 16  GLY B C   1 
ATOM   295 O  O   . GLY B 1 16 ? 1.160   -5.001  -5.658  1.00 2.61  ? 16  GLY B O   1 
ATOM   296 N  N   . PRO B 1 17 ? 3.214   -5.651  -4.989  1.00 2.56  ? 17  PRO B N   1 
ATOM   297 C  CA  . PRO B 1 17 ? 3.452   -6.465  -6.173  1.00 2.60  ? 17  PRO B CA  1 
ATOM   298 C  C   . PRO B 1 17 ? 2.781   -7.813  -6.068  1.00 2.51  ? 17  PRO B C   1 
ATOM   299 O  O   . PRO B 1 17 ? 2.259   -8.209  -5.004  1.00 2.62  ? 17  PRO B O   1 
ATOM   300 C  CB  . PRO B 1 17 ? 4.975   -6.628  -6.150  1.00 3.41  ? 17  PRO B CB  1 
ATOM   301 C  CG  . PRO B 1 17 ? 5.319   -6.660  -4.678  1.00 3.80  ? 17  PRO B CG  1 
ATOM   302 C  CD  . PRO B 1 17 ? 4.345   -5.695  -4.032  1.00 3.15  ? 17  PRO B CD  1 
HETATM 303 N  N   . HYP B 1 18 ? 2.799   -8.581  -7.157  1.00 2.71  ? 18  HYP B N   1 
HETATM 304 C  CA  . HYP B 1 18 ? 2.318   -9.976  -7.121  1.00 2.92  ? 18  HYP B CA  1 
HETATM 305 C  C   . HYP B 1 18 ? 2.996   -10.759 -5.979  1.00 2.70  ? 18  HYP B C   1 
HETATM 306 O  O   . HYP B 1 18 ? 4.175   -10.570 -5.700  1.00 3.63  ? 18  HYP B O   1 
HETATM 307 C  CB  . HYP B 1 18 ? 2.725   -10.534 -8.470  1.00 3.44  ? 18  HYP B CB  1 
HETATM 308 C  CG  . HYP B 1 18 ? 2.665   -9.329  -9.377  1.00 3.52  ? 18  HYP B CG  1 
HETATM 309 C  CD  . HYP B 1 18 ? 3.284   -8.239  -8.519  1.00 3.03  ? 18  HYP B CD  1 
HETATM 310 O  OD1 . HYP B 1 18 ? 1.319   -8.964  -9.660  1.00 3.54  ? 18  HYP B OD1 1 
ATOM   311 N  N   . GLY B 1 19 ? 2.219   -11.681 -5.406  1.00 2.51  ? 19  GLY B N   1 
ATOM   312 C  CA  . GLY B 1 19 ? 2.745   -12.543 -4.388  1.00 2.69  ? 19  GLY B CA  1 
ATOM   313 C  C   . GLY B 1 19 ? 3.674   -13.618 -4.899  1.00 2.50  ? 19  GLY B C   1 
ATOM   314 O  O   . GLY B 1 19 ? 3.992   -13.685 -6.099  1.00 2.90  ? 19  GLY B O   1 
ATOM   315 N  N   . PRO B 1 20 ? 4.113   -14.488 -3.991  1.00 3.16  ? 20  PRO B N   1 
ATOM   316 C  CA  . PRO B 1 20 ? 4.946   -15.628 -4.336  1.00 3.64  ? 20  PRO B CA  1 
ATOM   317 C  C   . PRO B 1 20 ? 4.258   -16.565 -5.306  1.00 3.08  ? 20  PRO B C   1 
ATOM   318 O  O   . PRO B 1 20 ? 3.026   -16.602 -5.375  1.00 3.04  ? 20  PRO B O   1 
ATOM   319 C  CB  . PRO B 1 20 ? 5.161   -16.305 -2.954  1.00 4.95  ? 20  PRO B CB  1 
ATOM   320 C  CG  . PRO B 1 20 ? 4.934   -15.278 -1.955  1.00 5.20  ? 20  PRO B CG  1 
ATOM   321 C  CD  . PRO B 1 20 ? 3.819   -14.451 -2.538  1.00 3.79  ? 20  PRO B CD  1 
HETATM 322 N  N   . HYP B 1 21 ? 4.998   -17.414 -6.013  1.00 3.81  ? 21  HYP B N   1 
HETATM 323 C  CA  . HYP B 1 21 ? 4.365   -18.396 -6.889  1.00 3.73  ? 21  HYP B CA  1 
HETATM 324 C  C   . HYP B 1 21 ? 3.658   -19.461 -6.085  1.00 3.86  ? 21  HYP B C   1 
HETATM 325 O  O   . HYP B 1 21 ? 4.041   -19.775 -4.941  1.00 4.94  ? 21  HYP B O   1 
HETATM 326 C  CB  . HYP B 1 21 ? 5.567   -19.015 -7.646  1.00 4.43  ? 21  HYP B CB  1 
HETATM 327 C  CG  . HYP B 1 21 ? 6.692   -18.020 -7.452  1.00 4.78  ? 21  HYP B CG  1 
HETATM 328 C  CD  . HYP B 1 21 ? 6.469   -17.531 -6.033  1.00 4.76  ? 21  HYP B CD  1 
HETATM 329 O  OD1 . HYP B 1 21 ? 6.518   -16.924 -8.290  1.00 5.28  ? 21  HYP B OD1 1 
ATOM   330 N  N   . GLY B 1 22 ? 2.626   -20.039 -6.676  1.00 4.30  ? 22  GLY B N   1 
ATOM   331 C  CA  . GLY B 1 22 ? 2.047   -21.204 -6.085  1.00 4.77  ? 22  GLY B CA  1 
ATOM   332 C  C   . GLY B 1 22 ? 3.011   -22.397 -6.107  1.00 4.48  ? 22  GLY B C   1 
ATOM   333 O  O   . GLY B 1 22 ? 3.964   -22.407 -6.860  1.00 5.23  ? 22  GLY B O   1 
ATOM   334 N  N   A PRO B 1 23 ? 2.861   -23.527 -5.382  0.50 4.11  ? 23  PRO B N   1 
ATOM   335 N  N   B PRO B 1 23 ? 2.601   -23.291 -5.181  0.50 4.91  ? 23  PRO B N   1 
ATOM   336 C  CA  A PRO B 1 23 ? 3.744   -24.750 -5.435  0.50 4.17  ? 23  PRO B CA  1 
ATOM   337 C  CA  B PRO B 1 23 ? 3.340   -24.478 -5.088  0.50 4.97  ? 23  PRO B CA  1 
ATOM   338 C  C   A PRO B 1 23 ? 3.479   -25.589 -6.711  0.50 3.65  ? 23  PRO B C   1 
ATOM   339 C  C   B PRO B 1 23 ? 3.112   -25.293 -6.369  0.50 4.79  ? 23  PRO B C   1 
ATOM   340 O  O   A PRO B 1 23 ? 2.500   -25.360 -7.427  0.50 3.48  ? 23  PRO B O   1 
ATOM   341 O  O   B PRO B 1 23 ? 2.168   -25.038 -7.129  0.50 4.29  ? 23  PRO B O   1 
ATOM   342 C  CB  A PRO B 1 23 ? 3.309   -25.523 -4.188  0.50 4.29  ? 23  PRO B CB  1 
ATOM   343 C  CB  B PRO B 1 23 ? 2.737   -25.192 -3.867  0.50 5.37  ? 23  PRO B CB  1 
ATOM   344 C  CG  A PRO B 1 23 ? 1.879   -25.148 -4.011  0.50 4.41  ? 23  PRO B CG  1 
ATOM   345 C  CG  B PRO B 1 23 ? 1.327   -24.733 -3.837  0.50 5.68  ? 23  PRO B CG  1 
ATOM   346 C  CD  A PRO B 1 23 ? 1.797   -23.669 -4.378  0.50 4.12  ? 23  PRO B CD  1 
ATOM   347 C  CD  B PRO B 1 23 ? 1.437   -23.292 -4.241  0.50 5.03  ? 23  PRO B CD  1 
HETATM 348 N  N   A HYP B 1 24 ? 4.347   -26.563 -6.990  0.50 4.34  ? 24  HYP B N   1 
HETATM 349 N  N   B HYP B 1 24 ? 3.961   -26.289 -6.582  0.50 5.47  ? 24  HYP B N   1 
HETATM 350 C  CA  A HYP B 1 24 ? 4.067   -27.460 -8.081  0.50 5.02  ? 24  HYP B CA  1 
HETATM 351 C  CA  B HYP B 1 24 ? 3.827   -27.139 -7.753  0.50 5.76  ? 24  HYP B CA  1 
HETATM 352 C  C   A HYP B 1 24 ? 2.760   -28.158 -7.892  0.50 4.73  ? 24  HYP B C   1 
HETATM 353 C  C   B HYP B 1 24 ? 2.570   -28.035 -7.784  0.50 5.16  ? 24  HYP B C   1 
HETATM 354 O  O   A HYP B 1 24 ? 2.357   -28.460 -6.752  0.50 4.94  ? 24  HYP B O   1 
HETATM 355 O  O   B HYP B 1 24 ? 1.921   -28.318 -6.757  0.50 4.98  ? 24  HYP B O   1 
HETATM 356 C  CB  A HYP B 1 24 ? 5.160   -28.511 -7.997  0.50 5.66  ? 24  HYP B CB  1 
HETATM 357 C  CB  B HYP B 1 24 ? 5.139   -27.927 -7.759  0.50 6.51  ? 24  HYP B CB  1 
HETATM 358 C  CG  A HYP B 1 24 ? 6.283   -27.787 -7.280  0.50 5.62  ? 24  HYP B CG  1 
HETATM 359 C  CG  B HYP B 1 24 ? 6.080   -27.152 -6.869  0.50 7.00  ? 24  HYP B CG  1 
HETATM 360 C  CD  A HYP B 1 24 ? 5.567   -26.914 -6.266  0.50 4.61  ? 24  HYP B CD  1 
HETATM 361 C  CD  B HYP B 1 24 ? 5.156   -26.619 -5.803  0.50 6.73  ? 24  HYP B CD  1 
HETATM 362 O  OD1 A HYP B 1 24 ? 6.956   -26.932 -8.211  0.50 6.38  ? 24  HYP B OD1 1 
HETATM 363 O  OD1 B HYP B 1 24 ? 6.578   -26.046 -7.596  0.50 8.47  ? 24  HYP B OD1 1 
ATOM   364 N  N   A GLY B 1 25 ? 2.128   -28.491 -9.014  0.50 4.82  ? 25  GLY B N   1 
ATOM   365 N  N   B GLY B 1 25 ? 2.244   -28.531 -8.975  0.50 4.84  ? 25  GLY B N   1 
ATOM   366 C  CA  A GLY B 1 25 ? 1.018   -29.431 -9.011  0.50 4.52  ? 25  GLY B CA  1 
ATOM   367 C  CA  B GLY B 1 25 ? 1.131   -29.484 -9.097  0.50 4.79  ? 25  GLY B CA  1 
ATOM   368 C  C   A GLY B 1 25 ? 1.409   -30.757 -8.405  0.50 4.20  ? 25  GLY B C   1 
ATOM   369 C  C   B GLY B 1 25 ? 1.453   -30.843 -8.523  0.50 4.22  ? 25  GLY B C   1 
ATOM   370 O  O   A GLY B 1 25 ? 2.583   -30.999 -8.104  0.50 4.02  ? 25  GLY B O   1 
ATOM   371 O  O   B GLY B 1 25 ? 2.617   -31.203 -8.362  0.50 4.22  ? 25  GLY B O   1 
ATOM   372 N  N   . PRO B 1 26 ? 0.420   -31.623 -8.224  1.00 4.50  ? 26  PRO B N   1 
ATOM   373 C  CA  . PRO B 1 26 ? 0.619   -32.853 -7.468  1.00 4.66  ? 26  PRO B CA  1 
ATOM   374 C  C   . PRO B 1 26 ? 1.111   -33.990 -8.319  1.00 4.25  ? 26  PRO B C   1 
ATOM   375 O  O   . PRO B 1 26 ? 0.830   -34.078 -9.505  1.00 4.70  ? 26  PRO B O   1 
ATOM   376 C  CB  . PRO B 1 26 ? -0.776  -33.143 -6.931  1.00 5.96  ? 26  PRO B CB  1 
ATOM   377 C  CG  . PRO B 1 26 ? -1.669  -32.618 -8.032  1.00 6.41  ? 26  PRO B CG  1 
ATOM   378 C  CD  . PRO B 1 26 ? -1.012  -31.350 -8.473  1.00 5.19  ? 26  PRO B CD  1 
HETATM 379 N  N   . HYP B 1 27 ? 1.735   -34.999 -7.681  1.00 4.81  ? 27  HYP B N   1 
HETATM 380 C  CA  . HYP B 1 27 ? 1.915   -36.309 -8.301  1.00 5.66  ? 27  HYP B CA  1 
HETATM 381 C  C   . HYP B 1 27 ? 0.586   -36.925 -8.716  1.00 6.54  ? 27  HYP B C   1 
HETATM 382 O  O   . HYP B 1 27 ? -0.411  -36.647 -8.005  1.00 7.48  ? 27  HYP B O   1 
HETATM 383 C  CB  . HYP B 1 27 ? 2.591   -37.143 -7.206  1.00 6.53  ? 27  HYP B CB  1 
HETATM 384 C  CG  . HYP B 1 27 ? 3.232   -36.092 -6.313  1.00 5.94  ? 27  HYP B CG  1 
HETATM 385 C  CD  . HYP B 1 27 ? 2.238   -34.977 -6.288  1.00 5.69  ? 27  HYP B CD  1 
HETATM 386 O  OD1 . HYP B 1 27 ? 4.457   -35.670 -6.857  1.00 7.08  ? 27  HYP B OD1 1 
HETATM 387 O  OXT . HYP B 1 27 ? 0.588   -37.652 -9.717  1.00 9.00  ? 27  HYP B OXT 1 
ATOM   388 N  N   . GLY C 1 1  ? 0.910   34.092  11.530  1.00 4.59  ? 1   GLY C N   1 
ATOM   389 C  CA  . GLY C 1 1  ? 1.526   32.876  12.083  1.00 4.00  ? 1   GLY C CA  1 
ATOM   390 C  C   . GLY C 1 1  ? 2.011   31.919  11.041  1.00 3.51  ? 1   GLY C C   1 
ATOM   391 O  O   . GLY C 1 1  ? 1.680   32.032  9.849   1.00 4.22  ? 1   GLY C O   1 
ATOM   392 N  N   . PRO C 1 2  ? 2.765   30.926  11.474  1.00 3.23  ? 2   PRO C N   1 
ATOM   393 C  CA  . PRO C 1 2  ? 3.334   29.966  10.548  1.00 3.14  ? 2   PRO C CA  1 
ATOM   394 C  C   . PRO C 1 2  ? 2.340   28.905  10.128  1.00 2.44  ? 2   PRO C C   1 
ATOM   395 O  O   . PRO C 1 2  ? 1.277   28.743  10.750  1.00 2.62  ? 2   PRO C O   1 
ATOM   396 C  CB  . PRO C 1 2  ? 4.488   29.349  11.367  1.00 3.93  ? 2   PRO C CB  1 
ATOM   397 C  CG  . PRO C 1 2  ? 3.955   29.381  12.792  1.00 3.73  ? 2   PRO C CG  1 
ATOM   398 C  CD  . PRO C 1 2  ? 3.228   30.711  12.863  1.00 3.50  ? 2   PRO C CD  1 
HETATM 399 N  N   . HYP C 1 3  ? 2.688   28.127  9.118   1.00 2.68  ? 3   HYP C N   1 
HETATM 400 C  CA  . HYP C 1 3  ? 1.843   27.000  8.714   1.00 2.75  ? 3   HYP C CA  1 
HETATM 401 C  C   . HYP C 1 3  ? 1.701   25.995  9.846   1.00 2.49  ? 3   HYP C C   1 
HETATM 402 O  O   . HYP C 1 3  ? 2.599   25.821  10.667  1.00 2.97  ? 3   HYP C O   1 
HETATM 403 C  CB  . HYP C 1 3  ? 2.602   26.364  7.544   1.00 3.19  ? 3   HYP C CB  1 
HETATM 404 C  CG  . HYP C 1 3  ? 3.505   27.470  7.012   1.00 3.67  ? 3   HYP C CG  1 
HETATM 405 C  CD  . HYP C 1 3  ? 3.897   28.211  8.294   1.00 3.51  ? 3   HYP C CD  1 
HETATM 406 O  OD1 . HYP C 1 3  ? 2.751   28.341  6.192   1.00 4.22  ? 3   HYP C OD1 1 
ATOM   407 N  N   . GLY C 1 4  ? 0.584   25.277  9.815   1.00 2.62  ? 4   GLY C N   1 
ATOM   408 C  CA  . GLY C 1 4  ? 0.356   24.197  10.727  1.00 2.59  ? 4   GLY C CA  1 
ATOM   409 C  C   . GLY C 1 4  ? 1.145   22.945  10.369  1.00 2.12  ? 4   GLY C C   1 
ATOM   410 O  O   . GLY C 1 4  ? 1.870   22.887  9.369   1.00 2.34  ? 4   GLY C O   1 
ATOM   411 N  N   . PRO C 1 5  ? 0.993   21.910  11.206  1.00 2.41  ? 5   PRO C N   1 
ATOM   412 C  CA  . PRO C 1 5  ? 1.663   20.659  10.964  1.00 2.40  ? 5   PRO C CA  1 
ATOM   413 C  C   . PRO C 1 5  ? 1.182   19.955  9.716   1.00 2.12  ? 5   PRO C C   1 
ATOM   414 O  O   . PRO C 1 5  ? 0.047   20.167  9.261   1.00 2.42  ? 5   PRO C O   1 
ATOM   415 C  CB  . PRO C 1 5  ? 1.310   19.815  12.191  1.00 3.11  ? 5   PRO C CB  1 
ATOM   416 C  CG  . PRO C 1 5  ? 0.977   20.815  13.251  1.00 3.38  ? 5   PRO C CG  1 
ATOM   417 C  CD  . PRO C 1 5  ? 0.277   21.921  12.489  1.00 3.20  ? 5   PRO C CD  1 
HETATM 418 N  N   . HYP C 1 6  ? 1.971   19.007  9.199   1.00 2.17  ? 6   HYP C N   1 
HETATM 419 C  CA  . HYP C 1 6  ? 1.418   18.110  8.136   1.00 2.48  ? 6   HYP C CA  1 
HETATM 420 C  C   . HYP C 1 6  ? 0.142   17.434  8.615   1.00 2.12  ? 6   HYP C C   1 
HETATM 421 O  O   . HYP C 1 6  ? -0.042  17.164  9.813   1.00 2.58  ? 6   HYP C O   1 
HETATM 422 C  CB  . HYP C 1 6  ? 2.561   17.055  7.957   1.00 3.19  ? 6   HYP C CB  1 
HETATM 423 C  CG  . HYP C 1 6  ? 3.818   17.786  8.434   1.00 3.34  ? 6   HYP C CG  1 
HETATM 424 C  CD  . HYP C 1 6  ? 3.306   18.629  9.596   1.00 3.07  ? 6   HYP C CD  1 
HETATM 425 O  OD1 . HYP C 1 6  ? 4.301   18.613  7.405   1.00 4.97  ? 6   HYP C OD1 1 
ATOM   426 N  N   . GLY C 1 7  ? -0.710  17.095  7.655   1.00 2.13  ? 7   GLY C N   1 
ATOM   427 C  CA  . GLY C 1 7  ? -1.941  16.396  7.950   1.00 2.16  ? 7   GLY C CA  1 
ATOM   428 C  C   . GLY C 1 7  ? -1.749  14.966  8.345   1.00 2.13  ? 7   GLY C C   1 
ATOM   429 O  O   . GLY C 1 7  ? -0.625  14.446  8.481   1.00 2.20  ? 7   GLY C O   1 
ATOM   430 N  N   . PRO C 1 8  ? -2.876  14.285  8.529   1.00 2.22  ? 8   PRO C N   1 
ATOM   431 C  CA  . PRO C 1 8  ? -2.843  12.880  8.917   1.00 2.23  ? 8   PRO C CA  1 
ATOM   432 C  C   . PRO C 1 8  ? -2.184  12.024  7.838   1.00 2.13  ? 8   PRO C C   1 
ATOM   433 O  O   . PRO C 1 8  ? -2.244  12.328  6.655   1.00 2.37  ? 8   PRO C O   1 
ATOM   434 C  CB  . PRO C 1 8  ? -4.336  12.514  9.051   1.00 2.65  ? 8   PRO C CB  1 
ATOM   435 C  CG  . PRO C 1 8  ? -4.978  13.848  9.405   1.00 2.89  ? 8   PRO C CG  1 
ATOM   436 C  CD  . PRO C 1 8  ? -4.242  14.843  8.602   1.00 2.83  ? 8   PRO C CD  1 
HETATM 437 N  N   . HYP C 1 9  ? -1.599  10.893  8.246   1.00 2.60  ? 9   HYP C N   1 
HETATM 438 C  CA  . HYP C 1 9  ? -1.032  9.963   7.295   1.00 3.04  ? 9   HYP C CA  1 
HETATM 439 C  C   . HYP C 1 9  ? -2.030  9.490   6.240   1.00 2.57  ? 9   HYP C C   1 
HETATM 440 O  O   . HYP C 1 9  ? -3.240  9.370   6.507   1.00 3.28  ? 9   HYP C O   1 
HETATM 441 C  CB  . HYP C 1 9  ? -0.609  8.779   8.170   1.00 4.04  ? 9   HYP C CB  1 
HETATM 442 C  CG  . HYP C 1 9  ? -0.265  9.449   9.461   1.00 4.69  ? 9   HYP C CG  1 
HETATM 443 C  CD  . HYP C 1 9  ? -1.330  10.486  9.635   1.00 3.84  ? 9   HYP C CD  1 
HETATM 444 O  OD1 . HYP C 1 9  ? 1.003   10.112  9.367   1.00 5.37  ? 9   HYP C OD1 1 
ATOM   445 N  N   . GLY C 1 10 ? -1.520  9.177   5.045   1.00 2.66  ? 10  GLY C N   1 
ATOM   446 C  CA  . GLY C 1 10 ? -2.337  8.539   4.051   1.00 2.69  ? 10  GLY C CA  1 
ATOM   447 C  C   . GLY C 1 10 ? -2.857  7.186   4.513   1.00 2.35  ? 10  GLY C C   1 
ATOM   448 O  O   . GLY C 1 10 ? -2.309  6.570   5.440   1.00 3.01  ? 10  GLY C O   1 
ATOM   449 N  N   . PRO C 1 11 ? -3.915  6.707   3.876   1.00 2.98  ? 11  PRO C N   1 
ATOM   450 C  CA  . PRO C 1 11 ? -4.512  5.449   4.312   1.00 3.50  ? 11  PRO C CA  1 
ATOM   451 C  C   . PRO C 1 11 ? -3.661  4.248   3.899   1.00 3.33  ? 11  PRO C C   1 
ATOM   452 O  O   . PRO C 1 11 ? -2.957  4.316   2.879   1.00 3.62  ? 11  PRO C O   1 
ATOM   453 C  CB  . PRO C 1 11 ? -5.868  5.450   3.572   1.00 5.03  ? 11  PRO C CB  1 
ATOM   454 C  CG  . PRO C 1 11 ? -5.513  6.181   2.316   1.00 5.36  ? 11  PRO C CG  1 
ATOM   455 C  CD  . PRO C 1 11 ? -4.580  7.291   2.707   1.00 4.00  ? 11  PRO C CD  1 
HETATM 456 N  N   . HYP C 1 12 ? -3.732  3.141   4.629   1.00 3.80  ? 12  HYP C N   1 
HETATM 457 C  CA  . HYP C 1 12 ? -2.885  1.999   4.257   1.00 3.93  ? 12  HYP C CA  1 
HETATM 458 C  C   . HYP C 1 12 ? -3.215  1.459   2.870   1.00 3.35  ? 12  HYP C C   1 
HETATM 459 O  O   . HYP C 1 12 ? -4.358  1.368   2.444   1.00 4.60  ? 12  HYP C O   1 
HETATM 460 C  CB  . HYP C 1 12 ? -3.229  0.954   5.354   1.00 4.61  ? 12  HYP C CB  1 
HETATM 461 C  CG  . HYP C 1 12 ? -3.561  1.810   6.550   1.00 4.79  ? 12  HYP C CG  1 
HETATM 462 C  CD  . HYP C 1 12 ? -4.357  2.932   5.949   1.00 4.52  ? 12  HYP C CD  1 
HETATM 463 O  OD1 . HYP C 1 12 ? -2.364  2.352   7.130   1.00 6.20  ? 12  HYP C OD1 1 
ATOM   464 N  N   . ALA C 1 13 ? -2.162  1.027   2.193   1.00 3.28  ? 13  ALA C N   1 
ATOM   465 C  CA  . ALA C 1 13 ? -2.279  0.509   0.836   1.00 3.07  ? 13  ALA C CA  1 
ATOM   466 C  C   . ALA C 1 13 ? -2.718  -0.956  0.847   1.00 2.98  ? 13  ALA C C   1 
ATOM   467 O  O   . ALA C 1 13 ? -2.625  -1.695  1.832   1.00 5.29  ? 13  ALA C O   1 
ATOM   468 C  CB  . ALA C 1 13 ? -0.971  0.691   0.123   1.00 3.77  ? 13  ALA C CB  1 
ATOM   469 N  N   A LEU C 1 14 ? -3.186  -1.371  -0.339  0.50 2.90  ? 14  LEU C N   1 
ATOM   470 N  N   B LEU C 1 14 ? -3.146  -1.398  -0.308  0.50 3.08  ? 14  LEU C N   1 
ATOM   471 C  CA  A LEU C 1 14 ? -3.769  -2.711  -0.633  0.50 2.81  ? 14  LEU C CA  1 
ATOM   472 C  CA  B LEU C 1 14 ? -3.710  -2.718  -0.414  0.50 3.39  ? 14  LEU C CA  1 
ATOM   473 C  C   A LEU C 1 14 ? -2.675  -3.732  -0.931  0.50 2.31  ? 14  LEU C C   1 
ATOM   474 C  C   B LEU C 1 14 ? -2.677  -3.737  -0.913  0.50 2.37  ? 14  LEU C C   1 
ATOM   475 O  O   A LEU C 1 14 ? -1.651  -3.412  -1.503  0.50 2.31  ? 14  LEU C O   1 
ATOM   476 O  O   B LEU C 1 14 ? -1.672  -3.417  -1.535  0.50 2.36  ? 14  LEU C O   1 
ATOM   477 C  CB  A LEU C 1 14 ? -4.666  -2.667  -1.865  0.50 3.30  ? 14  LEU C CB  1 
ATOM   478 C  CB  B LEU C 1 14 ? -4.905  -2.664  -1.317  0.50 4.22  ? 14  LEU C CB  1 
ATOM   479 C  CG  A LEU C 1 14 ? -6.037  -2.045  -1.656  0.50 4.28  ? 14  LEU C CG  1 
ATOM   480 C  CG  B LEU C 1 14 ? -5.971  -1.626  -1.103  0.50 6.61  ? 14  LEU C CG  1 
ATOM   481 C  CD1 A LEU C 1 14 ? -6.670  -1.466  -2.876  0.50 5.21  ? 14  LEU C CD1 1 
ATOM   482 C  CD1 B LEU C 1 14 ? -7.276  -2.208  -1.637  0.50 7.50  ? 14  LEU C CD1 1 
ATOM   483 C  CD2 A LEU C 1 14 ? -7.000  -3.024  -0.964  0.50 4.74  ? 14  LEU C CD2 1 
ATOM   484 C  CD2 B LEU C 1 14 ? -6.213  -1.372  0.351   0.50 9.45  ? 14  LEU C CD2 1 
HETATM 485 N  N   . HYP C 1 15 ? -2.944  -5.018  -0.662  1.00 2.62  ? 15  HYP C N   1 
HETATM 486 C  CA  . HYP C 1 15 ? -2.065  -6.060  -1.162  1.00 3.08  ? 15  HYP C CA  1 
HETATM 487 C  C   . HYP C 1 15 ? -2.057  -6.114  -2.689  1.00 2.50  ? 15  HYP C C   1 
HETATM 488 O  O   . HYP C 1 15 ? -3.003  -5.712  -3.376  1.00 3.35  ? 15  HYP C O   1 
HETATM 489 C  CB  . HYP C 1 15 ? -2.698  -7.365  -0.627  1.00 3.92  ? 15  HYP C CB  1 
HETATM 490 C  CG  . HYP C 1 15 ? -3.539  -6.910  0.561   1.00 5.22  ? 15  HYP C CG  1 
HETATM 491 C  CD  . HYP C 1 15 ? -4.082  -5.579  0.093   1.00 4.22  ? 15  HYP C CD  1 
HETATM 492 O  OD1 . HYP C 1 15 ? -2.708  -6.690  1.690   1.00 7.26  ? 15  HYP C OD1 1 
ATOM   493 N  N   . GLY C 1 16 ? -0.969  -6.654  -3.195  1.00 2.54  ? 16  GLY C N   1 
ATOM   494 C  CA  . GLY C 1 16 ? -0.895  -6.975  -4.621  1.00 2.68  ? 16  GLY C CA  1 
ATOM   495 C  C   . GLY C 1 16 ? -1.828  -8.111  -5.008  1.00 2.48  ? 16  GLY C C   1 
ATOM   496 O  O   . GLY C 1 16 ? -2.457  -8.765  -4.167  1.00 2.59  ? 16  GLY C O   1 
ATOM   497 N  N   . PRO C 1 17 ? -1.842  -8.418  -6.311  1.00 2.59  ? 17  PRO C N   1 
ATOM   498 C  CA  . PRO C 1 17 ? -2.561  -9.568  -6.801  1.00 2.76  ? 17  PRO C CA  1 
ATOM   499 C  C   . PRO C 1 17 ? -1.917  -10.870 -6.332  1.00 2.12  ? 17  PRO C C   1 
ATOM   500 O  O   . PRO C 1 17 ? -0.735  -10.911 -5.972  1.00 2.44  ? 17  PRO C O   1 
ATOM   501 C  CB  . PRO C 1 17 ? -2.407  -9.444  -8.336  1.00 3.93  ? 17  PRO C CB  1 
ATOM   502 C  CG  . PRO C 1 17 ? -1.987  -8.047  -8.608  1.00 4.34  ? 17  PRO C CG  1 
ATOM   503 C  CD  . PRO C 1 17 ? -1.159  -7.684  -7.391  1.00 3.21  ? 17  PRO C CD  1 
HETATM 504 N  N   . HYP C 1 18 ? -2.640  -11.979 -6.435  1.00 2.04  ? 18  HYP C N   1 
HETATM 505 C  CA  . HYP C 1 18 ? -2.018  -13.275 -6.280  1.00 2.37  ? 18  HYP C CA  1 
HETATM 506 C  C   . HYP C 1 18 ? -0.816  -13.420 -7.216  1.00 2.25  ? 18  HYP C C   1 
HETATM 507 O  O   . HYP C 1 18 ? -0.807  -12.883 -8.329  1.00 2.70  ? 18  HYP C O   1 
HETATM 508 C  CB  . HYP C 1 18 ? -3.131  -14.274 -6.644  1.00 2.60  ? 18  HYP C CB  1 
HETATM 509 C  CG  . HYP C 1 18 ? -4.402  -13.499 -6.380  1.00 2.56  ? 18  HYP C CG  1 
HETATM 510 C  CD  . HYP C 1 18 ? -4.056  -12.092 -6.826  1.00 2.35  ? 18  HYP C CD  1 
HETATM 511 O  OD1 . HYP C 1 18 ? -4.677  -13.545 -4.965  1.00 2.71  ? 18  HYP C OD1 1 
ATOM   512 N  N   . GLY C 1 19 ? 0.157   -14.191 -6.757  1.00 2.43  ? 19  GLY C N   1 
ATOM   513 C  CA  . GLY C 1 19 ? 1.332   -14.471 -7.568  1.00 2.54  ? 19  GLY C CA  1 
ATOM   514 C  C   . GLY C 1 19 ? 1.080   -15.402 -8.753  1.00 2.17  ? 19  GLY C C   1 
ATOM   515 O  O   . GLY C 1 19 ? -0.039  -15.844 -9.002  1.00 2.49  ? 19  GLY C O   1 
ATOM   516 N  N   . PRO C 1 20 ? 2.169   -15.752 -9.433  1.00 2.42  ? 20  PRO C N   1 
ATOM   517 C  CA  . PRO C 1 20 ? 2.029   -16.663 -10.546 1.00 2.64  ? 20  PRO C CA  1 
ATOM   518 C  C   . PRO C 1 20 ? 1.536   -18.024 -10.118 1.00 2.24  ? 20  PRO C C   1 
ATOM   519 O  O   . PRO C 1 20 ? 1.924   -18.540 -9.069  1.00 2.88  ? 20  PRO C O   1 
ATOM   520 C  CB  . PRO C 1 20 ? 3.487   -16.775 -11.061 1.00 3.39  ? 20  PRO C CB  1 
ATOM   521 C  CG  . PRO C 1 20 ? 4.141   -15.477 -10.643 1.00 3.21  ? 20  PRO C CG  1 
ATOM   522 C  CD  . PRO C 1 20 ? 3.530   -15.213 -9.287  1.00 2.87  ? 20  PRO C CD  1 
HETATM 523 N  N   . HYP C 1 21 ? 0.748   -18.684 -10.981 1.00 2.55  ? 21  HYP C N   1 
HETATM 524 C  CA  . HYP C 1 21 ? 0.481   -20.112 -10.793 1.00 2.76  ? 21  HYP C CA  1 
HETATM 525 C  C   . HYP C 1 21 ? 1.763   -20.900 -10.696 1.00 2.68  ? 21  HYP C C   1 
HETATM 526 O  O   . HYP C 1 21 ? 2.734   -20.605 -11.398 1.00 3.31  ? 21  HYP C O   1 
HETATM 527 C  CB  . HYP C 1 21 ? -0.290  -20.493 -12.075 1.00 3.65  ? 21  HYP C CB  1 
HETATM 528 C  CG  . HYP C 1 21 ? -0.904  -19.192 -12.532 1.00 3.91  ? 21  HYP C CG  1 
HETATM 529 C  CD  . HYP C 1 21 ? 0.067   -18.141 -12.177 1.00 3.55  ? 21  HYP C CD  1 
HETATM 530 O  OD1 . HYP C 1 21 ? -2.145  -19.019 -11.859 1.00 3.99  ? 21  HYP C OD1 1 
ATOM   531 N  N   . GLY C 1 22 ? 1.764   -21.933 -9.864  1.00 2.84  ? 22  GLY C N   1 
ATOM   532 C  CA  . GLY C 1 22 ? 2.862   -22.879 -9.837  1.00 2.87  ? 22  GLY C CA  1 
ATOM   533 C  C   . GLY C 1 22 ? 2.938   -23.690 -11.129 1.00 2.54  ? 22  GLY C C   1 
ATOM   534 O  O   . GLY C 1 22 ? 2.019   -23.674 -11.954 1.00 2.73  ? 22  GLY C O   1 
ATOM   535 N  N   . PRO C 1 23 ? 4.040   -24.417 -11.291 1.00 2.91  ? 23  PRO C N   1 
ATOM   536 C  CA  . PRO C 1 23 ? 4.213   -25.252 -12.482 1.00 3.04  ? 23  PRO C CA  1 
ATOM   537 C  C   . PRO C 1 23 ? 3.492   -26.585 -12.347 1.00 2.66  ? 23  PRO C C   1 
ATOM   538 O  O   . PRO C 1 23 ? 3.065   -26.977 -11.254 1.00 2.96  ? 23  PRO C O   1 
ATOM   539 C  CB  . PRO C 1 23 ? 5.731   -25.455 -12.503 1.00 3.53  ? 23  PRO C CB  1 
ATOM   540 C  CG  . PRO C 1 23 ? 6.092   -25.503 -11.057 1.00 3.89  ? 23  PRO C CG  1 
ATOM   541 C  CD  . PRO C 1 23 ? 5.215   -24.467 -10.386 1.00 3.50  ? 23  PRO C CD  1 
HETATM 542 N  N   . HYP C 1 24 ? 3.389   -27.315 -13.460 1.00 3.04  ? 24  HYP C N   1 
HETATM 543 C  CA  . HYP C 1 24 ? 2.723   -28.625 -13.430 1.00 3.36  ? 24  HYP C CA  1 
HETATM 544 C  C   . HYP C 1 24 ? 3.341   -29.620 -12.484 1.00 3.37  ? 24  HYP C C   1 
HETATM 545 O  O   . HYP C 1 24 ? 4.561   -29.595 -12.207 1.00 4.10  ? 24  HYP C O   1 
HETATM 546 C  CB  . HYP C 1 24 ? 2.873   -29.127 -14.885 1.00 4.06  ? 24  HYP C CB  1 
HETATM 547 C  CG  . HYP C 1 24 ? 2.890   -27.838 -15.681 1.00 4.01  ? 24  HYP C CG  1 
HETATM 548 C  CD  . HYP C 1 24 ? 3.708   -26.905 -14.846 1.00 3.91  ? 24  HYP C CD  1 
HETATM 549 O  OD1 . HYP C 1 24 ? 1.567   -27.322 -15.771 1.00 4.07  ? 24  HYP C OD1 1 
ATOM   550 N  N   . GLY C 1 25 ? 2.523   -30.564 -12.064 1.00 3.46  ? 25  GLY C N   1 
ATOM   551 C  CA  . GLY C 1 25 ? 2.994   -31.770 -11.461 1.00 3.99  ? 25  GLY C CA  1 
ATOM   552 C  C   . GLY C 1 25 ? 3.766   -32.626 -12.446 1.00 4.20  ? 25  GLY C C   1 
ATOM   553 O  O   . GLY C 1 25 ? 3.903   -32.314 -13.635 1.00 4.61  ? 25  GLY C O   1 
ATOM   554 N  N   . PRO C 1 26 ? 4.284   -33.748 -11.959 1.00 5.37  ? 26  PRO C N   1 
ATOM   555 C  CA  . PRO C 1 26 ? 5.093   -34.624 -12.836 1.00 6.45  ? 26  PRO C CA  1 
ATOM   556 C  C   . PRO C 1 26 ? 4.252   -35.215 -13.930 1.00 6.43  ? 26  PRO C C   1 
ATOM   557 O  O   . PRO C 1 26 ? 3.053   -35.497 -13.709 1.00 7.43  ? 26  PRO C O   1 
ATOM   558 C  CB  . PRO C 1 26 ? 5.600   -35.699 -11.895 1.00 7.92  ? 26  PRO C CB  1 
ATOM   559 C  CG  . PRO C 1 26 ? 4.831   -35.608 -10.706 1.00 9.19  ? 26  PRO C CG  1 
ATOM   560 C  CD  . PRO C 1 26 ? 4.243   -34.227 -10.567 1.00 6.40  ? 26  PRO C CD  1 
HETATM 561 N  N   . HYP C 1 27 ? 4.820   -35.496 -15.106 1.00 6.18  ? 27  HYP C N   1 
HETATM 562 C  CA  . HYP C 1 27 ? 4.103   -36.214 -16.126 1.00 6.37  ? 27  HYP C CA  1 
HETATM 563 C  C   . HYP C 1 27 ? 3.685   -37.603 -15.702 1.00 6.33  ? 27  HYP C C   1 
HETATM 564 O  O   . HYP C 1 27 ? 2.768   -38.163 -16.345 1.00 8.68  ? 27  HYP C O   1 
HETATM 565 C  CB  . HYP C 1 27 ? 5.089   -36.347 -17.301 1.00 8.16  ? 27  HYP C CB  1 
HETATM 566 C  CG  . HYP C 1 27 ? 6.182   -35.313 -17.064 1.00 10.00 ? 27  HYP C CG  1 
HETATM 567 C  CD  . HYP C 1 27 ? 6.235   -35.287 -15.537 1.00 8.37  ? 27  HYP C CD  1 
HETATM 568 O  OD1 . HYP C 1 27 ? 5.812   -34.076 -17.567 1.00 13.96 ? 27  HYP C OD1 1 
HETATM 569 O  OXT . HYP C 1 27 ? 4.314   -38.134 -14.773 1.00 5.46  ? 27  HYP C OXT 1 
HETATM 570 ZN ZN  . ZN  D 2 .  ? -4.518  38.952  13.711  0.82 4.83  ? 101 ZN  A ZN  1 
HETATM 571 C  C   . ACT E 3 .  ? 1.300   36.045  15.334  1.00 5.29  ? 101 ACT B C   1 
HETATM 572 O  O   . ACT E 3 .  ? 0.091   36.312  15.587  1.00 6.32  ? 101 ACT B O   1 
HETATM 573 O  OXT . ACT E 3 .  ? 1.694   35.668  14.198  1.00 5.38  ? 101 ACT B OXT 1 
HETATM 574 C  CH3 . ACT E 3 .  ? 2.331   36.192  16.399  1.00 6.18  ? 101 ACT B CH3 1 
HETATM 575 ZN ZN  . ZN  F 2 .  ? 0.162   35.379  12.953  0.93 3.72  ? 102 ZN  B ZN  1 
HETATM 576 O  O   . HOH G 4 .  ? -6.485  29.966  15.082  1.00 14.57 ? 201 HOH A O   1 
HETATM 577 O  O   . HOH G 4 .  ? -3.504  17.011  -0.579  1.00 14.13 ? 202 HOH A O   1 
HETATM 578 O  O   . HOH G 4 .  ? -1.380  34.489  9.556   1.00 9.92  ? 203 HOH A O   1 
HETATM 579 O  O   . HOH G 4 .  ? -1.541  -21.505 -3.438  1.00 10.18 ? 204 HOH A O   1 
HETATM 580 O  O   . HOH G 4 .  ? -1.468  22.921  2.678   1.00 12.99 ? 205 HOH A O   1 
HETATM 581 O  O   . HOH G 4 .  ? 3.226   4.343   -3.462  1.00 4.14  ? 206 HOH A O   1 
HETATM 582 O  O   . HOH G 4 .  ? -5.319  37.782  15.081  1.00 11.53 ? 207 HOH A O   1 
HETATM 583 O  O   . HOH G 4 .  ? -7.695  23.857  7.308   1.00 17.96 ? 208 HOH A O   1 
HETATM 584 O  O   . HOH G 4 .  ? 0.452   1.370   3.326   1.00 4.24  ? 209 HOH A O   1 
HETATM 585 O  O   . HOH G 4 .  ? -3.714  -17.706 -2.706  1.00 8.22  ? 210 HOH A O   1 
HETATM 586 O  O   . HOH G 4 .  ? -2.906  -28.168 -7.838  1.00 5.12  ? 211 HOH A O   1 
HETATM 587 O  O   . HOH G 4 .  ? -1.129  -25.749 -2.032  1.00 14.77 ? 212 HOH A O   1 
HETATM 588 O  O   . HOH G 4 .  ? 5.860   1.192   -5.112  1.00 7.75  ? 213 HOH A O   1 
HETATM 589 O  O   . HOH G 4 .  ? -4.691  -30.072 -8.560  1.00 4.33  ? 214 HOH A O   1 
HETATM 590 O  O   . HOH G 4 .  ? -4.215  -34.425 -9.863  1.00 6.00  ? 215 HOH A O   1 
HETATM 591 O  O   . HOH G 4 .  ? 4.644   -18.226 0.059   1.00 11.18 ? 216 HOH A O   1 
HETATM 592 O  O   . HOH G 4 .  ? 3.181   10.660  -2.544  1.00 13.48 ? 217 HOH A O   1 
HETATM 593 O  O   . HOH G 4 .  ? 3.405   6.387   -1.590  1.00 5.77  ? 218 HOH A O   1 
HETATM 594 O  O   . HOH G 4 .  ? 5.501   -3.852  0.490   1.00 12.05 ? 219 HOH A O   1 
HETATM 595 O  O   . HOH G 4 .  ? -5.680  28.351  8.475   1.00 10.01 ? 220 HOH A O   1 
HETATM 596 O  O   . HOH G 4 .  ? 1.919   -32.674 -15.579 1.00 5.77  ? 221 HOH A O   1 
HETATM 597 O  O   . HOH G 4 .  ? 5.608   -3.337  -1.729  1.00 24.97 ? 222 HOH A O   1 
HETATM 598 O  O   . HOH G 4 .  ? -5.970  31.033  8.101   1.00 18.96 ? 223 HOH A O   1 
HETATM 599 O  O   . HOH G 4 .  ? 2.213   14.049  0.979   1.00 4.65  ? 224 HOH A O   1 
HETATM 600 O  O   . HOH G 4 .  ? -2.069  25.529  3.265   1.00 9.33  ? 225 HOH A O   1 
HETATM 601 O  O   . HOH G 4 .  ? -2.769  -23.856 -11.743 1.00 7.69  ? 226 HOH A O   1 
HETATM 602 O  O   . HOH G 4 .  ? -1.281  -33.117 -16.820 1.00 11.11 ? 227 HOH A O   1 
HETATM 603 O  O   . HOH G 4 .  ? -4.717  -25.242 -8.708  1.00 6.88  ? 228 HOH A O   1 
HETATM 604 O  O   . HOH G 4 .  ? -2.569  21.301  0.782   1.00 26.02 ? 229 HOH A O   1 
HETATM 605 O  O   . HOH G 4 .  ? 2.068   -10.144 2.067   1.00 9.27  ? 230 HOH A O   1 
HETATM 606 O  O   . HOH G 4 .  ? 5.768   8.499   4.124   1.00 8.52  ? 231 HOH A O   1 
HETATM 607 O  O   . HOH G 4 .  ? -1.321  -10.677 0.584   1.00 8.34  ? 232 HOH A O   1 
HETATM 608 O  O   . HOH G 4 .  ? 1.449   24.492  4.683   1.00 5.87  ? 233 HOH A O   1 
HETATM 609 O  O   . HOH G 4 .  ? 1.380   3.295   5.094   1.00 4.25  ? 234 HOH A O   1 
HETATM 610 O  O   . HOH G 4 .  ? 1.818   7.753   6.131   1.00 4.04  ? 235 HOH A O   1 
HETATM 611 O  O   . HOH G 4 .  ? -6.345  34.995  14.649  1.00 10.11 ? 236 HOH A O   1 
HETATM 612 O  O   . HOH G 4 .  ? -1.809  20.740  -1.019  1.00 16.86 ? 237 HOH A O   1 
HETATM 613 O  O   . HOH G 4 .  ? -3.984  -17.715 -5.846  1.00 10.16 ? 238 HOH A O   1 
HETATM 614 O  O   . HOH G 4 .  ? 6.898   -5.274  -1.468  1.00 12.63 ? 239 HOH A O   1 
HETATM 615 O  O   . HOH G 4 .  ? -6.492  39.576  13.080  1.00 7.68  ? 240 HOH A O   1 
HETATM 616 O  O   . HOH G 4 .  ? 6.057   5.682   0.746   1.00 17.84 ? 241 HOH A O   1 
HETATM 617 O  O   . HOH G 4 .  ? -4.312  40.639  14.839  1.00 5.74  ? 242 HOH A O   1 
HETATM 618 O  O   . HOH G 4 .  ? 7.583   -7.186  1.046   1.00 25.12 ? 243 HOH A O   1 
HETATM 619 O  O   . HOH G 4 .  ? -7.174  40.686  10.688  1.00 7.34  ? 244 HOH A O   1 
HETATM 620 O  O   . HOH G 4 .  ? 1.277   23.396  2.122   1.00 8.64  ? 245 HOH A O   1 
HETATM 621 O  O   . HOH G 4 .  ? -6.661  -29.003 -10.080 1.00 5.62  ? 246 HOH A O   1 
HETATM 622 O  O   . HOH G 4 .  ? -1.358  -13.243 1.816   1.00 13.70 ? 247 HOH A O   1 
HETATM 623 O  O   . HOH G 4 .  ? 0.652   20.606  -1.279  1.00 10.82 ? 248 HOH A O   1 
HETATM 624 O  O   . HOH G 4 .  ? 0.220   -21.859 -1.294  1.00 16.78 ? 249 HOH A O   1 
HETATM 625 O  O   . HOH G 4 .  ? -5.348  -19.999 -5.209  1.00 11.82 ? 250 HOH A O   1 
HETATM 626 O  O   . HOH G 4 .  ? 3.779   -4.246  4.286   1.00 10.59 ? 251 HOH A O   1 
HETATM 627 O  O   . HOH G 4 .  ? 6.502   11.092  4.598   1.00 9.25  ? 252 HOH A O   1 
HETATM 628 O  O   . HOH G 4 .  ? -2.911  -18.111 -0.054  1.00 13.37 ? 253 HOH A O   1 
HETATM 629 O  O   . HOH G 4 .  ? 5.289   -5.563  2.526   1.00 12.15 ? 254 HOH A O   1 
HETATM 630 O  O   . HOH G 4 .  ? -5.158  -35.442 -12.161 1.00 7.69  ? 255 HOH A O   1 
HETATM 631 O  O   . HOH G 4 .  ? -4.137  -20.523 -2.808  1.00 15.31 ? 256 HOH A O   1 
HETATM 632 O  O   . HOH G 4 .  ? 5.949   7.440   -1.645  1.00 15.17 ? 257 HOH A O   1 
HETATM 633 O  O   . HOH G 4 .  ? -7.325  23.122  3.995   1.00 30.37 ? 258 HOH A O   1 
HETATM 634 O  O   . HOH G 4 .  ? -6.563  -33.454 -13.567 1.00 6.98  ? 259 HOH A O   1 
HETATM 635 O  O   . HOH G 4 .  ? -5.680  -26.635 -10.937 1.00 4.71  ? 260 HOH A O   1 
HETATM 636 O  O   . HOH G 4 .  ? 8.320   1.435   0.353   1.00 16.74 ? 261 HOH A O   1 
HETATM 637 O  O   . HOH G 4 .  ? -7.673  28.990  10.086  1.00 32.79 ? 262 HOH A O   1 
HETATM 638 O  O   . HOH G 4 .  ? -8.545  31.696  8.674   1.00 14.80 ? 263 HOH A O   1 
HETATM 639 O  O   . HOH G 4 .  ? 0.890   15.554  -1.091  1.00 9.31  ? 264 HOH A O   1 
HETATM 640 O  O   . HOH G 4 .  ? 4.712   -10.590 2.623   1.00 10.22 ? 265 HOH A O   1 
HETATM 641 O  O   . HOH G 4 .  ? 5.098   -14.721 2.287   1.00 9.54  ? 266 HOH A O   1 
HETATM 642 O  O   . HOH H 4 .  ? 8.321   -24.826 -7.314  1.00 20.76 ? 201 HOH B O   1 
HETATM 643 O  O   . HOH H 4 .  ? 9.133   -26.818 -8.459  1.00 22.30 ? 202 HOH B O   1 
HETATM 644 O  O   . HOH H 4 .  ? 1.556   8.232   -2.390  1.00 11.84 ? 203 HOH B O   1 
HETATM 645 O  O   . HOH H 4 .  ? 4.993   -31.917 -7.743  1.00 26.62 ? 204 HOH B O   1 
HETATM 646 O  O   . HOH H 4 .  ? -2.693  -36.559 -9.226  1.00 8.84  ? 205 HOH B O   1 
HETATM 647 O  O   . HOH H 4 .  ? -6.753  21.227  7.305   1.00 14.16 ? 206 HOH B O   1 
HETATM 648 O  O   . HOH H 4 .  ? -6.887  17.179  8.525   1.00 10.35 ? 207 HOH B O   1 
HETATM 649 O  O   . HOH H 4 .  ? -1.077  17.428  13.698  1.00 4.70  ? 208 HOH B O   1 
HETATM 650 O  O   . HOH H 4 .  ? 0.469   -4.530  -8.229  1.00 3.75  ? 209 HOH B O   1 
HETATM 651 O  O   . HOH H 4 .  ? -5.915  10.083  1.004   1.00 7.26  ? 210 HOH B O   1 
HETATM 652 O  O   . HOH H 4 .  ? -0.664  -28.843 -6.153  1.00 12.95 ? 211 HOH B O   1 
HETATM 653 O  O   . HOH H 4 .  ? 6.328   -14.391 -7.352  1.00 4.51  ? 212 HOH B O   1 
HETATM 654 O  O   . HOH H 4 .  ? -2.158  21.536  15.527  1.00 5.39  ? 213 HOH B O   1 
HETATM 655 O  O   . HOH H 4 .  ? -8.007  6.228   -0.597  1.00 10.21 ? 214 HOH B O   1 
HETATM 656 O  O   . HOH H 4 .  ? 6.316   -37.663 -6.869  1.00 9.79  ? 215 HOH B O   1 
HETATM 657 O  O   . HOH H 4 .  ? 6.611   -22.760 -7.430  1.00 10.94 ? 216 HOH B O   1 
HETATM 658 O  O   . HOH H 4 .  ? 1.592   -2.064  -7.730  1.00 12.58 ? 217 HOH B O   1 
HETATM 659 O  O   . HOH H 4 .  ? -1.055  24.011  15.205  1.00 4.91  ? 218 HOH B O   1 
HETATM 660 O  O   . HOH H 4 .  ? 2.323   -28.857 -4.028  1.00 14.26 ? 219 HOH B O   1 
HETATM 661 O  O   . HOH H 4 .  ? 4.148   26.793  15.402  1.00 7.10  ? 220 HOH B O   1 
HETATM 662 O  O   . HOH H 4 .  ? -8.693  15.239  8.280   1.00 7.43  ? 221 HOH B O   1 
HETATM 663 O  O   . HOH H 4 .  ? -3.182  0.533   -2.508  1.00 4.70  ? 222 HOH B O   1 
HETATM 664 O  O   . HOH H 4 .  ? -1.032  -36.509 -5.305  1.00 13.87 ? 223 HOH B O   1 
HETATM 665 O  O   . HOH H 4 .  ? -6.359  15.167  1.340   1.00 11.80 ? 224 HOH B O   1 
HETATM 666 O  O   . HOH H 4 .  ? -3.211  13.873  -0.050  1.00 14.18 ? 225 HOH B O   1 
HETATM 667 O  O   . HOH H 4 .  ? 6.410   -20.952 -4.001  1.00 16.47 ? 226 HOH B O   1 
HETATM 668 O  O   . HOH H 4 .  ? 3.144   30.364  18.194  1.00 8.04  ? 227 HOH B O   1 
HETATM 669 O  O   . HOH H 4 .  ? -4.001  3.433   -4.359  1.00 8.17  ? 228 HOH B O   1 
HETATM 670 O  O   . HOH H 4 .  ? -5.240  -2.960  -5.823  1.00 11.33 ? 229 HOH B O   1 
HETATM 671 O  O   . HOH H 4 .  ? 1.005   -6.211  -10.335 1.00 5.68  ? 230 HOH B O   1 
HETATM 672 O  O   . HOH H 4 .  ? -5.057  27.930  13.772  1.00 11.31 ? 231 HOH B O   1 
HETATM 673 O  O   . HOH H 4 .  ? -2.557  27.659  16.996  1.00 6.84  ? 232 HOH B O   1 
HETATM 674 O  O   . HOH H 4 .  ? 8.331   -28.526 -10.184 1.00 16.51 ? 233 HOH B O   1 
HETATM 675 O  O   . HOH H 4 .  ? -6.954  20.309  10.704  1.00 20.39 ? 234 HOH B O   1 
HETATM 676 O  O   . HOH H 4 .  ? 1.619   32.659  15.884  1.00 4.76  ? 235 HOH B O   1 
HETATM 677 O  O   . HOH H 4 .  ? -2.331  8.481   -4.591  1.00 13.38 ? 236 HOH B O   1 
HETATM 678 O  O   . HOH H 4 .  ? 4.188   -0.887  -5.276  1.00 13.81 ? 237 HOH B O   1 
HETATM 679 O  O   . HOH H 4 .  ? 6.349   -9.669  -7.480  1.00 7.67  ? 238 HOH B O   1 
HETATM 680 O  O   . HOH H 4 .  ? -2.515  38.303  14.450  1.00 6.42  ? 239 HOH B O   1 
HETATM 681 O  O   . HOH H 4 .  ? 2.277   -40.078 -9.258  1.00 9.45  ? 240 HOH B O   1 
HETATM 682 O  O   . HOH H 4 .  ? -1.891  -39.953 -9.374  1.00 17.99 ? 241 HOH B O   1 
HETATM 683 O  O   . HOH H 4 .  ? 4.217   -3.874  -8.132  1.00 9.69  ? 242 HOH B O   1 
HETATM 684 O  O   . HOH H 4 .  ? 5.350   -23.323 -2.467  1.00 22.42 ? 243 HOH B O   1 
HETATM 685 O  O   . HOH H 4 .  ? -0.277  -27.953 -3.489  1.00 12.51 ? 244 HOH B O   1 
HETATM 686 O  O   . HOH H 4 .  ? 2.711   28.120  19.671  1.00 8.06  ? 245 HOH B O   1 
HETATM 687 O  O   . HOH H 4 .  ? -5.663  11.881  -1.179  1.00 19.91 ? 246 HOH B O   1 
HETATM 688 O  O   . HOH H 4 .  ? -4.019  12.977  -1.881  1.00 20.77 ? 247 HOH B O   1 
HETATM 689 O  O   . HOH H 4 .  ? 1.479   9.947   -4.144  1.00 21.45 ? 248 HOH B O   1 
HETATM 690 O  O   . HOH H 4 .  ? -8.472  19.374  8.667   1.00 14.17 ? 249 HOH B O   1 
HETATM 691 O  O   . HOH H 4 .  ? -3.932  2.541   -7.080  1.00 8.15  ? 250 HOH B O   1 
HETATM 692 O  O   . HOH H 4 .  ? 6.584   -19.504 -1.677  1.00 8.47  ? 251 HOH B O   1 
HETATM 693 O  O   . HOH H 4 .  ? -10.481 16.090  6.207   1.00 18.57 ? 252 HOH B O   1 
HETATM 694 O  O   . HOH H 4 .  ? 8.119   -13.785 -5.436  1.00 21.10 ? 253 HOH B O   1 
HETATM 695 O  O   . HOH H 4 .  ? -7.406  9.549   3.307   1.00 10.72 ? 254 HOH B O   1 
HETATM 696 O  O   . HOH H 4 .  ? -6.755  25.928  14.395  1.00 15.21 ? 255 HOH B O   1 
HETATM 697 O  O   . HOH H 4 .  ? -5.198  23.573  15.256  1.00 16.72 ? 256 HOH B O   1 
HETATM 698 O  O   . HOH H 4 .  ? -8.789  18.223  5.409   1.00 14.59 ? 257 HOH B O   1 
HETATM 699 O  O   . HOH H 4 .  ? -6.109  21.132  15.215  1.00 8.50  ? 258 HOH B O   1 
HETATM 700 O  O   . HOH H 4 .  ? -2.254  -4.152  -8.305  1.00 5.74  ? 259 HOH B O   1 
HETATM 701 O  O   . HOH H 4 .  ? 7.181   -21.508 -9.735  1.00 7.81  ? 260 HOH B O   1 
HETATM 702 O  O   . HOH H 4 .  ? -5.127  27.611  17.747  1.00 18.70 ? 261 HOH B O   1 
HETATM 703 O  O   . HOH H 4 .  ? -3.060  -38.407 -4.647  1.00 18.91 ? 262 HOH B O   1 
HETATM 704 O  O   . HOH H 4 .  ? 9.515   -17.273 -4.727  1.00 12.07 ? 263 HOH B O   1 
HETATM 705 O  O   . HOH I 4 .  ? 5.107   -33.850 -20.089 1.00 19.54 ? 101 HOH C O   1 
HETATM 706 O  O   . HOH I 4 .  ? -1.836  -9.014  2.603   1.00 11.51 ? 102 HOH C O   1 
HETATM 707 O  O   . HOH I 4 .  ? 1.615   11.870  11.280  1.00 7.81  ? 103 HOH C O   1 
HETATM 708 O  O   . HOH I 4 .  ? 5.162   16.996  5.465   1.00 8.91  ? 104 HOH C O   1 
HETATM 709 O  O   . HOH I 4 .  ? 2.888   8.349   8.681   1.00 5.21  ? 105 HOH C O   1 
HETATM 710 O  O   . HOH I 4 .  ? 5.944   -31.806 -15.287 1.00 26.63 ? 106 HOH C O   1 
HETATM 711 O  O   . HOH I 4 .  ? 6.005   20.342  8.533   1.00 5.74  ? 107 HOH C O   1 
HETATM 712 O  O   . HOH I 4 .  ? -3.649  -20.681 -13.324 1.00 4.41  ? 108 HOH C O   1 
HETATM 713 O  O   . HOH I 4 .  ? 6.510   -28.699 -13.822 1.00 12.38 ? 109 HOH C O   1 
HETATM 714 O  O   . HOH I 4 .  ? 1.966   27.247  3.852   1.00 9.12  ? 110 HOH C O   1 
HETATM 715 O  O   . HOH I 4 .  ? -2.972  -5.245  3.965   1.00 14.45 ? 111 HOH C O   1 
HETATM 716 O  O   . HOH I 4 .  ? 6.503   -31.220 -11.196 1.00 21.61 ? 112 HOH C O   1 
HETATM 717 O  O   . HOH I 4 .  ? -4.477  -2.795  3.505   1.00 14.63 ? 113 HOH C O   1 
HETATM 718 O  O   . HOH I 4 .  ? -2.828  4.027   9.235   1.00 8.45  ? 114 HOH C O   1 
HETATM 719 O  O   . HOH I 4 .  ? -0.295  0.596   7.445   1.00 7.80  ? 115 HOH C O   1 
HETATM 720 O  O   . HOH I 4 .  ? -0.025  -11.334 -10.446 1.00 3.82  ? 116 HOH C O   1 
HETATM 721 O  O   . HOH I 4 .  ? -6.529  -11.635 -4.278  1.00 3.25  ? 117 HOH C O   1 
HETATM 722 O  O   . HOH I 4 .  ? -5.040  -9.451  -3.485  1.00 6.64  ? 118 HOH C O   1 
HETATM 723 O  O   . HOH I 4 .  ? -1.727  15.796  11.533  1.00 3.83  ? 119 HOH C O   1 
HETATM 724 O  O   . HOH I 4 .  ? 5.469   -20.753 -11.832 1.00 7.44  ? 120 HOH C O   1 
HETATM 725 O  O   . HOH I 4 .  ? 1.936   16.288  11.550  1.00 4.70  ? 121 HOH C O   1 
HETATM 726 O  O   . HOH I 4 .  ? 1.091   -24.718 -16.608 1.00 4.16  ? 122 HOH C O   1 
HETATM 727 O  O   . HOH I 4 .  ? -0.035  -29.395 -16.695 1.00 4.84  ? 123 HOH C O   1 
HETATM 728 O  O   . HOH I 4 .  ? 0.165   5.541   6.182   1.00 4.06  ? 124 HOH C O   1 
HETATM 729 O  O   . HOH I 4 .  ? 4.414   22.648  8.249   1.00 7.51  ? 125 HOH C O   1 
HETATM 730 O  O   . HOH I 4 .  ? -3.068  3.677   0.159   1.00 3.92  ? 126 HOH C O   1 
HETATM 731 O  O   . HOH I 4 .  ? -5.744  -5.145  -3.377  1.00 13.16 ? 127 HOH C O   1 
HETATM 732 O  O   . HOH I 4 .  ? -3.681  6.098   7.835   1.00 10.12 ? 128 HOH C O   1 
HETATM 733 O  O   . HOH I 4 .  ? -2.188  -14.660 -10.358 1.00 7.56  ? 129 HOH C O   1 
HETATM 734 O  O   . HOH I 4 .  ? -4.372  8.657   8.976   1.00 8.98  ? 130 HOH C O   1 
HETATM 735 O  O   . HOH I 4 .  ? 0.864   -22.970 -14.420 1.00 3.92  ? 131 HOH C O   1 
HETATM 736 O  O   . HOH I 4 .  ? -5.889  9.061   5.587   1.00 8.56  ? 132 HOH C O   1 
HETATM 737 O  O   . HOH I 4 .  ? 1.800   14.194  9.926   1.00 6.42  ? 133 HOH C O   1 
HETATM 738 O  O   . HOH I 4 .  ? -3.624  -5.218  -6.114  1.00 6.41  ? 134 HOH C O   1 
HETATM 739 O  O   . HOH I 4 .  ? 1.823   -36.874 -18.711 1.00 20.17 ? 135 HOH C O   1 
HETATM 740 O  O   . HOH I 4 .  ? 5.402   26.020  10.107  1.00 8.10  ? 136 HOH C O   1 
HETATM 741 O  O   . HOH I 4 .  ? 3.037   25.117  13.419  1.00 5.13  ? 137 HOH C O   1 
HETATM 742 O  O   . HOH I 4 .  ? 3.173   35.552  10.386  1.00 9.68  ? 138 HOH C O   1 
HETATM 743 O  O   . HOH I 4 .  ? 4.768   33.296  9.938   1.00 8.38  ? 139 HOH C O   1 
HETATM 744 O  O   . HOH I 4 .  ? 7.542   -38.667 -13.935 1.00 8.96  ? 140 HOH C O   1 
HETATM 745 O  O   . HOH I 4 .  ? -7.080  0.635   0.415   1.00 12.20 ? 141 HOH C O   1 
HETATM 746 O  O   . HOH I 4 .  ? 4.140   22.676  12.541  1.00 5.29  ? 142 HOH C O   1 
HETATM 747 O  O   . HOH I 4 .  ? 5.225   15.151  6.721   1.00 21.92 ? 143 HOH C O   1 
HETATM 748 O  O   . HOH I 4 .  ? 2.238   -12.661 -11.396 1.00 5.22  ? 144 HOH C O   1 
HETATM 749 O  O   . HOH I 4 .  ? -7.798  2.546   1.328   1.00 11.01 ? 145 HOH C O   1 
HETATM 750 O  O   . HOH I 4 .  ? -0.263  5.261   8.903   1.00 7.16  ? 146 HOH C O   1 
HETATM 751 O  O   . HOH I 4 .  ? -0.610  13.385  12.350  1.00 4.77  ? 147 HOH C O   1 
HETATM 752 O  O   . HOH I 4 .  ? -6.364  -7.315  -4.880  1.00 21.95 ? 148 HOH C O   1 
HETATM 753 O  O   . HOH I 4 .  ? 2.645   -40.799 -19.412 1.00 7.65  ? 149 HOH C O   1 
HETATM 754 O  O   . HOH I 4 .  ? 5.828   23.315  10.450  1.00 8.07  ? 150 HOH C O   1 
HETATM 755 O  O   . HOH I 4 .  ? 1.813   -31.029 -17.788 1.00 9.13  ? 151 HOH C O   1 
HETATM 756 O  O   . HOH I 4 .  ? -7.218  6.904   6.591   1.00 9.74  ? 152 HOH C O   1 
HETATM 757 O  O   . HOH I 4 .  ? -5.518  -6.653  -7.657  1.00 10.22 ? 153 HOH C O   1 
HETATM 758 O  O   . HOH I 4 .  ? -1.864  -22.686 -14.095 1.00 4.29  ? 154 HOH C O   1 
HETATM 759 O  O   . HOH I 4 .  ? -1.448  -24.747 -17.606 1.00 8.65  ? 155 HOH C O   1 
HETATM 760 O  O   . HOH I 4 .  ? -4.418  15.865  12.486  1.00 5.41  ? 156 HOH C O   1 
HETATM 761 O  O   . HOH I 4 .  ? 5.756   -27.941 -17.597 1.00 18.76 ? 157 HOH C O   1 
HETATM 762 O  O   . HOH I 4 .  ? -7.963  -10.446 -6.300  1.00 6.71  ? 158 HOH C O   1 
HETATM 763 O  O   . HOH I 4 .  ? 5.241   -24.916 -17.484 1.00 10.92 ? 159 HOH C O   1 
HETATM 764 O  O   . HOH I 4 .  ? -4.169  -2.294  6.271   1.00 11.59 ? 160 HOH C O   1 
# 
loop_
_atom_site_anisotrop.id 
_atom_site_anisotrop.type_symbol 
_atom_site_anisotrop.pdbx_label_atom_id 
_atom_site_anisotrop.pdbx_label_alt_id 
_atom_site_anisotrop.pdbx_label_comp_id 
_atom_site_anisotrop.pdbx_label_asym_id 
_atom_site_anisotrop.pdbx_label_seq_id 
_atom_site_anisotrop.pdbx_PDB_ins_code 
_atom_site_anisotrop.U[1][1] 
_atom_site_anisotrop.U[2][2] 
_atom_site_anisotrop.U[3][3] 
_atom_site_anisotrop.U[1][2] 
_atom_site_anisotrop.U[1][3] 
_atom_site_anisotrop.U[2][3] 
_atom_site_anisotrop.pdbx_auth_seq_id 
_atom_site_anisotrop.pdbx_auth_comp_id 
_atom_site_anisotrop.pdbx_auth_asym_id 
_atom_site_anisotrop.pdbx_auth_atom_id 
1   N  N   . GLY A 1  ? 0.0961 0.0880 0.0748 0.0289  -0.0006 -0.0007 1   GLY A N   
2   C  CA  . GLY A 1  ? 0.1331 0.0928 0.0917 0.0357  -0.0304 -0.0071 1   GLY A CA  
3   C  C   . GLY A 1  ? 0.0963 0.0689 0.1387 0.0479  -0.0353 -0.0239 1   GLY A C   
4   O  O   . GLY A 1  ? 0.0819 0.0822 0.1482 0.0452  -0.0334 -0.0227 1   GLY A O   
5   N  N   . PRO A 2  ? 0.1205 0.1174 0.1440 0.0431  -0.0654 -0.0291 2   PRO A N   
6   C  CA  . PRO A 2  ? 0.0998 0.1203 0.1439 0.0475  -0.0464 -0.0307 2   PRO A CA  
7   C  C   . PRO A 2  ? 0.0745 0.1134 0.1586 0.0361  -0.0629 -0.0459 2   PRO A C   
8   O  O   . PRO A 2  ? 0.0823 0.0848 0.1349 0.0207  -0.0467 -0.0222 2   PRO A O   
9   C  CB  . PRO A 2  ? 0.1142 0.1673 0.1476 0.0096  -0.0453 -0.0353 2   PRO A CB  
10  C  CG  . PRO A 2  ? 0.1418 0.1490 0.0748 0.0247  -0.0461 -0.0520 2   PRO A CG  
11  C  CD  . PRO A 2  ? 0.1325 0.1381 0.1340 0.0394  -0.0468 -0.0321 2   PRO A CD  
12  N  N   . HYP A 3  ? 0.0523 0.1112 0.1396 0.0360  -0.0351 -0.0560 3   HYP A N   
13  C  CA  . HYP A 3  ? 0.0497 0.0882 0.1118 0.0239  -0.0111 -0.0532 3   HYP A CA  
14  C  C   . HYP A 3  ? 0.0457 0.0670 0.0836 0.0135  -0.0208 -0.0277 3   HYP A C   
15  O  O   . HYP A 3  ? 0.0575 0.0710 0.0954 0.0209  -0.0325 -0.0197 3   HYP A O   
16  C  CB  . HYP A 3  ? 0.0631 0.1125 0.1420 0.0084  0.0004  -0.0564 3   HYP A CB  
17  C  CG  . HYP A 3  ? 0.0520 0.1423 0.1870 0.0095  -0.0025 -0.0634 3   HYP A CG  
18  C  CD  . HYP A 3  ? 0.0539 0.1588 0.1652 0.0270  -0.0311 -0.0695 3   HYP A CD  
19  O  OD1 . HYP A 3  ? 0.0515 0.1841 0.2095 -0.0008 0.0333  -0.1096 3   HYP A OD1 
20  N  N   . GLY A 4  ? 0.0412 0.0607 0.0687 0.0076  -0.0124 -0.0136 4   GLY A N   
21  C  CA  . GLY A 4  ? 0.0477 0.0435 0.0735 0.0126  -0.0109 -0.0066 4   GLY A CA  
22  C  C   . GLY A 4  ? 0.0404 0.0447 0.0604 0.0069  -0.0055 -0.0007 4   GLY A C   
23  O  O   . GLY A 4  ? 0.0458 0.0460 0.0666 -0.0005 -0.0071 -0.0034 4   GLY A O   
24  N  N   . PRO A 5  ? 0.0533 0.0470 0.0575 0.0017  -0.0018 0.0032  5   PRO A N   
25  C  CA  . PRO A 5  ? 0.0605 0.0465 0.0569 0.0035  -0.0050 0.0032  5   PRO A CA  
26  C  C   . PRO A 5  ? 0.0446 0.0445 0.0475 0.0050  -0.0053 0.0006  5   PRO A C   
27  O  O   . PRO A 5  ? 0.0371 0.0431 0.0399 0.0035  0.0019  -0.0013 5   PRO A O   
28  C  CB  . PRO A 5  ? 0.0897 0.0536 0.0677 0.0086  0.0117  0.0068  5   PRO A CB  
29  C  CG  . PRO A 5  ? 0.0732 0.0787 0.0752 -0.0114 0.0050  0.0104  5   PRO A CG  
30  C  CD  . PRO A 5  ? 0.0570 0.0459 0.0715 0.0091  0.0101  0.0098  5   PRO A CD  
31  N  N   . HYP A 6  ? 0.0364 0.0447 0.0638 0.0091  -0.0123 0.0054  6   HYP A N   
32  C  CA  . HYP A 6  ? 0.0488 0.0441 0.0573 -0.0001 -0.0085 0.0033  6   HYP A CA  
33  C  C   . HYP A 6  ? 0.0555 0.0334 0.0391 0.0036  -0.0031 0.0028  6   HYP A C   
34  O  O   . HYP A 6  ? 0.0655 0.0461 0.0387 0.0047  -0.0017 0.0048  6   HYP A O   
35  C  CB  . HYP A 6  ? 0.0663 0.0637 0.0737 0.0013  -0.0249 -0.0066 6   HYP A CB  
36  C  CG  . HYP A 6  ? 0.0635 0.0737 0.0898 0.0042  -0.0306 0.0082  6   HYP A CG  
37  C  CD  . HYP A 6  ? 0.0579 0.0680 0.0731 0.0076  -0.0305 0.0058  6   HYP A CD  
38  O  OD1 . HYP A 6  ? 0.0444 0.0832 0.1202 0.0058  -0.0261 0.0061  6   HYP A OD1 
39  N  N   . GLY A 7  ? 0.0384 0.0388 0.0319 0.0035  -0.0031 0.0042  7   GLY A N   
40  C  CA  . GLY A 7  ? 0.0348 0.0366 0.0442 0.0001  -0.0036 0.0043  7   GLY A CA  
41  C  C   . GLY A 7  ? 0.0344 0.0376 0.0411 0.0006  0.0058  0.0053  7   GLY A C   
42  O  O   . GLY A 7  ? 0.0417 0.0433 0.0443 0.0003  -0.0026 0.0009  7   GLY A O   
43  N  N   . PRO A 8  ? 0.0349 0.0435 0.0614 0.0027  0.0088  0.0067  8   PRO A N   
44  C  CA  . PRO A 8  ? 0.0624 0.0445 0.0579 0.0014  0.0279  0.0089  8   PRO A CA  
45  C  C   . PRO A 8  ? 0.0414 0.0382 0.0316 0.0098  0.0067  0.0047  8   PRO A C   
46  O  O   . PRO A 8  ? 0.0384 0.0331 0.0304 0.0013  0.0018  0.0030  8   PRO A O   
47  C  CB  . PRO A 8  ? 0.0621 0.0865 0.1104 -0.0102 0.0359  -0.0152 8   PRO A CB  
48  C  CG  . PRO A 8  ? 0.0841 0.1562 0.1034 0.0435  0.0171  0.0079  8   PRO A CG  
49  C  CD  . PRO A 8  ? 0.0354 0.0693 0.0809 -0.0036 0.0043  0.0182  8   PRO A CD  
50  N  N   . HYP A 9  ? 0.0686 0.0357 0.0308 0.0084  0.0079  0.0056  9   HYP A N   
51  C  CA  . HYP A 9  ? 0.0645 0.0369 0.0356 0.0084  -0.0071 0.0022  9   HYP A CA  
52  C  C   . HYP A 9  ? 0.0386 0.0288 0.0271 0.0040  0.0022  -0.0017 9   HYP A C   
53  O  O   . HYP A 9  ? 0.0372 0.0369 0.0463 -0.0013 0.0075  0.0087  9   HYP A O   
54  C  CB  . HYP A 9  ? 0.1118 0.0584 0.0417 0.0140  -0.0115 -0.0104 9   HYP A CB  
55  C  CG  . HYP A 9  ? 0.1162 0.0768 0.0329 0.0180  -0.0094 0.0019  9   HYP A CG  
56  C  CD  . HYP A 9  ? 0.0920 0.0651 0.0306 0.0167  0.0082  0.0118  9   HYP A CD  
57  O  OD1 . HYP A 9  ? 0.1271 0.0901 0.0622 0.0182  -0.0176 0.0295  9   HYP A OD1 
58  N  N   . GLY A 10 ? 0.0360 0.0351 0.0290 0.0018  0.0027  0.0029  10  GLY A N   
59  C  CA  . GLY A 10 ? 0.0292 0.0320 0.0335 0.0000  0.0029  0.0030  10  GLY A CA  
60  C  C   . GLY A 10 ? 0.0319 0.0257 0.0329 -0.0029 -0.0008 -0.0024 10  GLY A C   
61  O  O   . GLY A 10 ? 0.0317 0.0426 0.0335 -0.0041 0.0025  -0.0047 10  GLY A O   
62  N  N   . PRO A 11 ? 0.0360 0.0435 0.0373 0.0051  -0.0094 -0.0081 11  PRO A N   
63  C  CA  . PRO A 11 ? 0.0315 0.0451 0.0516 0.0054  -0.0111 -0.0121 11  PRO A CA  
64  C  C   . PRO A 11 ? 0.0326 0.0254 0.0371 0.0065  -0.0046 -0.0028 11  PRO A C   
65  O  O   . PRO A 11 ? 0.0349 0.0385 0.0372 0.0009  -0.0014 -0.0074 11  PRO A O   
66  C  CB  . PRO A 11 ? 0.0568 0.0573 0.0683 0.0173  -0.0269 -0.0065 11  PRO A CB  
67  C  CG  . PRO A 11 ? 0.0551 0.0672 0.0584 0.0145  -0.0184 -0.0009 11  PRO A CG  
68  C  CD  . PRO A 11 ? 0.0479 0.0412 0.0382 0.0037  -0.0132 -0.0035 11  PRO A CD  
69  N  N   . HYP A 12 ? 0.0316 0.0307 0.0406 0.0015  -0.0001 -0.0012 12  HYP A N   
70  C  CA  . HYP A 12 ? 0.0397 0.0332 0.0392 0.0002  0.0033  -0.0036 12  HYP A CA  
71  C  C   . HYP A 12 ? 0.0262 0.0330 0.0347 0.0042  0.0000  -0.0041 12  HYP A C   
72  O  O   . HYP A 12 ? 0.0348 0.0356 0.0398 0.0029  -0.0050 -0.0003 12  HYP A O   
73  C  CB  . HYP A 12 ? 0.0551 0.0408 0.0488 0.0032  0.0176  0.0037  12  HYP A CB  
74  C  CG  . HYP A 12 ? 0.0578 0.0475 0.0574 -0.0042 0.0186  0.0054  12  HYP A CG  
75  C  CD  . HYP A 12 ? 0.0389 0.0503 0.0595 -0.0085 0.0052  0.0011  12  HYP A CD  
76  O  OD1 . HYP A 12 ? 0.0977 0.0427 0.0450 -0.0058 0.0110  0.0082  12  HYP A OD1 
77  N  N   . ALA A 13 ? 0.0371 0.0267 0.0350 0.0009  -0.0064 0.0018  13  ALA A N   
78  C  CA  . ALA A 13 ? 0.0366 0.0259 0.0362 0.0002  -0.0068 0.0002  13  ALA A CA  
79  C  C   . ALA A 13 ? 0.0379 0.0365 0.0453 0.0037  -0.0098 -0.0094 13  ALA A C   
80  O  O   . ALA A 13 ? 0.0365 0.0553 0.0586 -0.0090 0.0022  -0.0122 13  ALA A O   
81  C  CB  . ALA A 13 ? 0.0334 0.0331 0.0358 0.0003  -0.0046 0.0032  13  ALA A CB  
82  N  N   A LEU A 14 ? 0.0380 0.0351 0.0650 0.0053  -0.0131 -0.0099 14  LEU A N   
83  N  N   B LEU A 14 ? 0.0305 0.0313 0.0585 0.0045  -0.0089 -0.0105 14  LEU A N   
84  C  CA  A LEU A 14 ? 0.0396 0.0398 0.0677 0.0067  -0.0100 -0.0070 14  LEU A CA  
85  C  CA  B LEU A 14 ? 0.0263 0.0302 0.0630 0.0066  -0.0107 -0.0044 14  LEU A CA  
86  C  C   A LEU A 14 ? 0.0278 0.0304 0.0727 0.0067  -0.0108 -0.0004 14  LEU A C   
87  C  C   B LEU A 14 ? 0.0267 0.0248 0.0678 0.0058  -0.0140 -0.0018 14  LEU A C   
88  O  O   A LEU A 14 ? 0.0344 0.0376 0.0475 -0.0042 -0.0125 -0.0024 14  LEU A O   
89  O  O   B LEU A 14 ? 0.0311 0.0317 0.0462 -0.0012 -0.0136 -0.0014 14  LEU A O   
90  C  CB  A LEU A 14 ? 0.0654 0.0619 0.0559 0.0183  -0.0082 -0.0014 14  LEU A CB  
91  C  CB  B LEU A 14 ? 0.0282 0.0305 0.0518 0.0062  -0.0129 -0.0099 14  LEU A CB  
92  C  CG  A LEU A 14 ? 0.0952 0.0919 0.0889 -0.0009 -0.0220 0.0015  14  LEU A CG  
93  C  CG  B LEU A 14 ? 0.0317 0.0423 0.0506 0.0130  -0.0178 -0.0117 14  LEU A CG  
94  C  CD1 A LEU A 14 ? 0.0713 0.0895 0.0780 0.0072  -0.0124 -0.0053 14  LEU A CD1 
95  C  CD1 B LEU A 14 ? 0.0408 0.0459 0.0470 0.0181  -0.0206 -0.0146 14  LEU A CD1 
96  C  CD2 A LEU A 14 ? 0.1092 0.1322 0.1168 0.0010  -0.0026 -0.0012 14  LEU A CD2 
97  C  CD2 B LEU A 14 ? 0.0447 0.0460 0.0487 0.0055  -0.0130 -0.0132 14  LEU A CD2 
98  N  N   . HYP A 15 ? 0.0249 0.0313 0.0775 0.0036  -0.0101 -0.0053 15  HYP A N   
99  C  CA  . HYP A 15 ? 0.0320 0.0304 0.0683 -0.0005 -0.0003 -0.0040 15  HYP A CA  
100 C  C   . HYP A 15 ? 0.0352 0.0293 0.0416 0.0033  -0.0103 -0.0027 15  HYP A C   
101 O  O   . HYP A 15 ? 0.0646 0.0331 0.0517 0.0014  -0.0305 -0.0029 15  HYP A O   
102 C  CB  . HYP A 15 ? 0.0318 0.0485 0.0752 -0.0005 0.0055  0.0046  15  HYP A CB  
103 C  CG  . HYP A 15 ? 0.0355 0.0497 0.1362 -0.0029 0.0161  -0.0126 15  HYP A CG  
104 C  CD  . HYP A 15 ? 0.0292 0.0624 0.1252 -0.0088 -0.0024 -0.0146 15  HYP A CD  
105 O  OD1 . HYP A 15 ? 0.0733 0.0497 0.1700 0.0059  0.0584  0.0263  15  HYP A OD1 
106 N  N   . GLY A 16 ? 0.0370 0.0313 0.0297 0.0006  -0.0095 0.0004  16  GLY A N   
107 C  CA  . GLY A 16 ? 0.0496 0.0317 0.0274 -0.0022 -0.0043 -0.0013 16  GLY A CA  
108 C  C   . GLY A 16 ? 0.0479 0.0291 0.0257 -0.0053 -0.0097 -0.0001 16  GLY A C   
109 O  O   . GLY A 16 ? 0.0522 0.0339 0.0362 0.0044  -0.0070 0.0037  16  GLY A O   
110 N  N   . PRO A 17 ? 0.0595 0.0364 0.0327 -0.0084 -0.0073 0.0068  17  PRO A N   
111 C  CA  . PRO A 17 ? 0.0653 0.0371 0.0351 -0.0059 -0.0089 0.0000  17  PRO A CA  
112 C  C   . PRO A 17 ? 0.0390 0.0400 0.0201 -0.0147 -0.0008 0.0110  17  PRO A C   
113 O  O   . PRO A 17 ? 0.0430 0.0426 0.0154 -0.0070 -0.0015 0.0034  17  PRO A O   
114 C  CB  . PRO A 17 ? 0.1218 0.0493 0.0347 0.0029  0.0076  0.0014  17  PRO A CB  
115 C  CG  . PRO A 17 ? 0.1105 0.0616 0.0570 -0.0156 0.0150  0.0145  17  PRO A CG  
116 C  CD  . PRO A 17 ? 0.0705 0.0537 0.0412 -0.0116 0.0067  0.0070  17  PRO A CD  
117 N  N   . HYP A 18 ? 0.0386 0.0500 0.0251 -0.0088 -0.0105 0.0019  18  HYP A N   
118 C  CA  . HYP A 18 ? 0.0351 0.0524 0.0234 -0.0021 -0.0044 -0.0012 18  HYP A CA  
119 C  C   . HYP A 18 ? 0.0380 0.0389 0.0229 -0.0016 -0.0052 -0.0018 18  HYP A C   
120 O  O   . HYP A 18 ? 0.0465 0.0501 0.0214 -0.0064 -0.0056 -0.0016 18  HYP A O   
121 C  CB  . HYP A 18 ? 0.0482 0.0671 0.0352 0.0085  -0.0105 -0.0057 18  HYP A CB  
122 C  CG  . HYP A 18 ? 0.0458 0.0826 0.0510 -0.0046 -0.0050 -0.0009 18  HYP A CG  
123 C  CD  . HYP A 18 ? 0.0432 0.0632 0.0438 -0.0022 -0.0172 0.0088  18  HYP A CD  
124 O  OD1 . HYP A 18 ? 0.0473 0.1406 0.0859 -0.0045 0.0075  0.0293  18  HYP A OD1 
125 N  N   . GLY A 19 ? 0.0345 0.0373 0.0201 -0.0043 -0.0026 0.0000  19  GLY A N   
126 C  CA  . GLY A 19 ? 0.0328 0.0391 0.0223 -0.0034 0.0020  -0.0009 19  GLY A CA  
127 C  C   . GLY A 19 ? 0.0327 0.0413 0.0174 -0.0014 0.0009  0.0028  19  GLY A C   
128 O  O   . GLY A 19 ? 0.0380 0.0434 0.0250 -0.0012 -0.0062 0.0031  19  GLY A O   
129 N  N   . PRO A 20 ? 0.0344 0.0398 0.0327 -0.0022 0.0022  -0.0005 20  PRO A N   
130 C  CA  . PRO A 20 ? 0.0452 0.0424 0.0301 -0.0030 0.0049  0.0048  20  PRO A CA  
131 C  C   . PRO A 20 ? 0.0426 0.0387 0.0253 -0.0061 0.0020  0.0041  20  PRO A C   
132 O  O   . PRO A 20 ? 0.0417 0.0476 0.0220 0.0001  0.0033  0.0011  20  PRO A O   
133 C  CB  . PRO A 20 ? 0.0450 0.0557 0.0437 -0.0054 0.0123  -0.0012 20  PRO A CB  
134 C  CG  . PRO A 20 ? 0.0444 0.0563 0.0422 -0.0062 0.0090  0.0024  20  PRO A CG  
135 C  CD  . PRO A 20 ? 0.0318 0.0474 0.0291 -0.0030 0.0028  -0.0042 20  PRO A CD  
136 N  N   . HYP A 21 ? 0.0496 0.0455 0.0302 0.0036  0.0113  0.0096  21  HYP A N   
137 C  CA  . HYP A 21 ? 0.0569 0.0539 0.0458 0.0160  0.0194  0.0118  21  HYP A CA  
138 C  C   . HYP A 21 ? 0.0498 0.0457 0.0519 -0.0034 0.0231  -0.0001 21  HYP A C   
139 O  O   . HYP A 21 ? 0.0535 0.0665 0.0691 -0.0034 0.0241  -0.0082 21  HYP A O   
140 C  CB  . HYP A 21 ? 0.0889 0.0583 0.0709 0.0255  0.0162  0.0207  21  HYP A CB  
141 C  CG  . HYP A 21 ? 0.0692 0.0759 0.0642 0.0104  0.0151  0.0333  21  HYP A CG  
142 C  CD  . HYP A 21 ? 0.0598 0.0566 0.0329 -0.0039 0.0056  0.0148  21  HYP A CD  
143 O  OD1 . HYP A 21 ? 0.0701 0.1627 0.1070 0.0025  -0.0003 0.0722  21  HYP A OD1 
144 N  N   . GLY A 22 ? 0.0421 0.0365 0.0552 -0.0032 0.0230  -0.0014 22  GLY A N   
145 C  CA  . GLY A 22 ? 0.0451 0.0367 0.0550 -0.0033 0.0203  0.0009  22  GLY A CA  
146 C  C   . GLY A 22 ? 0.0471 0.0412 0.0416 -0.0064 0.0204  0.0056  22  GLY A C   
147 O  O   . GLY A 22 ? 0.0670 0.0464 0.0390 -0.0139 0.0107  0.0057  22  GLY A O   
148 N  N   . PRO A 23 ? 0.0408 0.0430 0.0570 -0.0078 0.0133  -0.0017 23  PRO A N   
149 C  CA  . PRO A 23 ? 0.0410 0.0393 0.0618 -0.0039 0.0150  0.0005  23  PRO A CA  
150 C  C   . PRO A 23 ? 0.0354 0.0337 0.0482 -0.0107 0.0103  -0.0016 23  PRO A C   
151 O  O   . PRO A 23 ? 0.0358 0.0377 0.0433 -0.0091 0.0091  0.0025  23  PRO A O   
152 C  CB  . PRO A 23 ? 0.0365 0.0546 0.0826 -0.0068 -0.0019 0.0013  23  PRO A CB  
153 C  CG  . PRO A 23 ? 0.0414 0.0612 0.0772 0.0040  0.0022  0.0020  23  PRO A CG  
154 C  CD  . PRO A 23 ? 0.0452 0.0412 0.0730 0.0025  0.0082  0.0040  23  PRO A CD  
155 N  N   . HYP A 24 ? 0.0475 0.0323 0.0434 -0.0075 0.0152  -0.0023 24  HYP A N   
156 C  CA  . HYP A 24 ? 0.0463 0.0407 0.0449 -0.0029 0.0120  0.0026  24  HYP A CA  
157 C  C   . HYP A 24 ? 0.0364 0.0321 0.0448 -0.0030 0.0047  0.0025  24  HYP A C   
158 O  O   . HYP A 24 ? 0.0318 0.0486 0.0471 -0.0034 0.0063  0.0017  24  HYP A O   
159 C  CB  . HYP A 24 ? 0.0574 0.0456 0.0521 -0.0059 0.0109  0.0106  24  HYP A CB  
160 C  CG  . HYP A 24 ? 0.0758 0.0588 0.0587 -0.0133 0.0325  0.0100  24  HYP A CG  
161 C  CD  . HYP A 24 ? 0.0597 0.0533 0.0487 -0.0130 0.0258  -0.0010 24  HYP A CD  
162 O  OD1 . HYP A 24 ? 0.1321 0.0832 0.0416 -0.0277 0.0275  0.0069  24  HYP A OD1 
163 N  N   . GLY A 25 ? 0.0361 0.0365 0.0393 -0.0018 0.0063  0.0025  25  GLY A N   
164 C  CA  . GLY A 25 ? 0.0402 0.0338 0.0423 0.0018  0.0060  -0.0006 25  GLY A CA  
165 C  C   . GLY A 25 ? 0.0332 0.0337 0.0443 0.0013  0.0105  0.0019  25  GLY A C   
166 O  O   . GLY A 25 ? 0.0406 0.0424 0.0468 -0.0084 0.0080  0.0048  25  GLY A O   
167 N  N   . PRO A 26 ? 0.0331 0.0323 0.0462 0.0007  0.0005  0.0029  26  PRO A N   
168 C  CA  . PRO A 26 ? 0.0355 0.0368 0.0423 0.0009  0.0018  -0.0006 26  PRO A CA  
169 C  C   . PRO A 26 ? 0.0264 0.0347 0.0390 -0.0049 0.0029  0.0034  26  PRO A C   
170 O  O   . PRO A 26 ? 0.0314 0.0371 0.0609 0.0024  -0.0051 -0.0015 26  PRO A O   
171 C  CB  . PRO A 26 ? 0.0405 0.0438 0.0437 0.0011  -0.0024 0.0066  26  PRO A CB  
172 C  CG  . PRO A 26 ? 0.0468 0.0480 0.0468 -0.0018 -0.0003 0.0083  26  PRO A CG  
173 C  CD  . PRO A 26 ? 0.0319 0.0426 0.0462 -0.0012 0.0064  0.0015  26  PRO A CD  
174 N  N   . HYP A 27 ? 0.0245 0.0303 0.0474 -0.0023 0.0015  0.0027  27  HYP A N   
175 C  CA  . HYP A 27 ? 0.0387 0.0312 0.0438 -0.0002 0.0042  0.0016  27  HYP A CA  
176 C  C   . HYP A 27 ? 0.0417 0.0324 0.0413 0.0022  0.0045  0.0018  27  HYP A C   
177 O  O   . HYP A 27 ? 0.0420 0.0427 0.0450 0.0044  0.0053  0.0086  27  HYP A O   
178 C  CB  . HYP A 27 ? 0.0368 0.0390 0.0454 -0.0013 0.0067  0.0085  27  HYP A CB  
179 C  CG  . HYP A 27 ? 0.0356 0.0406 0.0569 0.0023  0.0084  0.0069  27  HYP A CG  
180 C  CD  . HYP A 27 ? 0.0264 0.0397 0.0541 0.0004  0.0058  0.0031  27  HYP A CD  
181 O  OD1 . HYP A 27 ? 0.0514 0.0461 0.0570 0.0024  0.0172  0.0147  27  HYP A OD1 
182 O  OXT . HYP A 27 ? 0.0603 0.0546 0.0589 0.0230  0.0165  0.0118  27  HYP A OXT 
183 N  N   . GLY B 1  ? 0.0584 0.0453 0.0792 0.0143  -0.0219 -0.0061 1   GLY B N   
184 C  CA  . GLY B 1  ? 0.0441 0.0577 0.0922 0.0148  -0.0147 -0.0022 1   GLY B CA  
185 C  C   . GLY B 1  ? 0.0453 0.0508 0.0606 0.0109  -0.0086 -0.0051 1   GLY B C   
186 O  O   . GLY B 1  ? 0.0473 0.0355 0.0730 0.0102  -0.0035 -0.0018 1   GLY B O   
187 N  N   . PRO B 2  ? 0.0488 0.0461 0.0718 0.0122  -0.0003 -0.0042 2   PRO B N   
188 C  CA  A PRO B 2  ? 0.0445 0.0423 0.0603 0.0039  -0.0043 -0.0044 2   PRO B CA  
189 C  CA  B PRO B 2  ? 0.0443 0.0479 0.0584 0.0078  -0.0020 -0.0033 2   PRO B CA  
190 C  C   . PRO B 2  ? 0.0304 0.0370 0.0617 -0.0007 -0.0014 -0.0016 2   PRO B C   
191 O  O   . PRO B 2  ? 0.0399 0.0484 0.0665 0.0054  -0.0064 -0.0080 2   PRO B O   
192 C  CB  A PRO B 2  ? 0.0465 0.0548 0.0617 0.0002  -0.0045 -0.0020 2   PRO B CB  
193 C  CB  B PRO B 2  ? 0.0584 0.0631 0.0624 0.0044  0.0095  -0.0062 2   PRO B CB  
194 C  CG  A PRO B 2  ? 0.0538 0.0573 0.0780 0.0011  0.0053  -0.0040 2   PRO B CG  
195 C  CG  B PRO B 2  ? 0.0578 0.0700 0.0655 0.0067  0.0088  -0.0082 2   PRO B CG  
196 C  CD  A PRO B 2  ? 0.0495 0.0506 0.0744 0.0101  0.0001  -0.0077 2   PRO B CD  
197 C  CD  B PRO B 2  ? 0.0503 0.0592 0.0697 0.0142  0.0012  -0.0165 2   PRO B CD  
198 N  N   . HYP B 3  ? 0.0381 0.0377 0.0665 0.0059  -0.0014 -0.0082 3   HYP B N   
199 C  CA  . HYP B 3  ? 0.0437 0.0310 0.0670 0.0014  0.0009  -0.0080 3   HYP B CA  
200 C  C   . HYP B 3  ? 0.0336 0.0408 0.0625 0.0000  0.0107  -0.0045 3   HYP B C   
201 O  O   . HYP B 3  ? 0.0354 0.0551 0.0644 -0.0043 0.0154  -0.0170 3   HYP B O   
202 C  CB  . HYP B 3  ? 0.0425 0.0425 0.0836 0.0121  -0.0048 -0.0038 3   HYP B CB  
203 C  CG  . HYP B 3  ? 0.0508 0.0495 0.0803 0.0103  -0.0050 -0.0032 3   HYP B CG  
204 C  CD  . HYP B 3  ? 0.0461 0.0444 0.0710 0.0064  -0.0080 -0.0010 3   HYP B CD  
205 O  OD1 . HYP B 3  ? 0.0423 0.0568 0.0977 0.0076  -0.0121 -0.0082 3   HYP B OD1 
206 N  N   . GLY B 4  ? 0.0313 0.0436 0.0651 -0.0051 0.0139  -0.0092 4   GLY B N   
207 C  CA  . GLY B 4  ? 0.0361 0.0426 0.0546 -0.0009 0.0110  -0.0086 4   GLY B CA  
208 C  C   . GLY B 4  ? 0.0300 0.0446 0.0448 -0.0027 0.0138  -0.0129 4   GLY B C   
209 O  O   . GLY B 4  ? 0.0347 0.0427 0.0566 0.0023  0.0125  -0.0088 4   GLY B O   
210 N  N   . PRO B 5  ? 0.0362 0.0413 0.0574 -0.0098 0.0108  -0.0102 5   PRO B N   
211 C  CA  . PRO B 5  ? 0.0357 0.0404 0.0590 -0.0066 0.0142  -0.0102 5   PRO B CA  
212 C  C   . PRO B 5  ? 0.0287 0.0402 0.0412 -0.0072 0.0081  -0.0034 5   PRO B C   
213 O  O   . PRO B 5  ? 0.0295 0.0463 0.0479 -0.0034 0.0157  -0.0037 5   PRO B O   
214 C  CB  . PRO B 5  ? 0.0318 0.0542 0.0877 -0.0043 0.0193  -0.0134 5   PRO B CB  
215 C  CG  . PRO B 5  ? 0.0349 0.0575 0.0800 -0.0014 -0.0020 -0.0176 5   PRO B CG  
216 C  CD  . PRO B 5  ? 0.0400 0.0530 0.0755 -0.0058 0.0077  -0.0112 5   PRO B CD  
217 N  N   . HYP B 6  ? 0.0420 0.0401 0.0384 -0.0127 0.0180  -0.0092 6   HYP B N   
218 C  CA  . HYP B 6  ? 0.0346 0.0380 0.0449 -0.0021 0.0040  -0.0077 6   HYP B CA  
219 C  C   . HYP B 6  ? 0.0256 0.0366 0.0487 -0.0019 0.0000  -0.0034 6   HYP B C   
220 O  O   . HYP B 6  ? 0.0295 0.0618 0.0682 0.0094  -0.0065 -0.0122 6   HYP B O   
221 C  CB  . HYP B 6  ? 0.0512 0.0443 0.0474 -0.0091 0.0052  -0.0036 6   HYP B CB  
222 C  CG  . HYP B 6  ? 0.0511 0.0504 0.0475 -0.0116 0.0102  -0.0023 6   HYP B CG  
223 C  CD  . HYP B 6  ? 0.0560 0.0520 0.0424 -0.0120 0.0203  0.0004  6   HYP B CD  
224 O  OD1 . HYP B 6  ? 0.0516 0.0580 0.0418 -0.0096 0.0106  -0.0018 6   HYP B OD1 
225 N  N   . GLY B 7  ? 0.0320 0.0331 0.0391 0.0051  -0.0067 -0.0050 7   GLY B N   
226 C  CA  . GLY B 7  ? 0.0399 0.0384 0.0383 0.0006  -0.0077 -0.0008 7   GLY B CA  
227 C  C   . GLY B 7  ? 0.0304 0.0351 0.0408 0.0073  -0.0133 0.0015  7   GLY B C   
228 O  O   . GLY B 7  ? 0.0243 0.0397 0.0485 -0.0008 -0.0100 0.0018  7   GLY B O   
229 N  N   . PRO B 8  ? 0.0406 0.0396 0.0420 -0.0025 -0.0128 -0.0003 8   PRO B N   
230 C  CA  . PRO B 8  ? 0.0406 0.0380 0.0518 -0.0014 -0.0181 0.0034  8   PRO B CA  
231 C  C   . PRO B 8  ? 0.0301 0.0371 0.0320 -0.0021 -0.0079 -0.0007 8   PRO B C   
232 O  O   . PRO B 8  ? 0.0301 0.0369 0.0342 -0.0021 -0.0036 -0.0038 8   PRO B O   
233 C  CB  . PRO B 8  ? 0.0715 0.0377 0.0616 0.0004  -0.0375 0.0050  8   PRO B CB  
234 C  CG  . PRO B 8  ? 0.0895 0.0788 0.0540 -0.0098 -0.0208 0.0031  8   PRO B CG  
235 C  CD  . PRO B 8  ? 0.0408 0.0418 0.0533 0.0035  -0.0160 0.0094  8   PRO B CD  
236 N  N   . HYP B 9  ? 0.0306 0.0322 0.0538 0.0005  -0.0065 0.0042  9   HYP B N   
237 C  CA  . HYP B 9  ? 0.0408 0.0341 0.0522 0.0040  -0.0037 0.0042  9   HYP B CA  
238 C  C   . HYP B 9  ? 0.0481 0.0294 0.0408 0.0001  -0.0089 0.0048  9   HYP B C   
239 O  O   . HYP B 9  ? 0.0570 0.0402 0.0390 0.0032  -0.0138 0.0040  9   HYP B O   
240 C  CB  . HYP B 9  ? 0.0500 0.0470 0.0648 -0.0061 -0.0080 0.0033  9   HYP B CB  
241 C  CG  . HYP B 9  ? 0.0490 0.0434 0.0881 -0.0051 -0.0054 0.0061  9   HYP B CG  
242 C  CD  . HYP B 9  ? 0.0315 0.0468 0.0796 -0.0015 -0.0087 0.0118  9   HYP B CD  
243 O  OD1 . HYP B 9  ? 0.0609 0.0499 0.0895 -0.0018 0.0157  0.0007  9   HYP B OD1 
244 N  N   . GLY B 10 ? 0.0465 0.0327 0.0329 0.0036  -0.0107 -0.0024 10  GLY B N   
245 C  CA  . GLY B 10 ? 0.0439 0.0391 0.0372 0.0028  -0.0077 -0.0025 10  GLY B CA  
246 C  C   . GLY B 10 ? 0.0397 0.0273 0.0318 0.0007  -0.0054 0.0053  10  GLY B C   
247 O  O   . GLY B 10 ? 0.0406 0.0397 0.0328 -0.0056 -0.0088 0.0025  10  GLY B O   
248 N  N   . PRO B 11 ? 0.0526 0.0359 0.0303 -0.0009 -0.0012 0.0035  11  PRO B N   
249 C  CA  . PRO B 11 ? 0.0597 0.0361 0.0307 0.0063  -0.0060 0.0042  11  PRO B CA  
250 C  C   . PRO B 11 ? 0.0419 0.0345 0.0235 0.0068  -0.0038 0.0039  11  PRO B C   
251 O  O   . PRO B 11 ? 0.0365 0.0454 0.0298 0.0022  -0.0086 0.0069  11  PRO B O   
252 C  CB  . PRO B 11 ? 0.0784 0.0461 0.0413 0.0029  0.0076  0.0066  11  PRO B CB  
253 C  CG  . PRO B 11 ? 0.0596 0.0611 0.0492 0.0051  0.0145  0.0073  11  PRO B CG  
254 C  CD  . PRO B 11 ? 0.0469 0.0394 0.0423 0.0039  -0.0007 0.0065  11  PRO B CD  
255 N  N   A HYP B 12 ? 0.0437 0.0390 0.0302 0.0062  -0.0059 0.0004  12  HYP B N   
256 N  N   B HYP B 12 ? 0.0406 0.0358 0.0250 0.0110  -0.0061 0.0002  12  HYP B N   
257 C  CA  A HYP B 12 ? 0.0405 0.0384 0.0305 0.0039  -0.0051 0.0017  12  HYP B CA  
258 C  CA  B HYP B 12 ? 0.0386 0.0349 0.0285 0.0051  -0.0040 0.0015  12  HYP B CA  
259 C  C   A HYP B 12 ? 0.0443 0.0312 0.0204 0.0004  -0.0021 0.0008  12  HYP B C   
260 C  C   B HYP B 12 ? 0.0471 0.0313 0.0189 0.0013  0.0018  0.0005  12  HYP B C   
261 O  O   A HYP B 12 ? 0.0451 0.0341 0.0151 -0.0035 -0.0085 0.0032  12  HYP B O   
262 O  O   B HYP B 12 ? 0.0477 0.0379 0.0376 0.0026  0.0129  0.0064  12  HYP B O   
263 C  CB  A HYP B 12 ? 0.0404 0.0494 0.0403 0.0021  -0.0075 -0.0020 12  HYP B CB  
264 C  CB  B HYP B 12 ? 0.0413 0.0477 0.0377 0.0042  -0.0087 -0.0003 12  HYP B CB  
265 C  CG  A HYP B 12 ? 0.0474 0.0523 0.0492 0.0008  -0.0071 0.0028  12  HYP B CG  
266 C  CG  B HYP B 12 ? 0.0444 0.0483 0.0438 0.0064  -0.0131 0.0059  12  HYP B CG  
267 C  CD  A HYP B 12 ? 0.0396 0.0483 0.0383 0.0070  -0.0072 0.0056  12  HYP B CD  
268 C  CD  B HYP B 12 ? 0.0413 0.0432 0.0325 0.0108  -0.0101 0.0017  12  HYP B CD  
269 O  OD1 A HYP B 12 ? 0.0519 0.0613 0.0700 0.0068  -0.0160 0.0078  12  HYP B OD1 
270 O  OD1 B HYP B 12 ? 0.0344 0.0593 0.0627 0.0098  -0.0017 0.0044  12  HYP B OD1 
271 N  N   . ALA B 13 ? 0.0416 0.0301 0.0188 -0.0010 0.0056  0.0038  13  ALA B N   
272 C  CA  . ALA B 13 ? 0.0399 0.0299 0.0268 -0.0038 0.0068  0.0032  13  ALA B CA  
273 C  C   . ALA B 13 ? 0.0423 0.0277 0.0181 -0.0026 0.0068  0.0066  13  ALA B C   
274 O  O   . ALA B 13 ? 0.0405 0.0327 0.0270 -0.0018 0.0042  -0.0016 13  ALA B O   
275 C  CB  . ALA B 13 ? 0.0417 0.0416 0.0333 -0.0018 0.0017  0.0001  13  ALA B CB  
276 N  N   . LEU B 14 ? 0.0363 0.0291 0.0277 -0.0023 0.0045  0.0027  14  LEU B N   
277 C  CA  . LEU B 14 ? 0.0404 0.0293 0.0288 -0.0025 0.0046  0.0018  14  LEU B CA  
278 C  C   . LEU B 14 ? 0.0373 0.0291 0.0253 -0.0009 0.0005  0.0020  14  LEU B C   
279 O  O   . LEU B 14 ? 0.0368 0.0330 0.0261 0.0013  0.0014  0.0041  14  LEU B O   
280 C  CB  . LEU B 14 ? 0.0478 0.0329 0.0331 -0.0015 0.0103  -0.0005 14  LEU B CB  
281 C  CG  . LEU B 14 ? 0.0524 0.0329 0.0339 -0.0057 0.0134  -0.0008 14  LEU B CG  
282 C  CD1 . LEU B 14 ? 0.0627 0.0486 0.0370 -0.0094 0.0254  -0.0051 14  LEU B CD1 
283 C  CD2 . LEU B 14 ? 0.0532 0.0538 0.0402 -0.0048 0.0117  0.0073  14  LEU B CD2 
284 N  N   . HYP B 15 ? 0.0386 0.0306 0.0279 -0.0033 -0.0012 0.0025  15  HYP B N   
285 C  CA  . HYP B 15 ? 0.0444 0.0311 0.0314 -0.0046 0.0031  0.0022  15  HYP B CA  
286 C  C   . HYP B 15 ? 0.0443 0.0250 0.0231 -0.0057 0.0062  -0.0022 15  HYP B C   
287 O  O   . HYP B 15 ? 0.0504 0.0324 0.0264 -0.0042 0.0106  0.0046  15  HYP B O   
288 C  CB  . HYP B 15 ? 0.0515 0.0429 0.0431 -0.0073 -0.0033 -0.0009 15  HYP B CB  
289 C  CG  . HYP B 15 ? 0.0590 0.0402 0.0551 -0.0089 -0.0087 0.0013  15  HYP B CG  
290 C  CD  . HYP B 15 ? 0.0506 0.0461 0.0394 -0.0102 -0.0145 0.0037  15  HYP B CD  
291 O  OD1 . HYP B 15 ? 0.0641 0.0499 0.0694 -0.0017 -0.0080 0.0015  15  HYP B OD1 
292 N  N   . GLY B 16 ? 0.0486 0.0286 0.0266 -0.0006 0.0097  0.0008  16  GLY B N   
293 C  CA  . GLY B 16 ? 0.0443 0.0378 0.0241 -0.0010 0.0063  0.0027  16  GLY B CA  
294 C  C   . GLY B 16 ? 0.0349 0.0263 0.0245 -0.0041 0.0080  0.0053  16  GLY B C   
295 O  O   . GLY B 16 ? 0.0432 0.0335 0.0223 -0.0041 0.0047  0.0013  16  GLY B O   
296 N  N   . PRO B 17 ? 0.0364 0.0376 0.0229 0.0006  0.0049  0.0041  17  PRO B N   
297 C  CA  . PRO B 17 ? 0.0351 0.0342 0.0293 0.0003  0.0002  -0.0014 17  PRO B CA  
298 C  C   . PRO B 17 ? 0.0343 0.0331 0.0278 0.0016  -0.0011 0.0039  17  PRO B C   
299 O  O   . PRO B 17 ? 0.0383 0.0333 0.0277 0.0028  0.0026  0.0008  17  PRO B O   
300 C  CB  . PRO B 17 ? 0.0337 0.0450 0.0507 -0.0022 0.0052  -0.0065 17  PRO B CB  
301 C  CG  . PRO B 17 ? 0.0367 0.0535 0.0542 0.0021  -0.0023 0.0000  17  PRO B CG  
302 C  CD  . PRO B 17 ? 0.0433 0.0411 0.0352 -0.0006 -0.0032 0.0023  17  PRO B CD  
303 N  N   . HYP B 18 ? 0.0424 0.0366 0.0238 -0.0014 0.0025  0.0058  18  HYP B N   
304 C  CA  . HYP B 18 ? 0.0449 0.0334 0.0326 0.0013  -0.0046 0.0001  18  HYP B CA  
305 C  C   . HYP B 18 ? 0.0352 0.0333 0.0339 0.0015  0.0003  0.0009  18  HYP B C   
306 O  O   . HYP B 18 ? 0.0401 0.0445 0.0533 -0.0001 -0.0121 0.0021  18  HYP B O   
307 C  CB  . HYP B 18 ? 0.0590 0.0358 0.0357 0.0062  -0.0043 -0.0016 18  HYP B CB  
308 C  CG  . HYP B 18 ? 0.0618 0.0430 0.0288 0.0030  0.0010  0.0011  18  HYP B CG  
309 C  CD  . HYP B 18 ? 0.0443 0.0419 0.0286 -0.0043 0.0074  0.0083  18  HYP B CD  
310 O  OD1 . HYP B 18 ? 0.0647 0.0390 0.0308 0.0028  -0.0027 0.0009  18  HYP B OD1 
311 N  N   . GLY B 19 ? 0.0356 0.0316 0.0283 0.0028  -0.0038 0.0019  19  GLY B N   
312 C  CA  . GLY B 19 ? 0.0405 0.0384 0.0231 -0.0012 -0.0016 0.0063  19  GLY B CA  
313 C  C   . GLY B 19 ? 0.0313 0.0376 0.0257 -0.0047 -0.0053 0.0048  19  GLY B C   
314 O  O   . GLY B 19 ? 0.0347 0.0468 0.0283 -0.0042 0.0032  0.0040  19  GLY B O   
315 N  N   . PRO B 20 ? 0.0433 0.0431 0.0334 0.0014  -0.0094 0.0081  20  PRO B N   
316 C  CA  . PRO B 20 ? 0.0435 0.0469 0.0476 0.0027  -0.0071 0.0091  20  PRO B CA  
317 C  C   . PRO B 20 ? 0.0367 0.0412 0.0390 -0.0027 0.0052  0.0092  20  PRO B C   
318 O  O   . PRO B 20 ? 0.0374 0.0445 0.0335 -0.0041 0.0012  0.0037  20  PRO B O   
319 C  CB  . PRO B 20 ? 0.0678 0.0640 0.0562 0.0086  -0.0233 0.0148  20  PRO B CB  
320 C  CG  . PRO B 20 ? 0.0807 0.0659 0.0508 0.0123  -0.0151 0.0224  20  PRO B CG  
321 C  CD  . PRO B 20 ? 0.0595 0.0514 0.0328 0.0005  -0.0137 0.0071  20  PRO B CD  
322 N  N   . HYP B 21 ? 0.0383 0.0525 0.0537 0.0051  0.0044  0.0034  21  HYP B N   
323 C  CA  . HYP B 21 ? 0.0487 0.0444 0.0486 0.0071  0.0059  0.0030  21  HYP B CA  
324 C  C   . HYP B 21 ? 0.0489 0.0549 0.0428 0.0004  -0.0005 0.0035  21  HYP B C   
325 O  O   . HYP B 21 ? 0.0709 0.0681 0.0484 -0.0039 -0.0099 0.0106  21  HYP B O   
326 C  CB  . HYP B 21 ? 0.0574 0.0477 0.0631 0.0097  0.0150  0.0069  21  HYP B CB  
327 C  CG  . HYP B 21 ? 0.0480 0.0584 0.0750 0.0121  0.0095  0.0082  21  HYP B CG  
328 C  CD  . HYP B 21 ? 0.0388 0.0642 0.0777 0.0086  0.0056  0.0032  21  HYP B CD  
329 O  OD1 . HYP B 21 ? 0.0507 0.0691 0.0806 0.0003  0.0221  0.0169  21  HYP B OD1 
330 N  N   . GLY B 22 ? 0.0464 0.0617 0.0553 -0.0040 0.0015  0.0032  22  GLY B N   
331 C  CA  . GLY B 22 ? 0.0662 0.0698 0.0450 -0.0105 -0.0029 0.0080  22  GLY B CA  
332 C  C   . GLY B 22 ? 0.0752 0.0558 0.0393 -0.0144 -0.0232 0.0098  22  GLY B C   
333 O  O   . GLY B 22 ? 0.0778 0.0626 0.0579 -0.0119 -0.0184 0.0162  22  GLY B O   
334 N  N   A PRO B 23 ? 0.0574 0.0557 0.0428 -0.0046 -0.0050 0.0104  23  PRO B N   
335 N  N   B PRO B 23 ? 0.0831 0.0612 0.0423 -0.0088 -0.0127 0.0141  23  PRO B N   
336 C  CA  A PRO B 23 ? 0.0554 0.0616 0.0414 0.0006  -0.0066 0.0092  23  PRO B CA  
337 C  CA  B PRO B 23 ? 0.0776 0.0641 0.0469 -0.0063 -0.0020 0.0130  23  PRO B CA  
338 C  C   A PRO B 23 ? 0.0442 0.0495 0.0446 -0.0085 -0.0005 0.0091  23  PRO B C   
339 C  C   B PRO B 23 ? 0.0769 0.0596 0.0453 0.0051  -0.0013 0.0143  23  PRO B C   
340 O  O   A PRO B 23 ? 0.0435 0.0411 0.0473 -0.0021 -0.0003 0.0013  23  PRO B O   
341 O  O   B PRO B 23 ? 0.0750 0.0543 0.0335 -0.0033 0.0002  0.0090  23  PRO B O   
342 C  CB  A PRO B 23 ? 0.0602 0.0637 0.0391 0.0107  -0.0041 0.0097  23  PRO B CB  
343 C  CB  B PRO B 23 ? 0.0807 0.0656 0.0576 -0.0067 -0.0012 0.0219  23  PRO B CB  
344 C  CG  A PRO B 23 ? 0.0584 0.0546 0.0543 0.0063  0.0042  0.0089  23  PRO B CG  
345 C  CG  B PRO B 23 ? 0.0839 0.0667 0.0651 -0.0046 0.0004  0.0218  23  PRO B CG  
346 C  CD  A PRO B 23 ? 0.0507 0.0522 0.0534 -0.0021 -0.0032 0.0070  23  PRO B CD  
347 C  CD  B PRO B 23 ? 0.0784 0.0615 0.0509 -0.0077 -0.0077 0.0148  23  PRO B CD  
348 N  N   A HYP B 24 ? 0.0557 0.0536 0.0556 0.0005  -0.0021 0.0102  24  HYP B N   
349 N  N   B HYP B 24 ? 0.0815 0.0695 0.0566 0.0116  0.0003  0.0096  24  HYP B N   
350 C  CA  A HYP B 24 ? 0.0729 0.0555 0.0624 0.0042  0.0058  0.0013  24  HYP B CA  
351 C  CA  B HYP B 24 ? 0.0763 0.0770 0.0654 0.0043  0.0068  0.0036  24  HYP B CA  
352 C  C   A HYP B 24 ? 0.0815 0.0411 0.0571 0.0016  0.0068  0.0163  24  HYP B C   
353 C  C   B HYP B 24 ? 0.0842 0.0500 0.0618 0.0049  0.0152  0.0127  24  HYP B C   
354 O  O   A HYP B 24 ? 0.0728 0.0576 0.0572 0.0076  0.0081  0.0168  24  HYP B O   
355 O  O   B HYP B 24 ? 0.0807 0.0525 0.0559 -0.0038 0.0080  0.0125  24  HYP B O   
356 C  CB  A HYP B 24 ? 0.0801 0.0617 0.0732 0.0104  0.0051  0.0052  24  HYP B CB  
357 C  CB  B HYP B 24 ? 0.0914 0.0779 0.0779 0.0165  0.0015  0.0003  24  HYP B CB  
358 C  CG  A HYP B 24 ? 0.0806 0.0663 0.0663 0.0107  0.0034  0.0083  24  HYP B CG  
359 C  CG  B HYP B 24 ? 0.0990 0.0905 0.0764 0.0215  -0.0108 0.0063  24  HYP B CG  
360 C  CD  A HYP B 24 ? 0.0626 0.0579 0.0544 0.0105  -0.0007 0.0184  24  HYP B CD  
361 C  CD  B HYP B 24 ? 0.0943 0.0869 0.0744 0.0200  -0.0097 0.0137  24  HYP B CD  
362 O  OD1 A HYP B 24 ? 0.0682 0.0729 0.1012 0.0081  0.0199  0.0097  24  HYP B OD1 
363 O  OD1 B HYP B 24 ? 0.1024 0.0927 0.1264 0.0150  -0.0171 0.0193  24  HYP B OD1 
364 N  N   A GLY B 25 ? 0.0800 0.0572 0.0458 -0.0013 0.0101  0.0247  25  GLY B N   
365 N  N   B GLY B 25 ? 0.0744 0.0612 0.0479 0.0027  0.0264  0.0203  25  GLY B N   
366 C  CA  A GLY B 25 ? 0.0715 0.0477 0.0526 0.0072  0.0097  0.0146  25  GLY B CA  
367 C  CA  B GLY B 25 ? 0.0755 0.0520 0.0543 0.0077  0.0166  0.0163  25  GLY B CA  
368 C  C   A GLY B 25 ? 0.0577 0.0468 0.0548 0.0071  -0.0011 0.0113  25  GLY B C   
369 C  C   B GLY B 25 ? 0.0630 0.0501 0.0471 0.0058  0.0060  0.0119  25  GLY B C   
370 O  O   A GLY B 25 ? 0.0560 0.0420 0.0545 0.0017  -0.0020 0.0118  25  GLY B O   
371 O  O   B GLY B 25 ? 0.0600 0.0531 0.0472 0.0021  0.0124  0.0188  25  GLY B O   
372 N  N   . PRO B 26 ? 0.0572 0.0528 0.0609 0.0060  0.0032  0.0110  26  PRO B N   
373 C  CA  . PRO B 26 ? 0.0632 0.0518 0.0617 0.0023  0.0065  0.0135  26  PRO B CA  
374 C  C   . PRO B 26 ? 0.0488 0.0574 0.0551 -0.0003 0.0049  0.0107  26  PRO B C   
375 O  O   . PRO B 26 ? 0.0604 0.0634 0.0548 0.0081  0.0039  0.0118  26  PRO B O   
376 C  CB  . PRO B 26 ? 0.0762 0.0607 0.0894 0.0002  0.0248  0.0182  26  PRO B CB  
377 C  CG  . PRO B 26 ? 0.0741 0.0731 0.0963 0.0031  0.0169  0.0088  26  PRO B CG  
378 C  CD  . PRO B 26 ? 0.0547 0.0658 0.0766 0.0095  0.0067  0.0065  26  PRO B CD  
379 N  N   . HYP B 27 ? 0.0608 0.0628 0.0593 0.0058  0.0029  0.0136  27  HYP B N   
380 C  CA  . HYP B 27 ? 0.0727 0.0708 0.0715 0.0198  0.0056  0.0094  27  HYP B CA  
381 C  C   . HYP B 27 ? 0.0887 0.0722 0.0873 0.0251  -0.0247 0.0082  27  HYP B C   
382 O  O   . HYP B 27 ? 0.0867 0.0988 0.0988 -0.0105 -0.0033 0.0213  27  HYP B O   
383 C  CB  . HYP B 27 ? 0.0717 0.0839 0.0923 0.0201  -0.0063 0.0193  27  HYP B CB  
384 C  CG  . HYP B 27 ? 0.0721 0.0930 0.0605 0.0235  0.0042  0.0161  27  HYP B CG  
385 C  CD  . HYP B 27 ? 0.0686 0.0878 0.0598 0.0190  -0.0008 0.0108  27  HYP B CD  
386 O  OD1 . HYP B 27 ? 0.0730 0.1266 0.0694 0.0058  0.0006  0.0151  27  HYP B OD1 
387 O  OXT . HYP B 27 ? 0.1052 0.0875 0.1491 0.0391  -0.0461 -0.0371 27  HYP B OXT 
388 N  N   . GLY C 1  ? 0.0706 0.0414 0.0621 0.0032  -0.0082 -0.0037 1   GLY C N   
389 C  CA  . GLY C 1  ? 0.0512 0.0465 0.0539 0.0026  -0.0021 -0.0024 1   GLY C CA  
390 C  C   . GLY C 1  ? 0.0413 0.0404 0.0516 -0.0075 -0.0074 -0.0046 1   GLY C C   
391 O  O   . GLY C 1  ? 0.0566 0.0496 0.0540 -0.0031 -0.0114 -0.0053 1   GLY C O   
392 N  N   . PRO C 2  ? 0.0342 0.0451 0.0433 -0.0038 0.0026  -0.0052 2   PRO C N   
393 C  CA  . PRO C 2  ? 0.0335 0.0453 0.0405 -0.0074 0.0040  -0.0048 2   PRO C CA  
394 C  C   . PRO C 2  ? 0.0237 0.0356 0.0332 0.0024  0.0013  -0.0003 2   PRO C C   
395 O  O   . PRO C 2  ? 0.0248 0.0368 0.0376 -0.0055 0.0029  -0.0055 2   PRO C O   
396 C  CB  . PRO C 2  ? 0.0442 0.0524 0.0524 -0.0014 -0.0056 -0.0097 2   PRO C CB  
397 C  CG  . PRO C 2  ? 0.0404 0.0519 0.0493 0.0020  -0.0080 -0.0132 2   PRO C CG  
398 C  CD  . PRO C 2  ? 0.0470 0.0435 0.0423 -0.0050 -0.0031 -0.0146 2   PRO C CD  
399 N  N   . HYP C 3  ? 0.0265 0.0388 0.0365 -0.0082 0.0055  -0.0054 3   HYP C N   
400 C  CA  . HYP C 3  ? 0.0350 0.0308 0.0385 -0.0047 -0.0005 -0.0037 3   HYP C CA  
401 C  C   . HYP C 3  ? 0.0261 0.0330 0.0353 -0.0029 0.0010  -0.0046 3   HYP C C   
402 O  O   . HYP C 3  ? 0.0295 0.0396 0.0436 -0.0025 -0.0041 0.0000  3   HYP C O   
403 C  CB  . HYP C 3  ? 0.0419 0.0430 0.0362 -0.0026 0.0016  -0.0046 3   HYP C CB  
404 C  CG  . HYP C 3  ? 0.0349 0.0545 0.0500 -0.0079 0.0049  -0.0083 3   HYP C CG  
405 C  CD  . HYP C 3  ? 0.0334 0.0542 0.0457 -0.0082 0.0133  -0.0082 3   HYP C CD  
406 O  OD1 . HYP C 3  ? 0.0605 0.0513 0.0484 -0.0107 0.0074  0.0025  3   HYP C OD1 
407 N  N   . GLY C 4  ? 0.0274 0.0332 0.0387 -0.0037 -0.0021 0.0013  4   GLY C N   
408 C  CA  . GLY C 4  ? 0.0295 0.0349 0.0342 -0.0028 0.0035  -0.0017 4   GLY C CA  
409 C  C   . GLY C 4  ? 0.0151 0.0359 0.0297 -0.0069 -0.0009 -0.0052 4   GLY C C   
410 O  O   . GLY C 4  ? 0.0250 0.0372 0.0267 -0.0032 0.0008  -0.0019 4   GLY C O   
411 N  N   . PRO C 5  ? 0.0254 0.0378 0.0283 -0.0053 -0.0001 -0.0050 5   PRO C N   
412 C  CA  . PRO C 5  ? 0.0233 0.0402 0.0275 -0.0012 0.0009  0.0014  5   PRO C CA  
413 C  C   . PRO C 5  ? 0.0190 0.0362 0.0250 -0.0044 0.0029  0.0042  5   PRO C C   
414 O  O   . PRO C 5  ? 0.0263 0.0418 0.0238 0.0004  -0.0031 0.0013  5   PRO C O   
415 C  CB  . PRO C 5  ? 0.0433 0.0515 0.0232 -0.0004 -0.0031 0.0053  5   PRO C CB  
416 C  CG  . PRO C 5  ? 0.0475 0.0497 0.0311 -0.0077 0.0018  0.0023  5   PRO C CG  
417 C  CD  . PRO C 5  ? 0.0391 0.0521 0.0304 -0.0023 0.0055  -0.0030 5   PRO C CD  
418 N  N   . HYP C 6  ? 0.0243 0.0368 0.0213 -0.0018 -0.0005 0.0048  6   HYP C N   
419 C  CA  . HYP C 6  ? 0.0271 0.0425 0.0246 -0.0018 0.0011  -0.0001 6   HYP C CA  
420 C  C   . HYP C 6  ? 0.0265 0.0298 0.0239 -0.0004 -0.0031 0.0003  6   HYP C C   
421 O  O   . HYP C 6  ? 0.0363 0.0398 0.0220 -0.0027 -0.0043 -0.0009 6   HYP C O   
422 C  CB  . HYP C 6  ? 0.0252 0.0622 0.0338 0.0043  -0.0012 -0.0026 6   HYP C CB  
423 C  CG  . HYP C 6  ? 0.0251 0.0695 0.0321 0.0056  -0.0015 -0.0060 6   HYP C CG  
424 C  CD  . HYP C 6  ? 0.0258 0.0585 0.0324 0.0029  -0.0034 -0.0041 6   HYP C CD  
425 O  OD1 . HYP C 6  ? 0.0357 0.1115 0.0415 -0.0176 0.0171  -0.0051 6   HYP C OD1 
426 N  N   . GLY C 7  ? 0.0252 0.0303 0.0251 -0.0024 -0.0041 0.0040  7   GLY C N   
427 C  CA  . GLY C 7  ? 0.0276 0.0271 0.0271 -0.0038 -0.0028 0.0030  7   GLY C CA  
428 C  C   . GLY C 7  ? 0.0267 0.0291 0.0249 -0.0008 -0.0006 0.0054  7   GLY C C   
429 O  O   . GLY C 7  ? 0.0286 0.0301 0.0249 0.0015  -0.0001 0.0050  7   GLY C O   
430 N  N   . PRO C 8  ? 0.0250 0.0272 0.0318 -0.0005 -0.0002 0.0040  8   PRO C N   
431 C  CA  . PRO C 8  ? 0.0278 0.0285 0.0284 0.0025  -0.0021 0.0048  8   PRO C CA  
432 C  C   . PRO C 8  ? 0.0228 0.0240 0.0338 -0.0036 -0.0015 0.0030  8   PRO C C   
433 O  O   . PRO C 8  ? 0.0278 0.0298 0.0320 -0.0019 -0.0012 0.0034  8   PRO C O   
434 C  CB  . PRO C 8  ? 0.0297 0.0354 0.0353 0.0003  0.0026  0.0089  8   PRO C CB  
435 C  CG  . PRO C 8  ? 0.0298 0.0420 0.0379 0.0035  0.0016  -0.0003 8   PRO C CG  
436 C  CD  . PRO C 8  ? 0.0272 0.0422 0.0378 0.0040  0.0029  -0.0016 8   PRO C CD  
437 N  N   . HYP C 9  ? 0.0413 0.0272 0.0302 0.0053  -0.0003 0.0017  9   HYP C N   
438 C  CA  . HYP C 9  ? 0.0399 0.0381 0.0375 0.0068  0.0052  -0.0039 9   HYP C CA  
439 C  C   . HYP C 9  ? 0.0424 0.0237 0.0314 -0.0007 0.0075  0.0016  9   HYP C C   
440 O  O   . HYP C 9  ? 0.0449 0.0398 0.0399 -0.0091 0.0125  -0.0003 9   HYP C O   
441 C  CB  . HYP C 9  ? 0.0569 0.0445 0.0519 0.0196  -0.0032 -0.0016 9   HYP C CB  
442 C  CG  . HYP C 9  ? 0.0776 0.0579 0.0425 0.0331  -0.0040 0.0039  9   HYP C CG  
443 C  CD  . HYP C 9  ? 0.0620 0.0462 0.0377 0.0217  -0.0082 0.0094  9   HYP C CD  
444 O  OD1 . HYP C 9  ? 0.0793 0.0656 0.0587 0.0335  -0.0329 -0.0143 9   HYP C OD1 
445 N  N   . GLY C 10 ? 0.0378 0.0353 0.0278 -0.0091 0.0060  0.0003  10  GLY C N   
446 C  CA  . GLY C 10 ? 0.0425 0.0322 0.0274 -0.0058 0.0041  -0.0023 10  GLY C CA  
447 C  C   . GLY C 10 ? 0.0328 0.0331 0.0234 -0.0038 0.0046  -0.0049 10  GLY C C   
448 O  O   . GLY C 10 ? 0.0473 0.0339 0.0330 -0.0025 -0.0033 -0.0009 10  GLY C O   
449 N  N   . PRO C 11 ? 0.0354 0.0463 0.0314 -0.0065 -0.0003 -0.0086 11  PRO C N   
450 C  CA  . PRO C 11 ? 0.0389 0.0523 0.0415 -0.0115 0.0101  -0.0107 11  PRO C CA  
451 C  C   . PRO C 11 ? 0.0386 0.0486 0.0392 -0.0114 0.0088  -0.0086 11  PRO C C   
452 O  O   . PRO C 11 ? 0.0460 0.0484 0.0431 -0.0110 0.0139  -0.0089 11  PRO C O   
453 C  CB  . PRO C 11 ? 0.0464 0.0680 0.0766 -0.0164 -0.0050 -0.0144 11  PRO C CB  
454 C  CG  . PRO C 11 ? 0.0511 0.0750 0.0774 -0.0025 -0.0139 -0.0069 11  PRO C CG  
455 C  CD  . PRO C 11 ? 0.0463 0.0696 0.0361 -0.0005 -0.0050 -0.0020 11  PRO C CD  
456 N  N   . HYP C 12 ? 0.0584 0.0448 0.0410 -0.0083 0.0192  -0.0088 12  HYP C N   
457 C  CA  . HYP C 12 ? 0.0596 0.0472 0.0423 0.0009  0.0033  -0.0102 12  HYP C CA  
458 C  C   . HYP C 12 ? 0.0475 0.0428 0.0370 0.0007  0.0122  -0.0052 12  HYP C C   
459 O  O   . HYP C 12 ? 0.0495 0.0712 0.0539 -0.0157 0.0170  -0.0224 12  HYP C O   
460 C  CB  . HYP C 12 ? 0.0858 0.0434 0.0460 0.0008  0.0057  -0.0101 12  HYP C CB  
461 C  CG  . HYP C 12 ? 0.0886 0.0517 0.0415 -0.0058 0.0054  -0.0119 12  HYP C CG  
462 C  CD  . HYP C 12 ? 0.0752 0.0549 0.0412 -0.0128 0.0173  0.0030  12  HYP C CD  
463 O  OD1 . HYP C 12 ? 0.1007 0.0855 0.0491 -0.0113 -0.0054 -0.0188 12  HYP C OD1 
464 N  N   . ALA C 13 ? 0.0484 0.0404 0.0358 0.0142  0.0041  -0.0087 13  ALA C N   
465 C  CA  . ALA C 13 ? 0.0462 0.0376 0.0327 0.0072  0.0052  -0.0035 13  ALA C CA  
466 C  C   . ALA C 13 ? 0.0475 0.0388 0.0266 0.0053  0.0198  0.0044  13  ALA C C   
467 O  O   . ALA C 13 ? 0.1202 0.0446 0.0361 0.0179  0.0077  0.0104  13  ALA C O   
468 C  CB  . ALA C 13 ? 0.0428 0.0478 0.0527 0.0003  0.0058  -0.0061 13  ALA C CB  
469 N  N   A LEU C 14 ? 0.0413 0.0291 0.0395 -0.0010 0.0094  0.0014  14  LEU C N   
470 N  N   B LEU C 14 ? 0.0412 0.0348 0.0409 0.0015  0.0089  0.0014  14  LEU C N   
471 C  CA  A LEU C 14 ? 0.0374 0.0316 0.0376 -0.0025 0.0041  0.0019  14  LEU C CA  
472 C  CA  B LEU C 14 ? 0.0378 0.0373 0.0535 -0.0011 0.0125  0.0048  14  LEU C CA  
473 C  C   A LEU C 14 ? 0.0270 0.0297 0.0308 -0.0083 0.0013  0.0031  14  LEU C C   
474 C  C   B LEU C 14 ? 0.0257 0.0302 0.0339 -0.0081 0.0011  0.0045  14  LEU C C   
475 O  O   A LEU C 14 ? 0.0271 0.0335 0.0270 -0.0068 0.0013  0.0049  14  LEU C O   
476 O  O   B LEU C 14 ? 0.0262 0.0337 0.0297 -0.0072 0.0002  0.0069  14  LEU C O   
477 C  CB  A LEU C 14 ? 0.0463 0.0389 0.0402 -0.0080 -0.0020 0.0074  14  LEU C CB  
478 C  CB  B LEU C 14 ? 0.0381 0.0544 0.0676 0.0004  0.0085  0.0117  14  LEU C CB  
479 C  CG  A LEU C 14 ? 0.0551 0.0546 0.0527 0.0025  -0.0068 -0.0107 14  LEU C CG  
480 C  CG  B LEU C 14 ? 0.0603 0.0808 0.1097 0.0231  0.0030  0.0020  14  LEU C CG  
481 C  CD1 A LEU C 14 ? 0.0573 0.0669 0.0737 0.0139  -0.0251 -0.0110 14  LEU C CD1 
482 C  CD1 B LEU C 14 ? 0.0816 0.1002 0.1029 0.0190  -0.0098 -0.0161 14  LEU C CD1 
483 C  CD2 A LEU C 14 ? 0.0671 0.0547 0.0582 -0.0119 -0.0060 -0.0249 14  LEU C CD2 
484 C  CD2 B LEU C 14 ? 0.0929 0.1471 0.1189 0.0040  -0.0011 -0.0131 14  LEU C CD2 
485 N  N   . HYP C 15 ? 0.0330 0.0273 0.0390 -0.0035 0.0075  0.0025  15  HYP C N   
486 C  CA  . HYP C 15 ? 0.0411 0.0310 0.0447 -0.0021 0.0049  -0.0067 15  HYP C CA  
487 C  C   . HYP C 15 ? 0.0334 0.0213 0.0402 0.0001  -0.0057 -0.0015 15  HYP C C   
488 O  O   . HYP C 15 ? 0.0380 0.0421 0.0468 0.0061  -0.0136 -0.0077 15  HYP C O   
489 C  CB  . HYP C 15 ? 0.0552 0.0335 0.0599 -0.0042 0.0122  -0.0043 15  HYP C CB  
490 C  CG  . HYP C 15 ? 0.0848 0.0392 0.0742 -0.0076 0.0386  0.0065  15  HYP C CG  
491 C  CD  . HYP C 15 ? 0.0494 0.0445 0.0661 -0.0093 0.0264  0.0036  15  HYP C CD  
492 O  OD1 . HYP C 15 ? 0.1606 0.0517 0.0635 -0.0010 0.0299  0.0092  15  HYP C OD1 
493 N  N   . GLY C 16 ? 0.0318 0.0304 0.0340 -0.0009 -0.0048 -0.0044 16  GLY C N   
494 C  CA  . GLY C 16 ? 0.0343 0.0351 0.0323 0.0012  -0.0034 0.0000  16  GLY C CA  
495 C  C   . GLY C 16 ? 0.0365 0.0298 0.0280 0.0024  -0.0012 0.0014  16  GLY C C   
496 O  O   . GLY C 16 ? 0.0271 0.0420 0.0291 -0.0003 -0.0027 0.0038  16  GLY C O   
497 N  N   . PRO C 17 ? 0.0403 0.0290 0.0291 -0.0009 -0.0018 0.0014  17  PRO C N   
498 C  CA  . PRO C 17 ? 0.0448 0.0330 0.0270 -0.0019 -0.0103 0.0030  17  PRO C CA  
499 C  C   . PRO C 17 ? 0.0287 0.0324 0.0194 -0.0013 -0.0011 0.0010  17  PRO C C   
500 O  O   . PRO C 17 ? 0.0296 0.0351 0.0279 -0.0005 -0.0045 0.0007  17  PRO C O   
501 C  CB  . PRO C 17 ? 0.0728 0.0489 0.0273 0.0033  -0.0088 0.0078  17  PRO C CB  
502 C  CG  . PRO C 17 ? 0.0658 0.0587 0.0401 -0.0073 0.0008  0.0036  17  PRO C CG  
503 C  CD  . PRO C 17 ? 0.0455 0.0366 0.0395 -0.0044 0.0032  0.0062  17  PRO C CD  
504 N  N   . HYP C 18 ? 0.0270 0.0311 0.0194 0.0007  -0.0035 -0.0010 18  HYP C N   
505 C  CA  . HYP C 18 ? 0.0357 0.0289 0.0254 -0.0010 0.0033  0.0014  18  HYP C CA  
506 C  C   . HYP C 18 ? 0.0351 0.0296 0.0205 -0.0023 0.0022  0.0019  18  HYP C C   
507 O  O   . HYP C 18 ? 0.0460 0.0359 0.0206 0.0006  0.0101  0.0038  18  HYP C O   
508 C  CB  . HYP C 18 ? 0.0390 0.0310 0.0287 -0.0042 0.0031  0.0006  18  HYP C CB  
509 C  CG  . HYP C 18 ? 0.0352 0.0401 0.0220 -0.0028 -0.0009 0.0003  18  HYP C CG  
510 C  CD  . HYP C 18 ? 0.0245 0.0390 0.0258 0.0040  0.0004  0.0023  18  HYP C CD  
511 O  OD1 . HYP C 18 ? 0.0312 0.0463 0.0254 -0.0065 0.0067  -0.0001 18  HYP C OD1 
512 N  N   . GLY C 19 ? 0.0328 0.0296 0.0300 0.0005  0.0047  -0.0009 19  GLY C N   
513 C  CA  . GLY C 19 ? 0.0261 0.0321 0.0382 0.0013  0.0018  -0.0027 19  GLY C CA  
514 C  C   . GLY C 19 ? 0.0217 0.0284 0.0323 0.0012  0.0003  0.0025  19  GLY C C   
515 O  O   . GLY C 19 ? 0.0257 0.0313 0.0375 -0.0050 0.0009  0.0030  19  GLY C O   
516 N  N   . PRO C 20 ? 0.0311 0.0326 0.0282 -0.0029 0.0094  0.0007  20  PRO C N   
517 C  CA  . PRO C 20 ? 0.0346 0.0392 0.0262 -0.0044 0.0039  -0.0002 20  PRO C CA  
518 C  C   . PRO C 20 ? 0.0222 0.0365 0.0266 0.0006  0.0106  -0.0023 20  PRO C C   
519 O  O   . PRO C 20 ? 0.0375 0.0372 0.0346 0.0005  0.0032  0.0021  20  PRO C O   
520 C  CB  . PRO C 20 ? 0.0395 0.0477 0.0413 0.0014  0.0125  0.0045  20  PRO C CB  
521 C  CG  . PRO C 20 ? 0.0300 0.0442 0.0477 0.0060  0.0144  0.0043  20  PRO C CG  
522 C  CD  . PRO C 20 ? 0.0292 0.0390 0.0405 -0.0013 0.0066  0.0023  20  PRO C CD  
523 N  N   . HYP C 21 ? 0.0332 0.0321 0.0315 -0.0027 0.0059  -0.0003 21  HYP C N   
524 C  CA  . HYP C 21 ? 0.0322 0.0335 0.0391 -0.0064 0.0077  -0.0050 21  HYP C CA  
525 C  C   . HYP C 21 ? 0.0327 0.0349 0.0343 -0.0057 0.0090  -0.0024 21  HYP C C   
526 O  O   . HYP C 21 ? 0.0453 0.0363 0.0440 -0.0091 0.0196  -0.0035 21  HYP C O   
527 C  CB  . HYP C 21 ? 0.0339 0.0577 0.0471 -0.0040 0.0009  -0.0092 21  HYP C CB  
528 C  CG  . HYP C 21 ? 0.0486 0.0554 0.0444 -0.0103 -0.0019 -0.0022 21  HYP C CG  
529 C  CD  . HYP C 21 ? 0.0536 0.0447 0.0364 -0.0103 -0.0015 0.0085  21  HYP C CD  
530 O  OD1 . HYP C 21 ? 0.0434 0.0504 0.0576 -0.0092 -0.0048 0.0044  21  HYP C OD1 
531 N  N   . GLY C 22 ? 0.0316 0.0339 0.0420 -0.0069 0.0096  0.0016  22  GLY C N   
532 C  CA  . GLY C 22 ? 0.0335 0.0349 0.0404 -0.0065 0.0055  0.0055  22  GLY C CA  
533 C  C   . GLY C 22 ? 0.0259 0.0311 0.0391 -0.0049 0.0074  0.0084  22  GLY C C   
534 O  O   . GLY C 22 ? 0.0281 0.0382 0.0375 -0.0018 0.0060  0.0054  22  GLY C O   
535 N  N   . PRO C 23 ? 0.0309 0.0394 0.0403 0.0009  0.0030  0.0003  23  PRO C N   
536 C  CA  . PRO C 23 ? 0.0369 0.0367 0.0419 -0.0020 0.0117  -0.0006 23  PRO C CA  
537 C  C   . PRO C 23 ? 0.0283 0.0333 0.0394 0.0015  0.0040  0.0013  23  PRO C C   
538 O  O   . PRO C 23 ? 0.0355 0.0364 0.0402 0.0055  0.0048  0.0043  23  PRO C O   
539 C  CB  . PRO C 23 ? 0.0351 0.0410 0.0579 -0.0031 0.0108  0.0027  23  PRO C CB  
540 C  CG  . PRO C 23 ? 0.0317 0.0498 0.0661 0.0009  -0.0034 0.0010  23  PRO C CG  
541 C  CD  . PRO C 23 ? 0.0378 0.0458 0.0491 -0.0033 -0.0050 0.0014  23  PRO C CD  
542 N  N   . HYP C 24 ? 0.0375 0.0375 0.0404 -0.0044 0.0105  -0.0004 24  HYP C N   
543 C  CA  . HYP C 24 ? 0.0392 0.0331 0.0552 0.0013  0.0018  -0.0018 24  HYP C CA  
544 C  C   . HYP C 24 ? 0.0285 0.0384 0.0608 0.0040  0.0017  -0.0014 24  HYP C C   
545 O  O   . HYP C 24 ? 0.0289 0.0442 0.0826 0.0041  -0.0013 0.0061  24  HYP C O   
546 C  CB  . HYP C 24 ? 0.0477 0.0446 0.0618 0.0016  0.0001  -0.0110 24  HYP C CB  
547 C  CG  . HYP C 24 ? 0.0457 0.0545 0.0519 -0.0039 0.0050  -0.0048 24  HYP C CG  
548 C  CD  . HYP C 24 ? 0.0493 0.0574 0.0417 -0.0113 0.0165  -0.0030 24  HYP C CD  
549 O  OD1 . HYP C 24 ? 0.0540 0.0466 0.0538 0.0068  0.0074  0.0022  24  HYP C OD1 
550 N  N   . GLY C 25 ? 0.0347 0.0351 0.0616 0.0043  0.0007  0.0009  25  GLY C N   
551 C  CA  . GLY C 25 ? 0.0381 0.0399 0.0735 0.0029  0.0054  0.0090  25  GLY C CA  
552 C  C   . GLY C 25 ? 0.0382 0.0412 0.0803 0.0096  -0.0038 0.0010  25  GLY C C   
553 O  O   . GLY C 25 ? 0.0536 0.0462 0.0753 0.0060  0.0004  -0.0039 25  GLY C O   
554 N  N   . PRO C 26 ? 0.0584 0.0399 0.1057 0.0151  -0.0002 0.0054  26  PRO C N   
555 C  CA  . PRO C 26 ? 0.0676 0.0460 0.1315 0.0272  -0.0009 -0.0028 26  PRO C CA  
556 C  C   . PRO C 26 ? 0.0694 0.0509 0.1238 0.0256  -0.0049 0.0019  26  PRO C C   
557 O  O   . PRO C 26 ? 0.0774 0.0652 0.1396 0.0152  0.0021  -0.0246 26  PRO C O   
558 C  CB  . PRO C 26 ? 0.0925 0.0686 0.1398 0.0449  -0.0051 0.0040  26  PRO C CB  
559 C  CG  . PRO C 26 ? 0.1135 0.0792 0.1564 0.0339  0.0174  0.0288  26  PRO C CG  
560 C  CD  . PRO C 26 ? 0.0700 0.0601 0.1129 0.0078  -0.0136 0.0163  26  PRO C CD  
561 N  N   . HYP C 27 ? 0.0786 0.0516 0.1044 0.0007  -0.0081 0.0122  27  HYP C N   
562 C  CA  . HYP C 27 ? 0.0868 0.0574 0.0977 0.0003  -0.0149 0.0126  27  HYP C CA  
563 C  C   . HYP C 27 ? 0.0953 0.0516 0.0935 0.0144  -0.0176 0.0152  27  HYP C C   
564 O  O   . HYP C 27 ? 0.1263 0.0796 0.1236 -0.0110 -0.0382 0.0179  27  HYP C O   
565 C  CB  . HYP C 27 ? 0.1125 0.0976 0.0999 0.0033  -0.0040 0.0285  27  HYP C CB  
566 C  CG  . HYP C 27 ? 0.1387 0.1342 0.1068 -0.0207 -0.0038 0.0292  27  HYP C CG  
567 C  CD  . HYP C 27 ? 0.0893 0.1219 0.1067 -0.0224 -0.0039 0.0173  27  HYP C CD  
568 O  OD1 . HYP C 27 ? 0.2530 0.1135 0.1639 -0.0417 -0.0134 0.0291  27  HYP C OD1 
569 O  OXT . HYP C 27 ? 0.0971 0.0384 0.0718 0.0123  -0.0069 0.0034  27  HYP C OXT 
570 ZN ZN  . ZN  D .  ? 0.0700 0.0353 0.0780 0.0168  -0.0146 -0.0023 101 ZN  A ZN  
571 C  C   . ACT E .  ? 0.0895 0.0465 0.0649 0.0066  -0.0221 0.0042  101 ACT B C   
572 O  O   . ACT E .  ? 0.0913 0.0662 0.0826 0.0194  -0.0286 -0.0080 101 ACT B O   
573 O  OXT . ACT E .  ? 0.0688 0.0713 0.0642 -0.0146 -0.0190 -0.0018 101 ACT B OXT 
574 C  CH3 . ACT E .  ? 0.1023 0.0631 0.0692 0.0158  -0.0322 -0.0078 101 ACT B CH3 
575 ZN ZN  . ZN  F .  ? 0.0567 0.0304 0.0539 0.0080  -0.0175 -0.0009 102 ZN  B ZN  
576 O  O   . HOH G .  ? 0.0878 0.2144 0.2511 -0.0181 0.0575  -0.0683 201 HOH A O   
577 O  O   . HOH G .  ? 0.1612 0.2290 0.1465 -0.0210 -0.0450 0.0575  202 HOH A O   
578 O  O   . HOH G .  ? 0.1097 0.1245 0.1426 0.0033  -0.0202 0.0110  203 HOH A O   
579 O  O   . HOH G .  ? 0.2341 0.0935 0.0592 -0.0596 0.0251  -0.0016 204 HOH A O   
580 O  O   . HOH G .  ? 0.2178 0.1690 0.1066 0.0090  0.0305  0.0298  205 HOH A O   
581 O  O   . HOH G .  ? 0.0420 0.0469 0.0682 -0.0075 0.0129  -0.0174 206 HOH A O   
582 O  O   . HOH G .  ? 0.2114 0.0668 0.1596 -0.0101 0.0296  -0.0166 207 HOH A O   
583 O  O   . HOH G .  ? 0.0831 0.1165 0.4827 -0.0313 -0.1047 0.1254  208 HOH A O   
584 O  O   . HOH G .  ? 0.0580 0.0715 0.0316 -0.0112 -0.0044 -0.0036 209 HOH A O   
585 O  O   . HOH G .  ? 0.0788 0.0984 0.1350 -0.0270 0.0372  -0.0169 210 HOH A O   
586 O  O   . HOH G .  ? 0.0782 0.0503 0.0659 -0.0147 0.0157  -0.0031 211 HOH A O   
587 O  O   . HOH G .  ? 0.2226 0.2040 0.1344 0.0244  0.0506  0.1019  212 HOH A O   
588 O  O   . HOH G .  ? 0.0402 0.0404 0.2137 0.0007  0.0339  -0.0089 213 HOH A O   
589 O  O   . HOH G .  ? 0.0594 0.0492 0.0557 0.0028  0.0107  0.0094  214 HOH A O   
590 O  O   . HOH G .  ? 0.0804 0.0538 0.0935 0.0107  0.0321  0.0292  215 HOH A O   
591 O  O   . HOH G .  ? 0.1273 0.1227 0.1745 0.0014  0.0001  0.0461  216 HOH A O   
592 O  O   . HOH G .  ? 0.3480 0.0989 0.0651 0.0675  0.0089  0.0060  217 HOH A O   
593 O  O   . HOH G .  ? 0.0892 0.0621 0.0678 -0.0107 0.0006  0.0015  218 HOH A O   
594 O  O   . HOH G .  ? 0.1168 0.2071 0.1336 -0.0134 -0.0048 -0.0303 219 HOH A O   
595 O  O   . HOH G .  ? 0.0623 0.0948 0.2229 0.0211  -0.0297 -0.0169 220 HOH A O   
596 O  O   . HOH G .  ? 0.0669 0.0877 0.0647 0.0009  0.0197  0.0033  221 HOH A O   
597 O  O   . HOH G .  ? 0.1834 0.4231 0.3419 -0.1068 0.1012  -0.1701 222 HOH A O   
598 O  O   . HOH G .  ? 0.1873 0.1867 0.3463 0.0266  -0.1323 -0.0823 223 HOH A O   
599 O  O   . HOH G .  ? 0.0728 0.0560 0.0476 -0.0158 0.0169  0.0092  224 HOH A O   
600 O  O   . HOH G .  ? 0.1095 0.1477 0.0971 -0.0133 -0.0219 0.0274  225 HOH A O   
601 O  O   . HOH G .  ? 0.0842 0.1397 0.0680 0.0506  0.0217  0.0379  226 HOH A O   
602 O  O   . HOH G .  ? 0.1295 0.1544 0.1382 -0.0741 0.0526  -0.0929 227 HOH A O   
603 O  O   . HOH G .  ? 0.0675 0.1310 0.0625 -0.0263 0.0057  -0.0100 228 HOH A O   
604 O  O   . HOH G .  ? 0.5323 0.1349 0.3211 -0.0937 -0.3012 0.0632  229 HOH A O   
605 O  O   . HOH G .  ? 0.1237 0.1607 0.0676 0.0061  0.0077  0.0490  230 HOH A O   
606 O  O   . HOH G .  ? 0.0494 0.1776 0.0965 -0.0147 -0.0138 -0.0126 231 HOH A O   
607 O  O   . HOH G .  ? 0.1111 0.1148 0.0907 -0.0070 0.0165  -0.0071 232 HOH A O   
608 O  O   . HOH G .  ? 0.0862 0.0637 0.0731 -0.0101 0.0150  0.0023  233 HOH A O   
609 O  O   . HOH G .  ? 0.0631 0.0433 0.0549 0.0059  -0.0199 0.0026  234 HOH A O   
610 O  O   . HOH G .  ? 0.0491 0.0569 0.0473 0.0129  -0.0075 -0.0074 235 HOH A O   
611 O  O   . HOH G .  ? 0.0611 0.1335 0.1895 0.0240  -0.0172 -0.0710 236 HOH A O   
612 O  O   . HOH G .  ? 0.2477 0.1328 0.2600 -0.0078 -0.0526 -0.0356 237 HOH A O   
613 O  O   . HOH G .  ? 0.0896 0.0991 0.1971 -0.0141 0.0332  0.0003  238 HOH A O   
614 O  O   . HOH G .  ? 0.0838 0.2415 0.1545 0.0046  0.0007  -0.0012 239 HOH A O   
615 O  O   . HOH G .  ? 0.0750 0.0943 0.1222 0.0155  -0.0025 -0.0125 240 HOH A O   
616 O  O   . HOH G .  ? 0.2473 0.2805 0.1498 -0.1287 -0.0522 0.0126  241 HOH A O   
617 O  O   . HOH G .  ? 0.0793 0.0594 0.0791 0.0152  -0.0024 0.0028  242 HOH A O   
618 O  O   . HOH G .  ? 0.2884 0.2343 0.4317 -0.0374 -0.2343 0.1356  243 HOH A O   
619 O  O   . HOH G .  ? 0.0875 0.0907 0.1007 0.0236  -0.0137 -0.0056 244 HOH A O   
620 O  O   . HOH G .  ? 0.1346 0.1112 0.0824 -0.0048 -0.0078 0.0069  245 HOH A O   
621 O  O   . HOH G .  ? 0.0589 0.0883 0.0661 -0.0070 -0.0140 0.0086  246 HOH A O   
622 O  O   . HOH G .  ? 0.2780 0.0919 0.1504 0.0312  -0.0264 0.0174  247 HOH A O   
623 O  O   . HOH G .  ? 0.2051 0.1248 0.0809 -0.0868 -0.0508 0.0488  248 HOH A O   
624 O  O   . HOH G .  ? 0.3418 0.1154 0.1803 -0.0298 -0.1195 0.0470  249 HOH A O   
625 O  O   . HOH G .  ? 0.1466 0.1034 0.1992 -0.0679 0.0852  -0.0527 250 HOH A O   
626 O  O   . HOH G .  ? 0.1843 0.1142 0.1039 0.0156  -0.0216 -0.0034 251 HOH A O   
627 O  O   . HOH G .  ? 0.0877 0.1728 0.0909 0.0084  -0.0392 -0.0309 252 HOH A O   
628 O  O   . HOH G .  ? 0.1781 0.1907 0.1390 -0.0791 0.0267  -0.0556 253 HOH A O   
629 O  O   . HOH G .  ? 0.1164 0.1748 0.1702 0.0395  -0.0717 -0.0842 254 HOH A O   
630 O  O   . HOH G .  ? 0.1158 0.0678 0.1086 -0.0211 0.0334  -0.0069 255 HOH A O   
631 O  O   . HOH G .  ? 0.2347 0.2006 0.1463 -0.1454 0.0823  -0.0770 256 HOH A O   
632 O  O   . HOH G .  ? 0.1605 0.2496 0.1664 -0.1323 0.0636  -0.0896 257 HOH A O   
633 O  O   . HOH G .  ? 0.2961 0.4742 0.3835 0.1144  -0.1720 -0.2489 258 HOH A O   
634 O  O   . HOH G .  ? 0.0699 0.0943 0.1007 -0.0286 -0.0003 -0.0111 259 HOH A O   
635 O  O   . HOH G .  ? 0.0575 0.0635 0.0578 -0.0027 -0.0110 0.0077  260 HOH A O   
636 O  O   . HOH G .  ? 0.2149 0.2313 0.1897 0.1057  -0.1022 -0.0454 261 HOH A O   
637 O  O   . HOH G .  ? 0.3055 0.4202 0.5199 -0.0707 0.1739  -0.2981 262 HOH A O   
638 O  O   . HOH G .  ? 0.1455 0.2079 0.2088 0.0036  -0.0112 -0.0799 263 HOH A O   
639 O  O   . HOH G .  ? 0.1351 0.1098 0.1088 0.0554  0.0585  0.0606  264 HOH A O   
640 O  O   . HOH G .  ? 0.0930 0.2244 0.0710 -0.0636 -0.0206 0.0593  265 HOH A O   
641 O  O   . HOH G .  ? 0.0672 0.0874 0.2076 -0.0080 -0.0270 0.0653  266 HOH A O   
642 O  O   . HOH H .  ? 0.1791 0.2056 0.4041 0.0201  -0.0119 -0.0189 201 HOH B O   
643 O  O   . HOH H .  ? 0.2194 0.3990 0.2288 0.0114  0.0600  -0.1054 202 HOH B O   
644 O  O   . HOH H .  ? 0.1330 0.0721 0.2445 -0.0172 -0.0698 0.0333  203 HOH B O   
645 O  O   . HOH H .  ? 0.1870 0.3749 0.4494 0.1712  -0.0863 -0.0878 204 HOH B O   
646 O  O   . HOH H .  ? 0.0817 0.0855 0.1683 0.0015  -0.0108 0.0019  205 HOH B O   
647 O  O   . HOH H .  ? 0.1254 0.1633 0.2490 -0.0080 -0.1027 0.0532  206 HOH B O   
648 O  O   . HOH H .  ? 0.0526 0.1172 0.2233 -0.0162 0.0175  0.0427  207 HOH B O   
649 O  O   . HOH H .  ? 0.0536 0.0819 0.0429 -0.0100 0.0093  -0.0134 208 HOH B O   
650 O  O   . HOH H .  ? 0.0536 0.0528 0.0359 -0.0068 -0.0064 0.0095  209 HOH B O   
651 O  O   . HOH H .  ? 0.0587 0.1163 0.1008 -0.0206 -0.0361 0.0120  210 HOH B O   
652 O  O   . HOH H .  ? 0.2201 0.1480 0.1239 0.0235  -0.0279 -0.0200 211 HOH B O   
653 O  O   . HOH H .  ? 0.0523 0.0651 0.0538 -0.0015 0.0084  0.0143  212 HOH B O   
654 O  O   . HOH H .  ? 0.0835 0.0752 0.0460 -0.0102 0.0036  -0.0055 213 HOH B O   
655 O  O   . HOH H .  ? 0.1441 0.1618 0.0821 -0.0364 -0.0045 0.0098  214 HOH B O   
656 O  O   . HOH H .  ? 0.1148 0.1610 0.0958 0.0224  0.0140  -0.0090 215 HOH B O   
657 O  O   . HOH H .  ? 0.1236 0.1905 0.1015 0.0762  -0.0113 -0.0363 216 HOH B O   
658 O  O   . HOH H .  ? 0.3159 0.1153 0.0469 -0.1387 0.0295  0.0020  217 HOH B O   
659 O  O   . HOH H .  ? 0.0639 0.0675 0.0549 -0.0078 0.0054  0.0000  218 HOH B O   
660 O  O   . HOH H .  ? 0.2197 0.2282 0.0939 0.0380  0.0291  0.0490  219 HOH B O   
661 O  O   . HOH H .  ? 0.0536 0.0746 0.1416 0.0132  -0.0298 -0.0121 220 HOH B O   
662 O  O   . HOH H .  ? 0.0896 0.0835 0.1091 0.0066  0.0184  0.0106  221 HOH B O   
663 O  O   . HOH H .  ? 0.0667 0.0571 0.0549 -0.0188 0.0128  0.0049  222 HOH B O   
664 O  O   . HOH H .  ? 0.2106 0.2520 0.0644 -0.0604 -0.0144 0.0107  223 HOH B O   
665 O  O   . HOH H .  ? 0.1621 0.1838 0.1021 0.0891  -0.0809 -0.0592 224 HOH B O   
666 O  O   . HOH H .  ? 0.1627 0.2633 0.1125 0.1213  0.0491  0.0869  225 HOH B O   
667 O  O   . HOH H .  ? 0.0987 0.4345 0.0925 0.0295  -0.0287 0.0300  226 HOH B O   
668 O  O   . HOH H .  ? 0.0692 0.1240 0.1121 0.0003  -0.0409 -0.0151 227 HOH B O   
669 O  O   . HOH H .  ? 0.0769 0.1235 0.1099 0.0017  -0.0235 -0.0030 228 HOH B O   
670 O  O   . HOH H .  ? 0.1548 0.1140 0.1616 -0.0092 -0.0299 -0.0261 229 HOH B O   
671 O  O   . HOH H .  ? 0.1160 0.0557 0.0438 0.0204  -0.0035 0.0008  230 HOH B O   
672 O  O   . HOH H .  ? 0.0840 0.1884 0.1570 -0.0028 0.0276  -0.0326 231 HOH B O   
673 O  O   . HOH H .  ? 0.1063 0.0786 0.0748 -0.0174 0.0169  -0.0169 232 HOH B O   
674 O  O   . HOH H .  ? 0.1954 0.1977 0.2343 0.0609  0.0936  -0.0034 233 HOH B O   
675 O  O   . HOH H .  ? 0.1531 0.3552 0.2663 -0.0243 0.0190  0.0223  234 HOH B O   
676 O  O   . HOH H .  ? 0.0424 0.0660 0.0721 -0.0006 -0.0093 0.0100  235 HOH B O   
677 O  O   . HOH H .  ? 0.2023 0.1820 0.1237 0.0669  0.0279  0.0185  236 HOH B O   
678 O  O   . HOH H .  ? 0.0996 0.1651 0.2598 -0.0265 -0.0025 -0.0620 237 HOH B O   
679 O  O   . HOH H .  ? 0.0744 0.0750 0.1418 0.0089  0.0220  -0.0094 238 HOH B O   
680 O  O   . HOH H .  ? 0.0712 0.0578 0.1148 0.0259  -0.0170 -0.0075 239 HOH B O   
681 O  O   . HOH H .  ? 0.0920 0.1323 0.1347 0.0069  0.0061  -0.0397 240 HOH B O   
682 O  O   . HOH H .  ? 0.2878 0.2381 0.1576 0.1853  0.0124  -0.0330 241 HOH B O   
683 O  O   . HOH H .  ? 0.1313 0.0701 0.1668 -0.0089 0.0192  0.0173  242 HOH B O   
684 O  O   . HOH H .  ? 0.2293 0.3638 0.2588 -0.1067 -0.1616 0.1860  243 HOH B O   
685 O  O   . HOH H .  ? 0.1546 0.2277 0.0930 -0.0351 -0.0076 -0.0111 244 HOH B O   
686 O  O   . HOH H .  ? 0.0937 0.1189 0.0934 0.0018  0.0037  -0.0292 245 HOH B O   
687 O  O   . HOH H .  ? 0.2323 0.1968 0.3273 0.1084  -0.0259 0.0838  246 HOH B O   
688 O  O   . HOH H .  ? 0.3086 0.2642 0.2163 0.1485  0.0566  0.0716  247 HOH B O   
689 O  O   . HOH H .  ? 0.3343 0.2598 0.2206 0.0937  0.0528  0.1094  248 HOH B O   
690 O  O   . HOH H .  ? 0.1327 0.1586 0.2470 -0.0382 0.0374  -0.0072 249 HOH B O   
691 O  O   . HOH H .  ? 0.0934 0.1161 0.0998 0.0043  -0.0102 0.0037  250 HOH B O   
692 O  O   . HOH H .  ? 0.0633 0.1403 0.1178 0.0180  -0.0052 0.0467  251 HOH B O   
693 O  O   . HOH H .  ? 0.1966 0.1993 0.3097 -0.0666 -0.1414 0.1223  252 HOH B O   
694 O  O   . HOH H .  ? 0.2797 0.3037 0.2183 -0.0983 -0.1548 0.0466  253 HOH B O   
695 O  O   . HOH H .  ? 0.0696 0.2279 0.1098 -0.0180 -0.0023 -0.0677 254 HOH B O   
696 O  O   . HOH H .  ? 0.1478 0.1952 0.2346 -0.0358 0.0461  -0.0357 255 HOH B O   
697 O  O   . HOH H .  ? 0.2519 0.2073 0.1758 -0.0240 -0.0254 0.0050  256 HOH B O   
698 O  O   . HOH H .  ? 0.1727 0.2410 0.1407 0.0194  -0.0159 -0.0159 257 HOH B O   
699 O  O   . HOH H .  ? 0.0835 0.1442 0.0951 -0.0104 0.0146  0.0057  258 HOH B O   
700 O  O   . HOH H .  ? 0.0521 0.0753 0.0904 0.0149  -0.0072 0.0008  259 HOH B O   
701 O  O   . HOH H .  ? 0.0844 0.0922 0.1202 -0.0215 0.0151  -0.0315 260 HOH B O   
702 O  O   . HOH H .  ? 0.1016 0.4112 0.1977 -0.0304 0.0145  -0.0167 261 HOH B O   
703 O  O   . HOH H .  ? 0.2734 0.2525 0.1926 -0.0789 0.0761  -0.0190 262 HOH B O   
704 O  O   . HOH H .  ? 0.1193 0.2359 0.1031 0.0285  -0.0248 0.0377  263 HOH B O   
705 O  O   . HOH I .  ? 0.1713 0.3263 0.2444 -0.0722 0.0275  0.0816  101 HOH C O   
706 O  O   . HOH I .  ? 0.2559 0.0819 0.0993 -0.0036 0.0066  0.0111  102 HOH C O   
707 O  O   . HOH I .  ? 0.1014 0.0906 0.1046 0.0077  0.0030  -0.0028 103 HOH C O   
708 O  O   . HOH I .  ? 0.0795 0.1705 0.0885 -0.0043 0.0255  -0.0411 104 HOH C O   
709 O  O   . HOH I .  ? 0.0592 0.0666 0.0720 0.0167  -0.0314 -0.0135 105 HOH C O   
710 O  O   . HOH I .  ? 0.2782 0.2117 0.5217 0.0293  0.2675  0.0998  106 HOH C O   
711 O  O   . HOH I .  ? 0.0607 0.0719 0.0853 -0.0183 0.0025  -0.0066 107 HOH C O   
712 O  O   . HOH I .  ? 0.0452 0.0493 0.0732 -0.0050 -0.0036 0.0024  108 HOH C O   
713 O  O   . HOH I .  ? 0.0823 0.1192 0.2686 0.0114  0.0468  -0.0303 109 HOH C O   
714 O  O   . HOH I .  ? 0.0702 0.2058 0.0704 -0.0050 -0.0050 -0.0361 110 HOH C O   
715 O  O   . HOH I .  ? 0.3618 0.1008 0.0865 0.0213  0.0836  -0.0065 111 HOH C O   
716 O  O   . HOH I .  ? 0.1047 0.3187 0.3977 -0.0088 -0.0744 0.1511  112 HOH C O   
717 O  O   . HOH I .  ? 0.2581 0.1673 0.1305 0.0008  0.1016  0.0361  113 HOH C O   
718 O  O   . HOH I .  ? 0.1065 0.1211 0.0933 0.0171  0.0095  -0.0157 114 HOH C O   
719 O  O   . HOH I .  ? 0.1635 0.0856 0.0469 -0.0087 -0.0416 -0.0053 115 HOH C O   
720 O  O   . HOH I .  ? 0.0662 0.0510 0.0279 -0.0048 0.0155  0.0029  116 HOH C O   
721 O  O   . HOH I .  ? 0.0330 0.0538 0.0367 -0.0012 0.0099  -0.0072 117 HOH C O   
722 O  O   . HOH I .  ? 0.0332 0.0815 0.1376 -0.0120 0.0248  -0.0275 118 HOH C O   
723 O  O   . HOH I .  ? 0.0563 0.0419 0.0473 -0.0093 0.0104  0.0084  119 HOH C O   
724 O  O   . HOH I .  ? 0.0422 0.1036 0.1368 -0.0034 0.0250  -0.0180 120 HOH C O   
725 O  O   . HOH I .  ? 0.0473 0.0960 0.0352 -0.0026 -0.0081 0.0045  121 HOH C O   
726 O  O   . HOH I .  ? 0.0612 0.0494 0.0472 0.0035  0.0086  0.0086  122 HOH C O   
727 O  O   . HOH I .  ? 0.0533 0.0769 0.0536 -0.0041 0.0059  0.0047  123 HOH C O   
728 O  O   . HOH I .  ? 0.0500 0.0573 0.0467 0.0012  -0.0092 -0.0019 124 HOH C O   
729 O  O   . HOH I .  ? 0.0564 0.1077 0.1211 0.0227  0.0059  -0.0129 125 HOH C O   
730 O  O   . HOH I .  ? 0.0666 0.0464 0.0356 -0.0041 0.0195  0.0014  126 HOH C O   
731 O  O   . HOH I .  ? 0.1991 0.1433 0.1575 -0.0152 0.0113  -0.0128 127 HOH C O   
732 O  O   . HOH I .  ? 0.1931 0.1181 0.0731 -0.0042 0.0310  0.0179  128 HOH C O   
733 O  O   . HOH I .  ? 0.0762 0.1576 0.0533 0.0385  -0.0219 -0.0154 129 HOH C O   
734 O  O   . HOH I .  ? 0.1693 0.0760 0.0957 -0.0444 0.0697  -0.0093 130 HOH C O   
735 O  O   . HOH I .  ? 0.0560 0.0483 0.0444 0.0004  -0.0007 0.0122  131 HOH C O   
736 O  O   . HOH I .  ? 0.0522 0.1533 0.1194 -0.0132 0.0286  -0.0624 132 HOH C O   
737 O  O   . HOH I .  ? 0.0514 0.1307 0.0619 0.0214  -0.0088 0.0138  133 HOH C O   
738 O  O   . HOH I .  ? 0.0659 0.0904 0.0870 0.0012  -0.0159 -0.0104 134 HOH C O   
739 O  O   . HOH I .  ? 0.2260 0.2645 0.2757 0.0529  -0.1004 0.0304  135 HOH C O   
740 O  O   . HOH I .  ? 0.0980 0.1000 0.1097 0.0122  0.0028  0.0111  136 HOH C O   
741 O  O   . HOH I .  ? 0.0502 0.0812 0.0634 0.0052  -0.0033 0.0213  137 HOH C O   
742 O  O   . HOH I .  ? 0.1021 0.1213 0.1444 0.0123  0.0248  -0.0172 138 HOH C O   
743 O  O   . HOH I .  ? 0.0817 0.1034 0.1330 0.0031  0.0109  0.0022  139 HOH C O   
744 O  O   . HOH I .  ? 0.0948 0.1124 0.1331 0.0168  0.0130  -0.0221 140 HOH C O   
745 O  O   . HOH I .  ? 0.1662 0.1770 0.1200 -0.0118 -0.0037 -0.0085 141 HOH C O   
746 O  O   . HOH I .  ? 0.0688 0.0606 0.0712 0.0058  -0.0123 0.0015  142 HOH C O   
747 O  O   . HOH I .  ? 0.1967 0.3888 0.2472 0.1267  -0.0787 -0.1113 143 HOH C O   
748 O  O   . HOH I .  ? 0.0622 0.0638 0.0724 -0.0026 -0.0020 -0.0140 144 HOH C O   
749 O  O   . HOH I .  ? 0.1326 0.2123 0.0732 0.0190  -0.0225 -0.0068 145 HOH C O   
750 O  O   . HOH I .  ? 0.0716 0.1290 0.0713 0.0178  -0.0061 0.0452  146 HOH C O   
751 O  O   . HOH I .  ? 0.0647 0.0632 0.0532 -0.0067 0.0057  0.0019  147 HOH C O   
752 O  O   . HOH I .  ? 0.4530 0.1349 0.2461 0.1105  -0.1837 -0.0764 148 HOH C O   
753 O  O   . HOH I .  ? 0.0928 0.0848 0.1129 0.0272  -0.0097 -0.0058 149 HOH C O   
754 O  O   . HOH I .  ? 0.0689 0.1250 0.1125 0.0249  0.0184  0.0084  150 HOH C O   
755 O  O   . HOH I .  ? 0.1081 0.1302 0.1083 0.0049  0.0426  -0.0202 151 HOH C O   
756 O  O   . HOH I .  ? 0.0687 0.1150 0.1863 -0.0088 0.0120  -0.0506 152 HOH C O   
757 O  O   . HOH I .  ? 0.1086 0.0788 0.2006 0.0081  -0.0776 -0.0335 153 HOH C O   
758 O  O   . HOH I .  ? 0.0535 0.0513 0.0582 0.0003  0.0079  -0.0020 154 HOH C O   
759 O  O   . HOH I .  ? 0.1041 0.1106 0.1137 -0.0052 -0.0126 0.0169  155 HOH C O   
760 O  O   . HOH I .  ? 0.0741 0.0672 0.0640 -0.0047 0.0034  0.0060  156 HOH C O   
761 O  O   . HOH I .  ? 0.1721 0.2528 0.2876 0.0300  0.0678  -0.0202 157 HOH C O   
762 O  O   . HOH I .  ? 0.1202 0.0658 0.0688 0.0395  -0.0563 -0.0251 158 HOH C O   
763 O  O   . HOH I .  ? 0.1029 0.1606 0.1512 0.0213  -0.0612 0.0076  159 HOH C O   
764 O  O   . HOH I .  ? 0.2214 0.1238 0.0953 -0.0265 0.0514  0.0066  160 HOH C O   
# 
